data_7BYX
#
_entry.id   7BYX
#
_cell.length_a   156.737
_cell.length_b   156.737
_cell.length_c   147.713
_cell.angle_alpha   90.000
_cell.angle_beta   90.000
_cell.angle_gamma   120.000
#
_symmetry.space_group_name_H-M   'P 32 2 1'
#
loop_
_entity.id
_entity.type
_entity.pdbx_description
1 polymer 'Galactan 1,3-beta-galactosidase'
2 branched alpha-D-mannopyranose-(1-4)-2-acetamido-2-deoxy-beta-D-glucopyranose-(1-4)-2-acetamido-2-deoxy-beta-D-glucopyranose
3 branched beta-D-galactopyranose-(1-3)-beta-D-galactopyranose-(1-3)-beta-D-galactopyranose
4 branched 2-acetamido-2-deoxy-alpha-D-glucopyranose-(1-4)-2-acetamido-2-deoxy-beta-D-glucopyranose
5 branched 2-acetamido-2-deoxy-beta-D-glucopyranose-(1-4)-2-acetamido-2-deoxy-beta-D-glucopyranose
6 branched beta-D-mannopyranose-(1-4)-2-acetamido-2-deoxy-beta-D-glucopyranose-(1-4)-2-acetamido-2-deoxy-beta-D-glucopyranose
7 non-polymer 'CALCIUM ION'
8 non-polymer 'ACETATE ION'
9 non-polymer GLYCEROL
10 non-polymer 2-acetamido-2-deoxy-beta-D-glucopyranose
11 water water
#
_entity_poly.entity_id   1
_entity_poly.type   'polypeptide(L)'
_entity_poly.pdbx_seq_one_letter_code
;NQIVSGAAWTDTAGNTIQAHGAGILQVGSTFYWFGEDKSHNSALFKAVSCYTSSDLVNWSRQNDALSPIAGTMISTSNVV
ERPKVIFNQKNSEYVMWFHSDSSNYGAAMVGVATAKTPCGPYTYKGSFKPLGADSRDESIFQDDDSAQTAYLLYASDNNQ
NFKISRLDANYYNVTAQVSVMNGATLAAPGIVKHNGEYFLIASHTSGWAPNPNKWFSASSLAGPWSAQQDIAPSATRTWY
SQNAFDLPLGSNAIYMGDRWRPSLLGSSRYIWYPLDFSSGAPQIVHADVWSVNVQAGTYSVASGTSYEAENGQRGGSSTI
LSGSGFSGGKAVGYLGHGGTVTINNVQSNGGSHWVALYFANGDSTYRNVTVSVNGGPSVLVDQPDSGGGNVVISVPVKLN
LNSGENSITFGSGQSNYAADLDKIIVY
;
_entity_poly.pdbx_strand_id   A,B,C,D
#
loop_
_chem_comp.id
_chem_comp.type
_chem_comp.name
_chem_comp.formula
ACT non-polymer 'ACETATE ION' 'C2 H3 O2 -1'
BMA D-saccharide, beta linking beta-D-mannopyranose 'C6 H12 O6'
CA non-polymer 'CALCIUM ION' 'Ca 2'
GAL D-saccharide, beta linking beta-D-galactopyranose 'C6 H12 O6'
GOL non-polymer GLYCEROL 'C3 H8 O3'
MAN D-saccharide, alpha linking alpha-D-mannopyranose 'C6 H12 O6'
NAG D-saccharide, beta linking 2-acetamido-2-deoxy-beta-D-glucopyranose 'C8 H15 N O6'
NDG D-saccharide, alpha linking 2-acetamido-2-deoxy-alpha-D-glucopyranose 'C8 H15 N O6'
#
# COMPACT_ATOMS: atom_id res chain seq x y z
N ASN A 1 -9.99 6.36 20.48
CA ASN A 1 -10.79 7.44 19.90
C ASN A 1 -9.97 8.30 18.93
N GLN A 2 -10.37 9.56 18.76
CA GLN A 2 -10.11 10.31 17.54
C GLN A 2 -9.30 11.56 17.84
N ILE A 3 -8.58 12.02 16.83
CA ILE A 3 -7.67 13.15 16.92
C ILE A 3 -8.36 14.32 16.22
N VAL A 4 -8.73 15.31 17.01
CA VAL A 4 -9.56 16.41 16.55
C VAL A 4 -8.75 17.68 16.78
N SER A 5 -8.09 18.14 15.73
CA SER A 5 -7.23 19.31 15.81
C SER A 5 -8.03 20.58 16.06
N GLY A 6 -7.49 21.44 16.90
CA GLY A 6 -8.19 22.65 17.31
C GLY A 6 -9.10 22.48 18.50
N ALA A 7 -9.39 21.24 18.91
CA ALA A 7 -10.27 21.08 20.05
C ALA A 7 -9.50 21.28 21.35
N ALA A 8 -10.24 21.39 22.45
CA ALA A 8 -9.60 21.39 23.75
C ALA A 8 -9.33 19.94 24.11
N TRP A 9 -8.06 19.59 24.32
CA TRP A 9 -7.68 18.22 24.65
C TRP A 9 -7.44 18.10 26.16
N THR A 10 -7.96 17.04 26.75
CA THR A 10 -7.79 16.78 28.18
C THR A 10 -7.09 15.45 28.40
N ASP A 11 -6.35 15.35 29.52
CA ASP A 11 -5.76 14.10 29.94
C ASP A 11 -6.80 13.23 30.67
N THR A 12 -6.39 12.05 31.15
CA THR A 12 -7.35 11.12 31.73
C THR A 12 -7.96 11.63 33.04
N ALA A 13 -7.34 12.62 33.68
CA ALA A 13 -7.91 13.26 34.86
C ALA A 13 -8.92 14.35 34.52
N GLY A 14 -9.07 14.68 33.23
CA GLY A 14 -9.99 15.71 32.79
C GLY A 14 -9.41 17.10 32.70
N ASN A 15 -8.09 17.25 32.86
CA ASN A 15 -7.44 18.55 32.78
C ASN A 15 -6.84 18.79 31.40
N THR A 16 -6.84 20.06 31.00
CA THR A 16 -6.31 20.44 29.70
C THR A 16 -4.86 20.04 29.56
N ILE A 17 -4.52 19.40 28.43
CA ILE A 17 -3.15 18.98 28.19
C ILE A 17 -2.27 20.21 28.01
N GLN A 18 -1.15 20.24 28.73
CA GLN A 18 -0.20 21.36 28.70
C GLN A 18 1.17 20.85 28.24
N ALA A 19 1.33 20.69 26.92
CA ALA A 19 2.53 20.07 26.36
C ALA A 19 2.88 20.70 25.02
N HIS A 20 3.03 22.03 25.01
CA HIS A 20 3.31 22.80 23.81
C HIS A 20 4.78 22.64 23.44
N GLY A 21 5.09 22.82 22.14
CA GLY A 21 6.44 22.59 21.63
C GLY A 21 6.83 21.12 21.73
N ALA A 22 5.94 20.25 21.27
CA ALA A 22 5.95 18.83 21.62
C ALA A 22 7.28 18.12 21.33
N GLY A 23 7.64 17.20 22.22
CA GLY A 23 8.60 16.15 21.91
C GLY A 23 8.07 14.79 22.31
N ILE A 24 8.28 13.79 21.43
CA ILE A 24 7.72 12.46 21.60
C ILE A 24 8.85 11.45 21.78
N LEU A 25 8.58 10.40 22.55
CA LEU A 25 9.54 9.33 22.83
C LEU A 25 8.74 8.06 23.07
N GLN A 26 9.26 6.92 22.60
CA GLN A 26 8.60 5.64 22.85
C GLN A 26 9.55 4.73 23.61
N VAL A 27 9.06 4.11 24.68
CA VAL A 27 9.80 3.07 25.40
C VAL A 27 8.89 1.86 25.52
N GLY A 28 9.29 0.75 24.91
CA GLY A 28 8.46 -0.43 24.94
C GLY A 28 7.18 -0.14 24.19
N SER A 29 6.04 -0.35 24.85
CA SER A 29 4.75 -0.03 24.26
C SER A 29 4.18 1.30 24.75
N THR A 30 4.99 2.14 25.41
CA THR A 30 4.54 3.38 26.05
C THR A 30 5.02 4.58 25.26
N PHE A 31 4.12 5.53 25.00
CA PHE A 31 4.51 6.80 24.37
C PHE A 31 4.59 7.89 25.42
N TYR A 32 5.60 8.74 25.29
CA TYR A 32 5.83 9.86 26.17
C TYR A 32 5.73 11.13 25.35
N TRP A 33 5.01 12.12 25.86
CA TRP A 33 4.87 13.41 25.21
C TRP A 33 5.35 14.49 26.19
N PHE A 34 6.45 15.15 25.85
CA PHE A 34 7.03 16.22 26.64
C PHE A 34 6.63 17.54 26.04
N GLY A 35 6.42 18.54 26.88
CA GLY A 35 6.16 19.86 26.33
C GLY A 35 6.22 20.94 27.37
N GLU A 36 5.95 22.16 26.93
CA GLU A 36 5.96 23.32 27.82
C GLU A 36 4.60 23.42 28.49
N ASP A 37 4.61 23.63 29.81
CA ASP A 37 3.39 23.88 30.58
C ASP A 37 3.10 25.38 30.53
N LYS A 38 2.03 25.76 29.85
CA LYS A 38 1.71 27.18 29.72
C LYS A 38 0.42 27.55 30.44
N SER A 39 0.05 26.78 31.48
CA SER A 39 -1.19 27.05 32.19
C SER A 39 -1.19 28.39 32.92
N HIS A 40 -0.04 29.05 33.06
CA HIS A 40 0.03 30.40 33.60
C HIS A 40 -0.08 31.46 32.52
N ASN A 41 -0.37 31.05 31.29
CA ASN A 41 -0.55 31.99 30.17
C ASN A 41 0.63 32.94 30.02
N SER A 42 1.83 32.39 30.23
CA SER A 42 3.07 33.15 30.11
C SER A 42 4.07 32.39 29.22
N ALA A 43 4.98 33.14 28.61
CA ALA A 43 6.12 32.53 27.91
C ALA A 43 7.23 32.10 28.87
N LEU A 44 7.14 32.41 30.16
CA LEU A 44 8.21 32.09 31.07
C LEU A 44 8.06 30.65 31.58
N PHE A 45 9.14 30.13 32.16
CA PHE A 45 9.25 28.71 32.48
C PHE A 45 8.42 28.36 33.70
N LYS A 46 7.43 27.49 33.50
CA LYS A 46 6.73 26.82 34.59
C LYS A 46 7.16 25.36 34.74
N ALA A 47 7.10 24.57 33.68
CA ALA A 47 7.48 23.17 33.77
C ALA A 47 7.63 22.60 32.37
N VAL A 48 8.48 21.58 32.26
CA VAL A 48 8.40 20.63 31.17
C VAL A 48 7.55 19.48 31.67
N SER A 49 6.40 19.27 31.01
CA SER A 49 5.46 18.27 31.47
C SER A 49 5.76 16.91 30.87
N CYS A 50 5.03 15.90 31.34
CA CYS A 50 5.28 14.52 30.93
C CYS A 50 3.93 13.83 30.90
N TYR A 51 3.47 13.42 29.73
CA TYR A 51 2.25 12.64 29.59
C TYR A 51 2.60 11.29 28.95
N THR A 52 1.90 10.24 29.36
CA THR A 52 2.07 8.94 28.74
C THR A 52 0.76 8.45 28.12
N SER A 53 0.87 7.57 27.13
CA SER A 53 -0.26 6.87 26.56
C SER A 53 0.23 5.56 25.96
N SER A 54 -0.70 4.66 25.69
CA SER A 54 -0.39 3.46 24.93
C SER A 54 -0.80 3.56 23.47
N ASP A 55 -1.44 4.67 23.06
CA ASP A 55 -2.09 4.73 21.76
C ASP A 55 -2.04 6.11 21.10
N LEU A 56 -1.29 7.06 21.66
CA LEU A 56 -1.11 8.42 21.15
C LEU A 56 -2.33 9.29 21.29
N VAL A 57 -3.39 8.85 21.97
CA VAL A 57 -4.59 9.68 21.97
C VAL A 57 -5.16 9.82 23.38
N ASN A 58 -4.91 8.85 24.23
CA ASN A 58 -5.44 8.84 25.60
C ASN A 58 -4.28 9.01 26.60
N TRP A 59 -4.02 10.27 26.97
CA TRP A 59 -2.83 10.67 27.72
C TRP A 59 -3.12 10.83 29.21
N SER A 60 -2.24 10.28 30.04
CA SER A 60 -2.25 10.50 31.48
C SER A 60 -1.06 11.37 31.86
N ARG A 61 -1.31 12.36 32.70
CA ARG A 61 -0.24 13.26 33.12
C ARG A 61 0.57 12.59 34.21
N GLN A 62 1.89 12.59 34.05
CA GLN A 62 2.80 12.12 35.07
C GLN A 62 3.40 13.32 35.79
N ASN A 63 4.39 13.05 36.63
CA ASN A 63 5.22 14.10 37.23
C ASN A 63 5.86 14.97 36.15
N ASP A 64 6.07 16.25 36.46
CA ASP A 64 6.79 17.13 35.54
C ASP A 64 8.21 16.64 35.32
N ALA A 65 8.64 16.61 34.04
CA ALA A 65 10.00 16.15 33.74
C ALA A 65 11.06 17.16 34.16
N LEU A 66 10.72 18.44 34.16
CA LEU A 66 11.67 19.48 34.52
C LEU A 66 10.93 20.62 35.19
N SER A 67 11.51 21.14 36.25
CA SER A 67 10.92 22.20 37.06
C SER A 67 11.91 23.33 37.23
N PRO A 68 11.43 24.53 37.53
CA PRO A 68 12.36 25.66 37.69
C PRO A 68 13.29 25.47 38.89
N ILE A 69 14.47 26.08 38.77
CA ILE A 69 15.42 26.18 39.87
C ILE A 69 15.78 27.66 40.00
N ALA A 70 15.38 28.26 41.13
CA ALA A 70 15.76 29.64 41.40
C ALA A 70 17.27 29.83 41.27
N GLY A 71 17.66 30.98 40.74
CA GLY A 71 19.06 31.30 40.64
C GLY A 71 19.84 30.59 39.55
N THR A 72 19.19 29.83 38.66
CA THR A 72 19.81 29.24 37.48
C THR A 72 19.19 29.84 36.23
N MET A 73 19.66 29.37 35.07
CA MET A 73 19.02 29.78 33.83
C MET A 73 17.71 29.04 33.56
N ILE A 74 17.30 28.09 34.40
CA ILE A 74 15.95 27.57 34.29
C ILE A 74 15.15 28.01 35.49
N SER A 75 15.28 29.28 35.86
CA SER A 75 14.37 29.90 36.81
C SER A 75 13.06 30.27 36.13
N THR A 76 12.06 30.60 36.96
CA THR A 76 10.78 31.14 36.50
C THR A 76 10.92 32.46 35.76
N SER A 77 12.10 33.06 35.73
CA SER A 77 12.33 34.31 35.00
C SER A 77 12.86 34.06 33.59
N ASN A 78 13.14 32.80 33.25
CA ASN A 78 13.75 32.44 32.00
C ASN A 78 12.75 31.69 31.12
N VAL A 79 13.23 31.30 29.95
CA VAL A 79 12.43 30.63 28.93
C VAL A 79 13.00 29.24 28.72
N VAL A 80 12.11 28.25 28.66
CA VAL A 80 12.44 26.86 28.35
C VAL A 80 11.45 26.45 27.27
N GLU A 81 11.92 26.18 26.06
CA GLU A 81 11.01 25.88 24.97
C GLU A 81 11.40 24.60 24.23
N ARG A 82 10.40 23.96 23.64
CA ARG A 82 10.59 22.87 22.69
C ARG A 82 11.50 21.75 23.22
N PRO A 83 11.15 21.13 24.34
CA PRO A 83 11.96 20.01 24.84
C PRO A 83 11.91 18.81 23.89
N LYS A 84 13.06 18.18 23.71
CA LYS A 84 13.19 16.94 22.98
C LYS A 84 13.98 15.97 23.84
N VAL A 85 13.59 14.69 23.82
CA VAL A 85 14.22 13.65 24.62
C VAL A 85 14.60 12.49 23.70
N ILE A 86 15.85 12.03 23.78
CA ILE A 86 16.24 10.79 23.14
C ILE A 86 16.95 9.88 24.15
N PHE A 87 16.98 8.59 23.82
CA PHE A 87 17.56 7.57 24.68
C PHE A 87 18.96 7.21 24.20
N ASN A 88 19.93 7.30 25.10
CA ASN A 88 21.34 7.02 24.80
C ASN A 88 21.63 5.59 25.24
N GLN A 89 21.80 4.70 24.27
CA GLN A 89 22.03 3.28 24.53
C GLN A 89 23.28 3.05 25.38
N LYS A 90 24.39 3.71 25.04
CA LYS A 90 25.66 3.47 25.71
C LYS A 90 25.54 3.67 27.22
N ASN A 91 24.86 4.72 27.64
CA ASN A 91 24.76 5.03 29.06
C ASN A 91 23.41 4.62 29.63
N SER A 92 22.54 4.01 28.82
CA SER A 92 21.14 3.75 29.18
C SER A 92 20.51 4.97 29.86
N GLU A 93 20.57 6.09 29.14
CA GLU A 93 20.23 7.38 29.72
C GLU A 93 19.31 8.17 28.79
N TYR A 94 18.36 8.89 29.38
CA TYR A 94 17.48 9.79 28.65
C TYR A 94 18.07 11.18 28.68
N VAL A 95 18.33 11.74 27.50
CA VAL A 95 18.89 13.09 27.39
C VAL A 95 17.83 14.02 26.80
N MET A 96 17.49 15.06 27.56
CA MET A 96 16.59 16.10 27.13
C MET A 96 17.38 17.31 26.66
N TRP A 97 17.00 17.87 25.52
CA TRP A 97 17.53 19.13 25.02
C TRP A 97 16.41 20.14 24.90
N PHE A 98 16.74 21.41 25.11
CA PHE A 98 15.70 22.42 24.97
C PHE A 98 16.34 23.75 24.62
N HIS A 99 15.54 24.62 24.04
CA HIS A 99 15.91 26.01 23.86
C HIS A 99 15.89 26.71 25.21
N SER A 100 17.05 27.18 25.65
CA SER A 100 17.18 27.91 26.90
C SER A 100 17.38 29.40 26.61
N ASP A 101 16.58 30.26 27.24
CA ASP A 101 16.70 31.66 26.90
C ASP A 101 16.31 32.55 28.06
N SER A 102 16.58 33.84 27.87
CA SER A 102 16.10 34.92 28.69
C SER A 102 14.78 35.44 28.09
N SER A 103 14.11 36.31 28.86
CA SER A 103 12.75 36.70 28.53
C SER A 103 12.65 37.45 27.20
N ASN A 104 13.70 38.15 26.80
CA ASN A 104 13.72 38.88 25.53
C ASN A 104 14.45 38.12 24.42
N TYR A 105 14.72 36.83 24.62
CA TYR A 105 15.39 35.97 23.62
C TYR A 105 16.77 36.48 23.23
N GLY A 106 17.43 37.21 24.13
CA GLY A 106 18.78 37.68 23.89
C GLY A 106 19.89 36.71 24.21
N ALA A 107 19.62 35.65 24.98
CA ALA A 107 20.68 34.73 25.39
C ALA A 107 20.97 33.66 24.33
N ALA A 108 19.91 33.09 23.74
CA ALA A 108 20.04 32.17 22.60
C ALA A 108 20.90 30.95 22.93
N MET A 109 20.47 30.19 23.95
CA MET A 109 21.22 29.01 24.36
C MET A 109 20.42 27.72 24.20
N VAL A 110 21.11 26.60 24.33
CA VAL A 110 20.50 25.28 24.48
C VAL A 110 20.70 24.86 25.93
N GLY A 111 19.78 24.06 26.43
CA GLY A 111 19.90 23.46 27.75
C GLY A 111 19.85 21.95 27.65
N VAL A 112 20.53 21.29 28.58
CA VAL A 112 20.61 19.83 28.59
C VAL A 112 20.26 19.32 29.99
N ALA A 113 19.55 18.19 30.04
CA ALA A 113 19.17 17.56 31.30
C ALA A 113 19.02 16.07 31.08
N THR A 114 19.27 15.28 32.12
CA THR A 114 19.34 13.83 31.99
C THR A 114 18.48 13.15 33.04
N ALA A 115 18.04 11.94 32.73
CA ALA A 115 17.34 11.10 33.68
C ALA A 115 17.61 9.64 33.34
N LYS A 116 17.36 8.76 34.33
CA LYS A 116 17.45 7.33 34.15
C LYS A 116 16.10 6.68 33.88
N THR A 117 15.03 7.45 33.95
CA THR A 117 13.71 6.94 33.59
C THR A 117 13.08 7.94 32.64
N PRO A 118 12.10 7.51 31.84
CA PRO A 118 11.56 8.41 30.81
C PRO A 118 10.95 9.70 31.33
N CYS A 119 10.12 9.66 32.38
CA CYS A 119 9.53 10.89 32.90
C CYS A 119 10.40 11.61 33.93
N GLY A 120 11.55 11.03 34.27
CA GLY A 120 12.44 11.64 35.22
C GLY A 120 11.89 11.59 36.64
N PRO A 121 11.99 12.71 37.38
CA PRO A 121 12.38 14.06 36.92
C PRO A 121 13.86 14.16 36.53
N TYR A 122 14.14 15.07 35.60
CA TYR A 122 15.44 15.23 34.97
C TYR A 122 16.33 16.17 35.78
N THR A 123 17.63 16.00 35.62
CA THR A 123 18.63 16.80 36.31
C THR A 123 19.28 17.76 35.30
N TYR A 124 19.05 19.04 35.51
CA TYR A 124 19.60 20.10 34.66
C TYR A 124 21.12 20.12 34.70
N LYS A 125 21.73 20.09 33.52
CA LYS A 125 23.19 20.11 33.42
C LYS A 125 23.73 21.44 32.92
N GLY A 126 22.88 22.43 32.70
CA GLY A 126 23.33 23.76 32.36
C GLY A 126 23.00 24.12 30.92
N SER A 127 23.20 25.40 30.62
CA SER A 127 22.90 25.97 29.32
C SER A 127 24.17 26.52 28.68
N PHE A 128 24.16 26.62 27.35
CA PHE A 128 25.33 27.09 26.63
C PHE A 128 24.98 27.41 25.18
N LYS A 129 25.87 28.18 24.54
CA LYS A 129 25.76 28.46 23.11
C LYS A 129 26.52 27.41 22.33
N PRO A 130 25.86 26.62 21.47
CA PRO A 130 26.53 25.48 20.82
C PRO A 130 27.58 25.97 19.82
N LEU A 131 28.81 25.48 20.00
CA LEU A 131 29.97 25.91 19.20
C LEU A 131 30.14 27.44 19.26
N GLY A 132 29.65 28.08 20.32
CA GLY A 132 29.76 29.52 20.46
C GLY A 132 28.77 30.35 19.67
N ALA A 133 27.81 29.73 18.98
CA ALA A 133 26.85 30.47 18.16
C ALA A 133 25.45 30.39 18.75
N ASP A 134 24.59 31.31 18.30
CA ASP A 134 23.20 31.36 18.72
C ASP A 134 22.47 30.04 18.50
N SER A 135 21.54 29.75 19.40
CA SER A 135 20.57 28.67 19.24
C SER A 135 19.25 29.17 19.82
N ARG A 136 18.19 29.16 19.01
CA ARG A 136 16.88 29.51 19.51
C ARG A 136 15.99 28.31 19.25
N ASP A 137 15.08 28.38 18.29
CA ASP A 137 14.29 27.19 17.93
C ASP A 137 15.24 26.04 17.60
N GLU A 138 14.97 24.88 18.18
CA GLU A 138 15.83 23.72 17.97
C GLU A 138 14.99 22.46 17.96
N SER A 139 15.63 21.38 17.51
CA SER A 139 15.14 20.04 17.70
C SER A 139 16.35 19.13 17.72
N ILE A 140 16.10 17.84 17.94
CA ILE A 140 17.11 16.79 17.99
C ILE A 140 16.72 15.71 17.00
N PHE A 141 17.68 15.23 16.21
CA PHE A 141 17.45 14.07 15.36
C PHE A 141 18.47 13.00 15.73
N GLN A 142 17.99 11.76 15.90
CA GLN A 142 18.80 10.60 16.21
C GLN A 142 18.74 9.67 15.00
N ASP A 143 19.87 9.48 14.32
CA ASP A 143 19.92 8.69 13.10
C ASP A 143 19.91 7.19 13.40
N ASP A 144 19.66 6.38 12.37
CA ASP A 144 19.62 4.93 12.52
C ASP A 144 20.89 4.24 12.03
N ASP A 145 22.02 4.93 12.01
CA ASP A 145 23.30 4.23 11.91
C ASP A 145 23.60 3.53 13.24
N SER A 146 24.63 2.66 13.22
CA SER A 146 24.84 1.79 14.38
C SER A 146 25.36 2.57 15.58
N ALA A 147 26.12 3.64 15.33
CA ALA A 147 26.49 4.55 16.42
C ALA A 147 25.31 5.37 16.93
N GLN A 148 24.16 5.32 16.27
CA GLN A 148 23.02 6.18 16.63
C GLN A 148 23.48 7.62 16.84
N THR A 149 24.12 8.16 15.81
CA THR A 149 24.61 9.53 15.85
C THR A 149 23.44 10.50 15.97
N ALA A 150 23.58 11.49 16.84
CA ALA A 150 22.51 12.43 17.04
C ALA A 150 22.97 13.84 16.66
N TYR A 151 21.98 14.68 16.40
CA TYR A 151 22.23 15.98 15.80
C TYR A 151 21.31 17.02 16.43
N LEU A 152 21.83 18.22 16.55
CA LEU A 152 21.05 19.39 16.91
C LEU A 152 20.67 20.12 15.62
N LEU A 153 19.41 20.50 15.51
CA LEU A 153 18.89 21.29 14.39
C LEU A 153 18.42 22.59 15.00
N TYR A 154 18.94 23.71 14.52
CA TYR A 154 18.71 24.93 15.29
C TYR A 154 18.84 26.17 14.43
N ALA A 155 17.99 27.15 14.74
CA ALA A 155 18.08 28.48 14.17
C ALA A 155 19.20 29.23 14.88
N SER A 156 20.20 29.67 14.12
CA SER A 156 21.39 30.29 14.65
C SER A 156 21.54 31.69 14.03
N ASP A 157 22.59 32.39 14.46
CA ASP A 157 22.92 33.73 13.97
C ASP A 157 21.69 34.62 13.82
N ASN A 158 21.07 34.99 14.95
CA ASN A 158 19.86 35.82 14.98
C ASN A 158 18.75 35.30 14.07
N ASN A 159 18.54 33.99 14.08
CA ASN A 159 17.55 33.24 13.31
C ASN A 159 17.82 33.23 11.80
N GLN A 160 18.89 33.89 11.33
CA GLN A 160 19.10 33.99 9.88
C GLN A 160 19.59 32.68 9.27
N ASN A 161 20.52 31.97 9.92
CA ASN A 161 21.16 30.80 9.33
C ASN A 161 20.76 29.53 10.08
N PHE A 162 20.31 28.53 9.33
CA PHE A 162 19.85 27.28 9.92
C PHE A 162 20.97 26.26 9.92
N LYS A 163 21.23 25.65 11.08
CA LYS A 163 22.36 24.73 11.21
C LYS A 163 21.95 23.35 11.68
N ILE A 164 22.73 22.36 11.26
CA ILE A 164 22.69 21.00 11.77
C ILE A 164 24.09 20.65 12.26
N SER A 165 24.18 20.22 13.52
CA SER A 165 25.45 19.88 14.15
C SER A 165 25.40 18.53 14.86
N ARG A 166 26.47 17.74 14.70
CA ARG A 166 26.58 16.46 15.38
C ARG A 166 26.80 16.66 16.88
N LEU A 167 26.16 15.80 17.68
CA LEU A 167 26.41 15.70 19.10
C LEU A 167 27.48 14.64 19.39
N ASP A 168 28.11 14.74 20.55
CA ASP A 168 29.11 13.73 20.95
C ASP A 168 28.41 12.43 21.34
N ALA A 169 29.21 11.44 21.74
CA ALA A 169 28.70 10.09 21.97
C ALA A 169 27.80 9.99 23.21
N ASN A 170 27.86 10.96 24.12
CA ASN A 170 26.94 10.99 25.27
C ASN A 170 25.64 11.74 24.99
N TYR A 171 25.57 12.51 23.89
CA TYR A 171 24.50 13.47 23.64
C TYR A 171 24.51 14.62 24.63
N TYR A 172 25.66 14.92 25.24
CA TYR A 172 25.75 16.04 26.18
C TYR A 172 26.17 17.34 25.52
N ASN A 173 26.80 17.27 24.35
CA ASN A 173 27.33 18.49 23.77
C ASN A 173 27.39 18.37 22.27
N VAL A 174 27.60 19.50 21.63
CA VAL A 174 27.72 19.63 20.17
C VAL A 174 29.20 19.63 19.83
N THR A 175 29.61 18.74 18.93
CA THR A 175 31.01 18.62 18.52
C THR A 175 31.35 19.36 17.22
N ALA A 176 30.51 19.30 16.19
CA ALA A 176 30.93 19.79 14.88
C ALA A 176 29.72 20.17 14.05
N GLN A 177 29.80 21.34 13.40
CA GLN A 177 28.78 21.75 12.45
C GLN A 177 28.83 20.88 11.20
N VAL A 178 27.68 20.36 10.80
CA VAL A 178 27.62 19.46 9.65
C VAL A 178 26.99 20.12 8.43
N SER A 179 26.16 21.14 8.62
CA SER A 179 25.42 21.72 7.51
C SER A 179 24.92 23.08 7.96
N VAL A 180 24.87 24.03 7.03
CA VAL A 180 24.27 25.32 7.29
C VAL A 180 23.54 25.79 6.04
N MET A 181 22.41 26.45 6.24
CA MET A 181 21.59 27.06 5.19
C MET A 181 21.57 28.56 5.50
N ASN A 182 22.41 29.32 4.81
CA ASN A 182 22.54 30.75 5.09
C ASN A 182 21.31 31.50 4.62
N GLY A 183 20.77 32.35 5.51
CA GLY A 183 19.64 33.17 5.18
C GLY A 183 18.36 32.42 4.94
N ALA A 184 18.29 31.15 5.34
CA ALA A 184 17.05 30.39 5.23
C ALA A 184 15.96 30.90 6.17
N THR A 185 16.33 31.60 7.25
CA THR A 185 15.42 32.04 8.32
C THR A 185 14.38 30.98 8.67
N LEU A 186 14.87 29.80 9.05
CA LEU A 186 14.01 28.68 9.42
C LEU A 186 13.84 28.60 10.93
N ALA A 187 12.66 28.12 11.35
CA ALA A 187 12.38 27.89 12.76
C ALA A 187 11.63 26.57 12.88
N ALA A 188 11.35 26.18 14.12
CA ALA A 188 10.54 25.02 14.48
C ALA A 188 10.90 23.77 13.66
N PRO A 189 12.17 23.34 13.64
CA PRO A 189 12.56 22.22 12.78
C PRO A 189 12.13 20.86 13.31
N GLY A 190 12.09 19.91 12.39
CA GLY A 190 12.00 18.50 12.72
C GLY A 190 12.48 17.74 11.50
N ILE A 191 12.97 16.52 11.73
CA ILE A 191 13.45 15.68 10.63
C ILE A 191 12.83 14.30 10.73
N VAL A 192 12.31 13.82 9.60
CA VAL A 192 11.87 12.45 9.41
C VAL A 192 12.74 11.83 8.32
N LYS A 193 13.20 10.60 8.55
CA LYS A 193 13.92 9.83 7.54
C LYS A 193 12.95 8.92 6.78
N HIS A 194 12.97 9.00 5.45
CA HIS A 194 12.03 8.26 4.63
C HIS A 194 12.77 7.64 3.45
N ASN A 195 12.86 6.31 3.42
CA ASN A 195 13.50 5.56 2.33
C ASN A 195 14.97 5.93 2.19
N GLY A 196 15.68 6.02 3.31
CA GLY A 196 17.06 6.42 3.31
C GLY A 196 17.34 7.89 3.11
N GLU A 197 16.35 8.67 2.67
CA GLU A 197 16.44 10.12 2.50
C GLU A 197 15.96 10.86 3.76
N TYR A 198 16.58 12.01 4.04
CA TYR A 198 16.21 12.85 5.17
C TYR A 198 15.27 13.95 4.73
N PHE A 199 14.19 14.17 5.47
CA PHE A 199 13.21 15.22 5.23
C PHE A 199 13.15 16.15 6.43
N LEU A 200 13.48 17.41 6.19
CA LEU A 200 13.42 18.44 7.21
C LEU A 200 12.11 19.21 7.03
N ILE A 201 11.31 19.25 8.09
CA ILE A 201 10.11 20.09 8.21
C ILE A 201 10.46 21.30 9.07
N ALA A 202 10.14 22.50 8.59
CA ALA A 202 10.43 23.69 9.37
C ALA A 202 9.45 24.79 9.00
N SER A 203 9.28 25.74 9.91
CA SER A 203 8.62 27.01 9.63
C SER A 203 9.64 28.07 9.24
N HIS A 204 9.13 29.19 8.77
CA HIS A 204 9.91 30.41 8.74
C HIS A 204 9.68 31.19 10.04
N THR A 205 10.29 32.36 10.15
CA THR A 205 10.25 33.14 11.38
C THR A 205 9.26 34.29 11.19
N SER A 206 8.16 34.27 11.95
CA SER A 206 7.19 35.36 11.90
C SER A 206 6.53 35.54 13.26
N GLY A 207 7.29 35.36 14.34
CA GLY A 207 6.73 35.58 15.67
C GLY A 207 5.69 34.53 16.02
N TRP A 208 4.65 34.95 16.74
CA TRP A 208 3.55 34.04 17.06
C TRP A 208 2.72 33.72 15.82
N ALA A 209 2.86 34.50 14.76
CA ALA A 209 1.98 34.35 13.62
C ALA A 209 2.35 33.11 12.82
N PRO A 210 1.37 32.31 12.39
CA PRO A 210 1.67 31.14 11.58
C PRO A 210 2.15 31.53 10.19
N ASN A 211 2.88 30.63 9.55
CA ASN A 211 3.31 30.87 8.19
C ASN A 211 3.40 29.52 7.47
N PRO A 212 3.52 29.53 6.14
CA PRO A 212 3.52 28.25 5.41
C PRO A 212 4.77 27.44 5.74
N ASN A 213 4.57 26.26 6.33
CA ASN A 213 5.68 25.40 6.70
C ASN A 213 6.17 24.57 5.50
N LYS A 214 7.48 24.29 5.49
CA LYS A 214 8.16 23.75 4.34
C LYS A 214 8.79 22.39 4.63
N TRP A 215 9.03 21.63 3.57
CA TRP A 215 9.89 20.45 3.63
C TRP A 215 11.08 20.61 2.68
N PHE A 216 12.18 19.98 3.07
CA PHE A 216 13.44 19.95 2.36
C PHE A 216 13.94 18.52 2.45
N SER A 217 14.60 18.03 1.40
CA SER A 217 15.16 16.69 1.50
C SER A 217 16.64 16.70 1.12
N ALA A 218 17.34 15.68 1.62
CA ALA A 218 18.76 15.52 1.40
C ALA A 218 19.09 14.04 1.55
N SER A 219 20.12 13.57 0.85
CA SER A 219 20.50 12.20 1.10
C SER A 219 21.59 12.09 2.15
N SER A 220 22.11 13.21 2.64
CA SER A 220 22.86 13.20 3.88
C SER A 220 22.57 14.49 4.61
N LEU A 221 22.67 14.43 5.94
CA LEU A 221 22.49 15.62 6.78
C LEU A 221 23.48 16.74 6.45
N ALA A 222 24.61 16.43 5.80
CA ALA A 222 25.51 17.48 5.35
C ALA A 222 24.91 18.27 4.18
N GLY A 223 23.80 17.81 3.62
CA GLY A 223 23.24 18.44 2.44
C GLY A 223 23.86 17.85 1.19
N PRO A 224 23.63 18.47 0.03
CA PRO A 224 22.79 19.68 -0.14
C PRO A 224 21.31 19.39 0.06
N TRP A 225 20.58 20.41 0.52
CA TRP A 225 19.16 20.31 0.81
C TRP A 225 18.37 20.86 -0.38
N SER A 226 17.36 20.11 -0.81
CA SER A 226 16.45 20.56 -1.86
C SER A 226 15.82 21.90 -1.52
N ALA A 227 15.37 22.62 -2.55
CA ALA A 227 14.61 23.85 -2.34
C ALA A 227 13.29 23.58 -1.62
N GLN A 228 12.90 24.51 -0.76
CA GLN A 228 11.69 24.36 0.05
C GLN A 228 10.44 24.10 -0.80
N GLN A 229 9.52 23.30 -0.25
CA GLN A 229 8.20 23.10 -0.83
C GLN A 229 7.15 23.06 0.29
N ASP A 230 5.92 23.44 -0.05
CA ASP A 230 4.86 23.49 0.94
C ASP A 230 4.42 22.11 1.38
N ILE A 231 4.17 21.96 2.70
CA ILE A 231 3.49 20.75 3.17
C ILE A 231 1.97 20.94 3.18
N ALA A 232 1.48 22.15 2.90
CA ALA A 232 0.06 22.45 2.94
C ALA A 232 -0.22 23.60 1.98
N PRO A 233 -1.49 23.80 1.58
CA PRO A 233 -1.81 24.99 0.77
C PRO A 233 -1.28 26.26 1.40
N SER A 234 -0.41 26.94 0.64
CA SER A 234 0.38 28.05 1.18
C SER A 234 -0.49 29.06 1.91
N ALA A 235 -1.66 29.37 1.37
CA ALA A 235 -2.44 30.46 1.92
C ALA A 235 -2.96 30.15 3.32
N THR A 236 -3.16 28.86 3.64
CA THR A 236 -3.67 28.47 4.95
C THR A 236 -2.65 28.63 6.07
N ARG A 237 -1.40 28.91 5.76
CA ARG A 237 -0.34 29.03 6.76
C ARG A 237 -0.29 27.77 7.63
N THR A 238 -0.08 26.64 6.95
CA THR A 238 -0.08 25.30 7.56
C THR A 238 -1.37 25.04 8.33
N TRP A 239 -2.50 25.43 7.74
CA TRP A 239 -3.80 25.31 8.40
C TRP A 239 -3.76 25.95 9.77
N TYR A 240 -3.14 27.15 9.84
CA TYR A 240 -2.92 27.90 11.07
C TYR A 240 -2.25 27.04 12.15
N SER A 241 -0.97 26.76 11.95
CA SER A 241 -0.20 26.05 12.96
C SER A 241 1.29 26.30 12.72
N GLN A 242 2.10 25.80 13.65
CA GLN A 242 3.56 25.83 13.52
C GLN A 242 4.10 24.47 13.93
N ASN A 243 5.04 23.94 13.13
CA ASN A 243 5.62 22.63 13.38
C ASN A 243 6.17 22.52 14.80
N ALA A 244 6.02 21.34 15.39
CA ALA A 244 6.62 21.06 16.71
C ALA A 244 7.39 19.75 16.70
N PHE A 245 6.77 18.69 16.19
CA PHE A 245 7.38 17.36 16.16
C PHE A 245 6.77 16.57 15.01
N ASP A 246 7.64 15.85 14.31
CA ASP A 246 7.22 15.04 13.17
C ASP A 246 7.50 13.58 13.48
N LEU A 247 6.45 12.85 13.85
CA LEU A 247 6.62 11.52 14.41
C LEU A 247 6.47 10.48 13.32
N PRO A 248 7.44 9.58 13.15
CA PRO A 248 7.31 8.54 12.12
C PRO A 248 6.11 7.64 12.42
N LEU A 249 5.36 7.30 11.36
CA LEU A 249 4.14 6.48 11.49
C LEU A 249 4.10 5.57 10.27
N GLY A 250 4.58 4.34 10.43
CA GLY A 250 4.76 3.47 9.29
C GLY A 250 5.71 4.16 8.33
N SER A 251 5.36 4.16 7.05
CA SER A 251 6.17 4.83 6.03
C SER A 251 5.78 6.29 5.85
N ASN A 252 4.97 6.82 6.77
CA ASN A 252 4.58 8.22 6.77
C ASN A 252 4.96 8.86 8.09
N ALA A 253 4.19 9.85 8.53
CA ALA A 253 4.51 10.57 9.75
C ALA A 253 3.23 11.19 10.27
N ILE A 254 3.32 11.74 11.48
CA ILE A 254 2.27 12.59 12.03
C ILE A 254 2.88 13.98 12.18
N TYR A 255 2.27 14.97 11.55
CA TYR A 255 2.64 16.36 11.77
C TYR A 255 2.04 16.81 13.11
N MET A 256 2.89 17.21 14.05
CA MET A 256 2.41 17.72 15.33
C MET A 256 2.77 19.19 15.42
N GLY A 257 1.74 20.04 15.46
CA GLY A 257 1.94 21.47 15.45
C GLY A 257 1.25 22.13 16.63
N ASP A 258 1.61 23.40 16.82
CA ASP A 258 0.92 24.26 17.78
C ASP A 258 0.17 25.36 17.03
N ARG A 259 -1.02 25.67 17.53
CA ARG A 259 -1.69 26.92 17.19
C ARG A 259 -1.49 27.86 18.38
N TRP A 260 -0.50 28.73 18.26
CA TRP A 260 -0.16 29.63 19.34
C TRP A 260 -1.24 30.71 19.49
N ARG A 261 -1.69 30.89 20.71
CA ARG A 261 -2.62 31.92 21.10
C ARG A 261 -1.88 32.92 22.00
N PRO A 262 -1.12 33.85 21.44
CA PRO A 262 -0.24 34.69 22.28
C PRO A 262 -0.96 35.48 23.37
N SER A 263 -2.22 35.85 23.16
CA SER A 263 -2.94 36.57 24.21
C SER A 263 -3.50 35.65 25.28
N LEU A 264 -3.39 34.34 25.11
CA LEU A 264 -3.86 33.38 26.10
C LEU A 264 -3.12 32.08 25.90
N LEU A 265 -1.84 32.03 26.29
CA LEU A 265 -0.96 30.98 25.79
C LEU A 265 -1.37 29.58 26.22
N GLY A 266 -1.91 29.44 27.42
CA GLY A 266 -2.29 28.13 27.92
C GLY A 266 -3.43 27.48 27.17
N SER A 267 -4.14 28.24 26.32
CA SER A 267 -5.17 27.71 25.45
C SER A 267 -4.70 27.56 24.00
N SER A 268 -3.39 27.68 23.74
CA SER A 268 -2.87 27.28 22.44
C SER A 268 -3.20 25.82 22.18
N ARG A 269 -3.70 25.56 20.98
CA ARG A 269 -4.24 24.26 20.61
C ARG A 269 -3.20 23.41 19.89
N TYR A 270 -3.47 22.11 19.84
CA TYR A 270 -2.62 21.12 19.19
C TYR A 270 -3.24 20.74 17.84
N ILE A 271 -2.42 20.81 16.80
CA ILE A 271 -2.85 20.55 15.43
C ILE A 271 -2.06 19.34 14.95
N TRP A 272 -2.68 18.17 14.99
CA TRP A 272 -2.05 16.93 14.53
C TRP A 272 -2.76 16.45 13.26
N TYR A 273 -1.96 16.17 12.23
CA TYR A 273 -2.47 15.66 10.98
C TYR A 273 -1.55 14.57 10.48
N PRO A 274 -2.08 13.57 9.78
CA PRO A 274 -1.21 12.66 9.04
C PRO A 274 -0.38 13.46 8.05
N LEU A 275 0.88 13.07 7.93
CA LEU A 275 1.82 13.69 7.00
C LEU A 275 2.23 12.57 6.03
N ASP A 276 1.65 12.60 4.83
CA ASP A 276 1.76 11.48 3.91
C ASP A 276 2.94 11.66 2.96
N PHE A 277 3.76 10.61 2.85
CA PHE A 277 5.01 10.63 2.11
C PHE A 277 4.96 9.80 0.83
N SER A 278 3.82 9.20 0.51
CA SER A 278 3.80 8.22 -0.58
C SER A 278 4.20 8.86 -1.91
N SER A 279 3.70 10.06 -2.19
CA SER A 279 4.09 10.77 -3.40
C SER A 279 5.56 11.17 -3.43
N GLY A 280 6.34 10.81 -2.40
CA GLY A 280 7.71 11.28 -2.25
C GLY A 280 7.87 12.72 -1.80
N ALA A 281 6.77 13.45 -1.62
CA ALA A 281 6.79 14.84 -1.16
C ALA A 281 5.81 14.94 0.01
N PRO A 282 6.29 15.13 1.23
CA PRO A 282 5.37 15.17 2.39
C PRO A 282 4.24 16.17 2.21
N GLN A 283 3.01 15.71 2.45
CA GLN A 283 1.84 16.56 2.37
C GLN A 283 0.93 16.33 3.59
N ILE A 284 0.54 17.42 4.25
CA ILE A 284 -0.45 17.31 5.32
C ILE A 284 -1.78 16.83 4.75
N VAL A 285 -2.31 15.78 5.33
CA VAL A 285 -3.68 15.33 5.07
C VAL A 285 -4.59 16.12 5.99
N HIS A 286 -5.37 17.06 5.44
CA HIS A 286 -6.19 17.92 6.30
C HIS A 286 -7.42 17.15 6.73
N ALA A 287 -7.31 16.46 7.84
CA ALA A 287 -8.39 15.64 8.36
C ALA A 287 -8.89 16.24 9.66
N ASP A 288 -10.10 16.81 9.62
CA ASP A 288 -10.72 17.37 10.82
C ASP A 288 -10.79 16.36 11.95
N VAL A 289 -11.02 15.09 11.60
CA VAL A 289 -11.25 13.99 12.54
C VAL A 289 -10.57 12.76 11.95
N TRP A 290 -9.57 12.22 12.65
CA TRP A 290 -8.94 11.00 12.15
C TRP A 290 -8.52 10.13 13.32
N SER A 291 -8.16 8.89 13.01
CA SER A 291 -7.70 7.97 14.04
C SER A 291 -6.40 7.31 13.60
N VAL A 292 -5.69 6.74 14.58
CA VAL A 292 -4.35 6.25 14.37
C VAL A 292 -4.21 4.88 15.00
N ASN A 293 -3.45 4.02 14.33
CA ASN A 293 -3.07 2.70 14.84
C ASN A 293 -1.54 2.78 14.90
N VAL A 294 -1.02 3.20 16.05
CA VAL A 294 0.39 3.59 16.07
C VAL A 294 1.31 2.38 16.04
N GLN A 295 0.84 1.21 16.48
CA GLN A 295 1.64 0.00 16.38
C GLN A 295 1.75 -0.47 14.93
N ALA A 296 0.63 -0.47 14.21
CA ALA A 296 0.65 -0.79 12.79
C ALA A 296 1.18 0.35 11.94
N GLY A 297 1.33 1.55 12.49
CA GLY A 297 1.79 2.67 11.69
C GLY A 297 0.81 3.09 10.62
N THR A 298 -0.48 3.03 10.90
CA THR A 298 -1.51 3.41 9.95
C THR A 298 -2.40 4.50 10.54
N TYR A 299 -3.01 5.30 9.66
CA TYR A 299 -4.03 6.26 10.06
C TYR A 299 -5.27 6.05 9.22
N SER A 300 -6.37 6.66 9.67
CA SER A 300 -7.67 6.49 9.04
C SER A 300 -8.44 7.80 9.21
N VAL A 301 -8.93 8.34 8.11
CA VAL A 301 -9.62 9.63 8.12
C VAL A 301 -11.12 9.39 8.20
N ALA A 302 -11.76 9.99 9.19
CA ALA A 302 -13.21 9.88 9.33
C ALA A 302 -13.88 10.58 8.17
N SER A 303 -14.94 9.97 7.66
CA SER A 303 -15.75 10.60 6.64
C SER A 303 -16.94 11.27 7.30
N GLY A 304 -17.24 12.48 6.86
CA GLY A 304 -18.38 13.23 7.33
C GLY A 304 -19.26 13.64 6.17
N THR A 305 -20.35 14.31 6.51
CA THR A 305 -21.29 14.83 5.54
C THR A 305 -21.14 16.34 5.48
N SER A 306 -21.03 16.89 4.27
CA SER A 306 -20.82 18.30 4.07
C SER A 306 -22.15 19.03 3.85
N TYR A 307 -22.25 20.23 4.40
CA TYR A 307 -23.40 21.09 4.18
C TYR A 307 -22.88 22.49 3.87
N GLU A 308 -23.12 22.96 2.65
CA GLU A 308 -22.73 24.31 2.29
C GLU A 308 -23.58 25.34 3.02
N ALA A 309 -22.93 26.39 3.52
CA ALA A 309 -23.66 27.45 4.22
C ALA A 309 -24.61 28.18 3.29
N GLU A 310 -24.22 28.34 2.02
CA GLU A 310 -25.04 29.09 1.06
C GLU A 310 -26.34 28.38 0.71
N ASN A 311 -26.48 27.09 1.03
CA ASN A 311 -27.75 26.41 0.85
C ASN A 311 -28.65 26.48 2.10
N GLY A 312 -28.17 27.08 3.20
CA GLY A 312 -29.01 27.22 4.37
C GLY A 312 -29.97 28.39 4.21
N GLN A 313 -30.83 28.54 5.21
CA GLN A 313 -31.80 29.64 5.25
C GLN A 313 -31.18 30.82 5.99
N ARG A 314 -30.90 31.90 5.26
CA ARG A 314 -30.40 33.12 5.88
C ARG A 314 -31.51 33.86 6.63
N GLY A 315 -31.08 34.70 7.57
CA GLY A 315 -31.97 35.60 8.27
C GLY A 315 -31.24 36.88 8.58
N GLY A 316 -32.01 37.87 9.05
CA GLY A 316 -31.43 39.18 9.25
C GLY A 316 -30.84 39.71 7.97
N SER A 317 -29.68 40.33 8.08
CA SER A 317 -29.03 40.95 6.94
C SER A 317 -27.79 40.19 6.47
N SER A 318 -27.80 38.86 6.60
CA SER A 318 -26.68 38.07 6.12
C SER A 318 -26.84 37.82 4.61
N THR A 319 -25.71 37.87 3.90
CA THR A 319 -25.74 37.79 2.45
C THR A 319 -24.69 36.80 1.95
N ILE A 320 -24.86 36.41 0.70
CA ILE A 320 -23.90 35.53 0.05
C ILE A 320 -22.62 36.30 -0.29
N LEU A 321 -21.49 35.62 -0.13
CA LEU A 321 -20.18 36.09 -0.58
C LEU A 321 -19.62 35.08 -1.58
N SER A 322 -18.78 35.56 -2.49
CA SER A 322 -18.11 34.70 -3.45
C SER A 322 -16.60 34.75 -3.24
N GLY A 323 -15.93 33.69 -3.67
CA GLY A 323 -14.48 33.63 -3.63
C GLY A 323 -13.96 32.30 -4.13
N SER A 324 -12.84 32.31 -4.85
CA SER A 324 -12.23 31.05 -5.26
C SER A 324 -11.68 30.23 -4.09
N GLY A 325 -11.53 30.84 -2.91
CA GLY A 325 -11.17 30.09 -1.71
C GLY A 325 -12.30 29.26 -1.12
N PHE A 326 -13.55 29.43 -1.59
CA PHE A 326 -14.73 28.82 -0.96
C PHE A 326 -15.15 27.52 -1.65
N SER A 327 -15.61 26.57 -0.84
CA SER A 327 -16.32 25.42 -1.38
C SER A 327 -17.60 25.88 -2.08
N GLY A 328 -17.88 25.32 -3.24
CA GLY A 328 -18.98 25.80 -4.06
C GLY A 328 -18.79 27.20 -4.62
N GLY A 329 -17.65 27.82 -4.34
CA GLY A 329 -17.38 29.19 -4.76
C GLY A 329 -18.13 30.26 -4.00
N LYS A 330 -18.83 29.89 -2.92
CA LYS A 330 -19.69 30.82 -2.20
C LYS A 330 -19.64 30.56 -0.70
N ALA A 331 -19.94 31.61 0.06
CA ALA A 331 -20.00 31.53 1.51
C ALA A 331 -21.08 32.50 1.98
N VAL A 332 -21.45 32.40 3.26
CA VAL A 332 -22.40 33.33 3.86
C VAL A 332 -21.62 34.35 4.69
N GLY A 333 -21.66 35.61 4.25
CA GLY A 333 -21.05 36.70 4.97
C GLY A 333 -22.08 37.56 5.71
N TYR A 334 -21.57 38.62 6.35
CA TYR A 334 -22.36 39.49 7.23
C TYR A 334 -23.18 38.65 8.21
N LEU A 335 -22.53 37.64 8.78
CA LEU A 335 -23.11 36.86 9.86
C LEU A 335 -22.81 37.53 11.18
N GLY A 336 -23.67 37.30 12.16
CA GLY A 336 -23.61 38.06 13.38
C GLY A 336 -24.02 39.50 13.14
N HIS A 337 -24.18 40.26 14.23
CA HIS A 337 -24.62 41.64 14.13
C HIS A 337 -25.93 41.72 13.36
N GLY A 338 -26.83 40.75 13.62
CA GLY A 338 -28.11 40.67 12.95
C GLY A 338 -28.22 39.55 11.92
N GLY A 339 -27.13 39.15 11.28
CA GLY A 339 -27.18 38.16 10.22
C GLY A 339 -27.08 36.75 10.76
N THR A 340 -27.94 35.87 10.27
CA THR A 340 -27.87 34.46 10.64
C THR A 340 -27.98 33.62 9.38
N VAL A 341 -27.60 32.36 9.53
CA VAL A 341 -27.89 31.32 8.55
C VAL A 341 -28.20 30.05 9.32
N THR A 342 -29.20 29.31 8.88
CA THR A 342 -29.58 28.05 9.50
C THR A 342 -29.42 26.94 8.49
N ILE A 343 -28.65 25.92 8.87
CA ILE A 343 -28.46 24.72 8.05
C ILE A 343 -29.53 23.70 8.45
N ASN A 344 -30.43 23.39 7.52
CA ASN A 344 -31.51 22.48 7.86
C ASN A 344 -31.23 21.08 7.33
N ASN A 345 -32.00 20.11 7.84
CA ASN A 345 -31.93 18.72 7.39
C ASN A 345 -30.55 18.12 7.60
N VAL A 346 -29.91 18.48 8.71
CA VAL A 346 -28.69 17.80 9.13
C VAL A 346 -29.10 16.47 9.74
N GLN A 347 -28.70 15.37 9.11
CA GLN A 347 -29.12 14.04 9.52
C GLN A 347 -28.21 13.51 10.61
N SER A 348 -28.79 12.71 11.51
CA SER A 348 -27.99 12.14 12.58
C SER A 348 -28.67 10.90 13.14
N ASN A 349 -27.84 10.00 13.67
CA ASN A 349 -28.33 8.88 14.46
C ASN A 349 -28.53 9.25 15.92
N GLY A 350 -28.23 10.49 16.28
CA GLY A 350 -28.31 10.97 17.65
C GLY A 350 -26.95 10.96 18.34
N GLY A 351 -26.91 11.61 19.49
CA GLY A 351 -25.71 11.62 20.30
C GLY A 351 -24.80 12.78 19.97
N SER A 352 -23.57 12.67 20.47
CA SER A 352 -22.55 13.69 20.25
C SER A 352 -21.88 13.51 18.90
N HIS A 353 -21.62 14.62 18.22
CA HIS A 353 -20.99 14.60 16.91
C HIS A 353 -20.04 15.78 16.77
N TRP A 354 -18.82 15.50 16.31
CA TRP A 354 -17.91 16.57 15.96
C TRP A 354 -18.38 17.24 14.68
N VAL A 355 -18.32 18.56 14.65
CA VAL A 355 -18.71 19.33 13.47
C VAL A 355 -17.58 20.30 13.16
N ALA A 356 -17.08 20.25 11.94
CA ALA A 356 -16.04 21.18 11.52
C ALA A 356 -16.69 22.38 10.85
N LEU A 357 -16.31 23.57 11.29
CA LEU A 357 -16.79 24.84 10.75
C LEU A 357 -15.72 25.39 9.82
N TYR A 358 -16.01 25.44 8.53
CA TYR A 358 -15.12 26.00 7.52
C TYR A 358 -15.46 27.48 7.31
N PHE A 359 -14.47 28.36 7.50
CA PHE A 359 -14.77 29.79 7.51
C PHE A 359 -13.57 30.58 6.98
N ALA A 360 -13.85 31.77 6.44
CA ALA A 360 -12.85 32.79 6.18
C ALA A 360 -12.98 33.96 7.16
N ASN A 361 -11.84 34.47 7.65
CA ASN A 361 -11.79 35.63 8.54
C ASN A 361 -10.57 36.44 8.13
N GLY A 362 -10.78 37.50 7.35
CA GLY A 362 -9.67 38.30 6.90
C GLY A 362 -9.14 39.34 7.87
N ASP A 363 -9.71 39.46 9.06
CA ASP A 363 -9.15 40.34 10.08
C ASP A 363 -7.79 39.81 10.56
N SER A 364 -7.01 40.70 11.16
CA SER A 364 -5.78 40.23 11.77
C SER A 364 -6.04 39.57 13.12
N THR A 365 -7.25 39.70 13.65
CA THR A 365 -7.66 39.26 14.97
C THR A 365 -8.78 38.23 14.86
N TYR A 366 -9.04 37.54 15.97
CA TYR A 366 -10.06 36.50 16.01
C TYR A 366 -11.46 37.09 15.78
N ARG A 367 -12.35 36.25 15.29
CA ARG A 367 -13.78 36.45 15.43
C ARG A 367 -14.33 35.26 16.23
N ASN A 368 -15.65 35.17 16.34
CA ASN A 368 -16.31 34.01 16.91
C ASN A 368 -17.70 33.94 16.31
N VAL A 369 -18.36 32.80 16.53
CA VAL A 369 -19.69 32.60 15.98
C VAL A 369 -20.54 31.82 16.98
N THR A 370 -21.79 32.23 17.15
CA THR A 370 -22.72 31.44 17.94
C THR A 370 -23.24 30.28 17.12
N VAL A 371 -23.52 29.18 17.80
CA VAL A 371 -23.88 27.92 17.18
C VAL A 371 -24.99 27.33 18.05
N SER A 372 -26.21 27.28 17.52
CA SER A 372 -27.36 26.76 18.21
C SER A 372 -27.91 25.56 17.46
N VAL A 373 -28.16 24.48 18.17
CA VAL A 373 -28.75 23.28 17.62
C VAL A 373 -30.23 23.25 17.96
N ASN A 374 -31.08 23.21 16.93
CA ASN A 374 -32.52 23.01 17.10
C ASN A 374 -33.12 24.04 18.04
N GLY A 375 -32.69 25.30 17.88
CA GLY A 375 -33.15 26.37 18.74
C GLY A 375 -32.59 26.39 20.16
N GLY A 376 -31.80 25.39 20.53
CA GLY A 376 -31.28 25.29 21.87
C GLY A 376 -30.31 26.38 22.23
N PRO A 377 -29.71 26.28 23.42
CA PRO A 377 -28.77 27.32 23.85
C PRO A 377 -27.51 27.29 23.00
N SER A 378 -27.01 28.47 22.67
CA SER A 378 -25.85 28.57 21.79
C SER A 378 -24.54 28.42 22.56
N VAL A 379 -23.53 27.88 21.88
CA VAL A 379 -22.14 27.95 22.32
C VAL A 379 -21.43 28.93 21.40
N LEU A 380 -20.34 29.50 21.91
CA LEU A 380 -19.56 30.49 21.16
C LEU A 380 -18.26 29.83 20.69
N VAL A 381 -18.07 29.76 19.37
CA VAL A 381 -16.93 29.07 18.77
C VAL A 381 -15.94 30.11 18.27
N ASP A 382 -14.69 29.98 18.70
CA ASP A 382 -13.61 30.87 18.28
C ASP A 382 -13.29 30.67 16.81
N GLN A 383 -13.03 31.78 16.11
CA GLN A 383 -12.71 31.77 14.70
C GLN A 383 -11.41 32.56 14.50
N PRO A 384 -10.27 31.89 14.56
CA PRO A 384 -8.99 32.56 14.31
C PRO A 384 -8.97 33.35 13.00
N ASP A 385 -8.08 34.34 12.92
CA ASP A 385 -7.78 34.93 11.63
C ASP A 385 -7.34 33.83 10.68
N SER A 386 -7.97 33.76 9.51
CA SER A 386 -7.72 32.69 8.55
C SER A 386 -6.60 33.00 7.57
N GLY A 387 -6.14 34.25 7.50
CA GLY A 387 -5.12 34.63 6.54
C GLY A 387 -5.64 35.48 5.41
N GLY A 388 -6.94 35.68 5.30
CA GLY A 388 -7.49 36.59 4.31
C GLY A 388 -8.95 36.27 4.05
N GLY A 389 -9.62 37.24 3.40
CA GLY A 389 -11.02 37.06 3.07
C GLY A 389 -11.28 35.93 2.11
N ASN A 390 -10.26 35.50 1.35
CA ASN A 390 -10.39 34.38 0.42
C ASN A 390 -9.73 33.11 0.93
N VAL A 391 -9.42 33.01 2.22
CA VAL A 391 -8.68 31.87 2.76
C VAL A 391 -9.55 31.19 3.81
N VAL A 392 -9.84 29.91 3.60
CA VAL A 392 -10.70 29.15 4.51
C VAL A 392 -9.87 28.16 5.31
N ILE A 393 -10.16 28.09 6.62
CA ILE A 393 -9.66 27.05 7.52
C ILE A 393 -10.85 26.52 8.33
N SER A 394 -10.62 25.49 9.13
CA SER A 394 -11.69 24.90 9.92
C SER A 394 -11.32 24.79 11.39
N VAL A 395 -12.31 24.98 12.26
CA VAL A 395 -12.23 24.72 13.69
C VAL A 395 -13.34 23.75 14.08
N PRO A 396 -13.14 22.86 15.04
CA PRO A 396 -14.16 21.89 15.40
C PRO A 396 -15.03 22.34 16.58
N VAL A 397 -16.25 21.81 16.61
CA VAL A 397 -17.14 21.98 17.74
C VAL A 397 -17.95 20.70 17.89
N LYS A 398 -18.18 20.30 19.14
CA LYS A 398 -18.88 19.07 19.45
C LYS A 398 -20.34 19.40 19.77
N LEU A 399 -21.27 18.91 18.95
CA LEU A 399 -22.68 19.21 19.11
C LEU A 399 -23.47 17.93 19.36
N ASN A 400 -24.47 18.04 20.23
CA ASN A 400 -25.43 16.96 20.45
C ASN A 400 -26.57 17.12 19.45
N LEU A 401 -26.82 16.09 18.67
CA LEU A 401 -27.89 16.09 17.69
C LEU A 401 -28.89 15.00 18.03
N ASN A 402 -30.15 15.21 17.62
CA ASN A 402 -31.17 14.19 17.71
C ASN A 402 -31.13 13.28 16.50
N SER A 403 -31.49 12.02 16.74
CA SER A 403 -31.89 11.11 15.67
C SER A 403 -32.82 11.83 14.68
N GLY A 404 -32.55 11.67 13.39
CA GLY A 404 -33.35 12.29 12.36
C GLY A 404 -32.81 13.62 11.88
N GLU A 405 -33.69 14.54 11.46
CA GLU A 405 -33.28 15.85 10.97
C GLU A 405 -32.97 16.80 12.12
N ASN A 406 -32.01 17.70 11.89
CA ASN A 406 -31.64 18.72 12.86
C ASN A 406 -31.41 20.04 12.13
N SER A 407 -31.43 21.12 12.88
CA SER A 407 -31.09 22.43 12.35
C SER A 407 -29.98 23.02 13.20
N ILE A 408 -29.07 23.73 12.55
CA ILE A 408 -27.95 24.37 13.22
C ILE A 408 -27.93 25.81 12.74
N THR A 409 -28.08 26.75 13.67
CA THR A 409 -28.12 28.17 13.37
C THR A 409 -26.82 28.83 13.79
N PHE A 410 -26.35 29.75 12.97
CA PHE A 410 -25.07 30.42 13.14
C PHE A 410 -25.27 31.92 13.18
N GLY A 411 -24.68 32.59 14.17
CA GLY A 411 -24.66 34.03 14.23
C GLY A 411 -25.79 34.70 14.99
N SER A 412 -26.75 33.95 15.53
CA SER A 412 -27.87 34.60 16.21
C SER A 412 -27.42 35.18 17.54
N GLY A 413 -27.87 36.39 17.84
CA GLY A 413 -27.66 36.95 19.16
C GLY A 413 -26.23 37.35 19.48
N GLN A 414 -25.47 37.79 18.50
CA GLN A 414 -24.15 38.33 18.78
C GLN A 414 -24.05 39.70 18.11
N SER A 415 -23.53 40.68 18.84
CA SER A 415 -23.46 42.02 18.30
C SER A 415 -22.24 42.24 17.40
N ASN A 416 -21.26 41.34 17.44
CA ASN A 416 -20.10 41.43 16.57
C ASN A 416 -20.31 40.59 15.30
N TYR A 417 -19.59 40.96 14.25
CA TYR A 417 -19.60 40.16 13.02
C TYR A 417 -18.84 38.85 13.23
N ALA A 418 -19.50 37.75 12.95
CA ALA A 418 -18.84 36.45 12.87
C ALA A 418 -17.97 36.39 11.61
N ALA A 419 -17.27 35.28 11.45
CA ALA A 419 -16.52 35.09 10.21
C ALA A 419 -17.47 34.64 9.09
N ASP A 420 -16.96 34.65 7.86
CA ASP A 420 -17.75 34.22 6.72
C ASP A 420 -17.80 32.69 6.67
N LEU A 421 -19.00 32.11 6.76
CA LEU A 421 -19.13 30.66 6.92
C LEU A 421 -19.23 30.00 5.54
N ASP A 422 -18.31 29.09 5.26
CA ASP A 422 -18.22 28.48 3.94
C ASP A 422 -19.10 27.24 3.86
N LYS A 423 -18.86 26.29 4.74
CA LYS A 423 -19.62 25.06 4.84
C LYS A 423 -19.31 24.46 6.20
N ILE A 424 -20.00 23.36 6.52
CA ILE A 424 -19.74 22.57 7.70
C ILE A 424 -19.69 21.11 7.28
N ILE A 425 -19.00 20.31 8.09
CA ILE A 425 -18.95 18.87 7.90
C ILE A 425 -19.31 18.21 9.22
N VAL A 426 -20.32 17.35 9.18
CA VAL A 426 -20.81 16.65 10.36
C VAL A 426 -20.20 15.26 10.35
N TYR A 427 -19.42 14.95 11.39
CA TYR A 427 -18.71 13.67 11.46
C TYR A 427 -19.40 12.71 12.39
N ASN B 1 11.14 2.21 -22.76
CA ASN B 1 10.57 1.59 -21.58
C ASN B 1 10.23 2.62 -20.49
N GLN B 2 10.84 3.81 -20.57
CA GLN B 2 10.74 4.82 -19.55
C GLN B 2 10.08 6.08 -20.11
N ILE B 3 9.31 6.73 -19.26
CA ILE B 3 8.57 7.94 -19.62
C ILE B 3 9.43 9.15 -19.24
N VAL B 4 9.83 9.93 -20.23
CA VAL B 4 10.82 10.98 -20.02
C VAL B 4 10.23 12.31 -20.50
N SER B 5 9.65 13.05 -19.58
CA SER B 5 8.92 14.26 -19.94
C SER B 5 9.85 15.31 -20.51
N GLY B 6 9.43 15.95 -21.60
CA GLY B 6 10.19 16.99 -22.24
C GLY B 6 11.10 16.49 -23.35
N ALA B 7 11.37 15.19 -23.39
CA ALA B 7 12.13 14.62 -24.49
C ALA B 7 11.26 14.60 -25.75
N ALA B 8 11.92 14.47 -26.90
CA ALA B 8 11.21 14.26 -28.16
C ALA B 8 10.83 12.78 -28.24
N TRP B 9 9.53 12.49 -28.21
CA TRP B 9 9.03 11.11 -28.22
C TRP B 9 8.77 10.65 -29.64
N THR B 10 9.17 9.42 -29.94
CA THR B 10 8.96 8.86 -31.26
C THR B 10 8.19 7.56 -31.20
N ASP B 11 7.38 7.33 -32.25
CA ASP B 11 6.68 6.06 -32.44
C ASP B 11 7.66 4.98 -32.92
N THR B 12 7.11 3.78 -33.17
CA THR B 12 7.93 2.63 -33.55
C THR B 12 8.55 2.80 -34.93
N ALA B 13 7.97 3.65 -35.78
CA ALA B 13 8.56 3.99 -37.06
C ALA B 13 9.62 5.08 -36.96
N GLY B 14 10.04 5.48 -35.75
CA GLY B 14 11.04 6.52 -35.60
C GLY B 14 10.56 7.94 -35.84
N ASN B 15 9.27 8.16 -36.08
CA ASN B 15 8.73 9.50 -36.27
C ASN B 15 8.26 10.12 -34.96
N THR B 16 8.44 11.42 -34.85
CA THR B 16 7.99 12.18 -33.70
C THR B 16 6.48 12.02 -33.52
N ILE B 17 6.06 11.67 -32.30
CA ILE B 17 4.64 11.44 -32.04
C ILE B 17 3.89 12.76 -32.14
N GLN B 18 2.74 12.75 -32.83
CA GLN B 18 1.93 13.94 -33.04
C GLN B 18 0.52 13.70 -32.51
N ALA B 19 0.35 13.88 -31.20
CA ALA B 19 -0.93 13.59 -30.57
C ALA B 19 -1.12 14.52 -29.37
N HIS B 20 -1.14 15.82 -29.64
CA HIS B 20 -1.34 16.83 -28.60
C HIS B 20 -2.81 16.89 -28.17
N GLY B 21 -3.03 17.34 -26.94
CA GLY B 21 -4.38 17.39 -26.39
C GLY B 21 -4.94 15.99 -26.24
N ALA B 22 -4.16 15.12 -25.60
CA ALA B 22 -4.38 13.68 -25.63
C ALA B 22 -5.78 13.26 -25.20
N GLY B 23 -6.28 12.22 -25.85
CA GLY B 23 -7.34 11.39 -25.29
C GLY B 23 -6.92 9.93 -25.31
N ILE B 24 -7.24 9.22 -24.23
CA ILE B 24 -6.84 7.83 -24.08
C ILE B 24 -8.07 6.95 -23.98
N LEU B 25 -7.93 5.70 -24.39
CA LEU B 25 -8.99 4.71 -24.40
C LEU B 25 -8.34 3.33 -24.32
N GLN B 26 -9.00 2.40 -23.63
CA GLN B 26 -8.48 1.03 -23.55
C GLN B 26 -9.52 0.03 -24.04
N VAL B 27 -9.09 -0.89 -24.91
CA VAL B 27 -9.95 -1.96 -25.40
C VAL B 27 -9.20 -3.26 -25.18
N GLY B 28 -9.79 -4.17 -24.40
CA GLY B 28 -9.05 -5.33 -23.93
C GLY B 28 -7.72 -4.90 -23.36
N SER B 29 -6.62 -5.41 -23.90
CA SER B 29 -5.30 -5.07 -23.40
C SER B 29 -4.58 -4.02 -24.24
N THR B 30 -5.30 -3.30 -25.10
CA THR B 30 -4.70 -2.33 -26.01
C THR B 30 -5.03 -0.91 -25.58
N PHE B 31 -4.01 -0.05 -25.55
CA PHE B 31 -4.21 1.36 -25.27
C PHE B 31 -4.18 2.15 -26.57
N TYR B 32 -5.16 3.05 -26.72
CA TYR B 32 -5.25 3.98 -27.82
C TYR B 32 -5.00 5.39 -27.31
N TRP B 33 -4.23 6.14 -28.09
CA TRP B 33 -3.91 7.53 -27.78
C TRP B 33 -4.26 8.33 -29.02
N PHE B 34 -5.29 9.15 -28.91
CA PHE B 34 -5.71 10.08 -29.97
C PHE B 34 -5.17 11.47 -29.67
N GLY B 35 -4.94 12.26 -30.72
CA GLY B 35 -4.55 13.63 -30.46
C GLY B 35 -4.48 14.44 -31.73
N GLU B 36 -4.14 15.72 -31.55
CA GLU B 36 -4.03 16.63 -32.66
C GLU B 36 -2.68 16.44 -33.34
N ASP B 37 -2.70 16.24 -34.65
CA ASP B 37 -1.48 16.22 -35.44
C ASP B 37 -1.11 17.67 -35.76
N LYS B 38 0.02 18.12 -35.24
CA LYS B 38 0.48 19.50 -35.45
C LYS B 38 1.80 19.54 -36.21
N SER B 39 2.11 18.48 -36.96
CA SER B 39 3.38 18.42 -37.68
C SER B 39 3.51 19.50 -38.76
N HIS B 40 2.44 20.24 -39.05
CA HIS B 40 2.50 21.40 -39.92
C HIS B 40 2.75 22.70 -39.15
N ASN B 41 2.86 22.63 -37.83
CA ASN B 41 3.19 23.77 -36.96
C ASN B 41 2.11 24.84 -36.99
N SER B 42 0.88 24.43 -37.22
CA SER B 42 -0.27 25.32 -37.23
C SER B 42 -1.32 24.84 -36.24
N ALA B 43 -2.12 25.78 -35.76
CA ALA B 43 -3.27 25.49 -34.91
C ALA B 43 -4.50 25.06 -35.70
N LEU B 44 -4.40 24.93 -37.02
CA LEU B 44 -5.53 24.54 -37.84
C LEU B 44 -5.50 23.03 -38.09
N PHE B 45 -6.67 22.49 -38.42
CA PHE B 45 -6.86 21.05 -38.45
C PHE B 45 -6.07 20.39 -39.56
N LYS B 46 -5.22 19.44 -39.18
CA LYS B 46 -4.60 18.50 -40.11
C LYS B 46 -5.11 17.08 -39.90
N ALA B 47 -5.19 16.62 -38.64
CA ALA B 47 -5.63 15.25 -38.37
C ALA B 47 -5.85 15.07 -36.88
N VAL B 48 -6.70 14.10 -36.56
CA VAL B 48 -6.70 13.44 -35.27
C VAL B 48 -5.93 12.15 -35.50
N SER B 49 -4.75 12.05 -34.89
CA SER B 49 -3.95 10.85 -35.04
C SER B 49 -4.45 9.75 -34.11
N CYS B 50 -3.85 8.58 -34.25
CA CYS B 50 -4.26 7.39 -33.49
C CYS B 50 -2.99 6.59 -33.27
N TYR B 51 -2.59 6.38 -32.01
CA TYR B 51 -1.45 5.52 -31.71
C TYR B 51 -1.86 4.41 -30.75
N THR B 52 -1.29 3.23 -30.91
CA THR B 52 -1.59 2.10 -30.06
C THR B 52 -0.33 1.64 -29.31
N SER B 53 -0.55 1.02 -28.16
CA SER B 53 0.51 0.35 -27.44
C SER B 53 -0.10 -0.69 -26.52
N SER B 54 0.74 -1.57 -26.00
CA SER B 54 0.33 -2.50 -24.97
C SER B 54 0.83 -2.09 -23.59
N ASP B 55 1.62 -1.01 -23.49
CA ASP B 55 2.28 -0.68 -22.23
C ASP B 55 2.40 0.81 -21.99
N LEU B 56 1.75 1.66 -22.81
CA LEU B 56 1.72 3.12 -22.67
C LEU B 56 3.05 3.79 -22.96
N VAL B 57 4.05 3.07 -23.46
CA VAL B 57 5.33 3.75 -23.64
C VAL B 57 5.85 3.52 -25.07
N ASN B 58 5.52 2.37 -25.66
CA ASN B 58 6.00 2.01 -26.98
C ASN B 58 4.84 2.06 -27.97
N TRP B 59 4.70 3.21 -28.64
CA TRP B 59 3.51 3.54 -29.40
C TRP B 59 3.72 3.34 -30.90
N SER B 60 2.70 2.79 -31.56
CA SER B 60 2.70 2.57 -32.99
C SER B 60 1.65 3.48 -33.62
N ARG B 61 2.04 4.22 -34.63
CA ARG B 61 1.08 5.08 -35.32
C ARG B 61 0.16 4.21 -36.18
N GLN B 62 -1.13 4.43 -36.06
CA GLN B 62 -2.11 3.80 -36.93
C GLN B 62 -2.62 4.84 -37.91
N ASN B 63 -3.64 4.46 -38.68
CA ASN B 63 -4.31 5.39 -39.57
C ASN B 63 -4.87 6.56 -38.77
N ASP B 64 -4.91 7.72 -39.39
CA ASP B 64 -5.57 8.86 -38.75
C ASP B 64 -7.02 8.51 -38.46
N ALA B 65 -7.47 8.84 -37.23
CA ALA B 65 -8.85 8.59 -36.84
C ALA B 65 -9.82 9.60 -37.42
N LEU B 66 -9.36 10.80 -37.76
CA LEU B 66 -10.26 11.83 -38.28
C LEU B 66 -9.46 12.72 -39.20
N SER B 67 -10.00 13.00 -40.37
CA SER B 67 -9.31 13.70 -41.44
C SER B 67 -10.16 14.87 -41.89
N PRO B 68 -9.56 15.89 -42.50
CA PRO B 68 -10.34 17.08 -42.89
C PRO B 68 -11.32 16.79 -44.02
N ILE B 69 -12.36 17.60 -44.07
CA ILE B 69 -13.38 17.53 -45.14
C ILE B 69 -13.62 18.95 -45.60
N ALA B 70 -13.23 19.25 -46.84
CA ALA B 70 -13.49 20.56 -47.43
C ALA B 70 -14.98 20.87 -47.42
N GLY B 71 -15.32 22.14 -47.20
CA GLY B 71 -16.69 22.58 -47.13
C GLY B 71 -17.34 22.46 -45.77
N THR B 72 -16.84 21.56 -44.91
CA THR B 72 -17.43 21.34 -43.60
C THR B 72 -16.70 22.16 -42.54
N MET B 73 -17.18 22.06 -41.30
CA MET B 73 -16.50 22.71 -40.19
C MET B 73 -15.22 21.97 -39.77
N ILE B 74 -14.93 20.80 -40.30
CA ILE B 74 -13.62 20.20 -40.05
C ILE B 74 -12.78 20.29 -41.32
N SER B 75 -12.84 21.44 -41.98
CA SER B 75 -11.91 21.78 -43.05
C SER B 75 -10.53 22.12 -42.48
N THR B 76 -9.52 22.15 -43.36
CA THR B 76 -8.17 22.58 -42.99
C THR B 76 -8.10 24.07 -42.62
N SER B 77 -9.22 24.80 -42.67
CA SER B 77 -9.28 26.19 -42.22
C SER B 77 -9.92 26.33 -40.85
N ASN B 78 -10.31 25.22 -40.23
CA ASN B 78 -10.95 25.27 -38.93
C ASN B 78 -10.05 24.61 -37.88
N VAL B 79 -10.55 24.58 -36.66
CA VAL B 79 -9.82 24.05 -35.51
C VAL B 79 -10.53 22.80 -35.01
N VAL B 80 -9.76 21.74 -34.79
CA VAL B 80 -10.20 20.53 -34.10
C VAL B 80 -9.22 20.32 -32.95
N GLU B 81 -9.70 20.39 -31.71
CA GLU B 81 -8.81 20.29 -30.56
C GLU B 81 -9.32 19.28 -29.55
N ARG B 82 -8.37 18.69 -28.83
CA ARG B 82 -8.63 17.88 -27.65
C ARG B 82 -9.66 16.76 -27.91
N PRO B 83 -9.38 15.87 -28.85
CA PRO B 83 -10.30 14.76 -29.10
C PRO B 83 -10.37 13.83 -27.90
N LYS B 84 -11.57 13.32 -27.62
CA LYS B 84 -11.82 12.34 -26.58
C LYS B 84 -12.72 11.25 -27.16
N VAL B 85 -12.47 10.01 -26.77
CA VAL B 85 -13.18 8.86 -27.33
C VAL B 85 -13.64 7.96 -26.19
N ILE B 86 -14.94 7.66 -26.15
CA ILE B 86 -15.44 6.64 -25.23
C ILE B 86 -16.26 5.62 -26.02
N PHE B 87 -16.37 4.42 -25.44
CA PHE B 87 -17.08 3.29 -26.02
C PHE B 87 -18.50 3.21 -25.44
N ASN B 88 -19.48 3.15 -26.33
CA ASN B 88 -20.89 3.07 -25.98
C ASN B 88 -21.32 1.61 -26.01
N GLN B 89 -21.69 1.06 -24.85
CA GLN B 89 -22.01 -0.36 -24.79
C GLN B 89 -23.30 -0.67 -25.55
N LYS B 90 -24.29 0.22 -25.45
CA LYS B 90 -25.59 -0.04 -26.07
C LYS B 90 -25.45 -0.21 -27.58
N ASN B 91 -24.72 0.68 -28.24
CA ASN B 91 -24.61 0.67 -29.69
C ASN B 91 -23.36 -0.05 -30.19
N SER B 92 -22.53 -0.53 -29.27
CA SER B 92 -21.25 -1.19 -29.58
C SER B 92 -20.38 -0.31 -30.48
N GLU B 93 -20.26 0.97 -30.09
CA GLU B 93 -19.78 2.02 -30.97
C GLU B 93 -18.84 2.96 -30.23
N TYR B 94 -17.86 3.49 -30.96
CA TYR B 94 -16.89 4.46 -30.42
C TYR B 94 -17.31 5.86 -30.82
N VAL B 95 -17.32 6.77 -29.85
CA VAL B 95 -17.82 8.13 -30.07
C VAL B 95 -16.72 9.12 -29.72
N MET B 96 -16.30 9.89 -30.71
CA MET B 96 -15.32 10.94 -30.48
C MET B 96 -16.00 12.28 -30.32
N TRP B 97 -15.51 13.06 -29.35
CA TRP B 97 -15.90 14.45 -29.15
C TRP B 97 -14.67 15.33 -29.27
N PHE B 98 -14.86 16.58 -29.68
CA PHE B 98 -13.72 17.47 -29.79
C PHE B 98 -14.21 18.91 -29.81
N HIS B 99 -13.31 19.79 -29.40
CA HIS B 99 -13.53 21.21 -29.59
C HIS B 99 -13.47 21.52 -31.08
N SER B 100 -14.57 22.08 -31.61
CA SER B 100 -14.69 22.43 -33.02
C SER B 100 -14.82 23.93 -33.10
N ASP B 101 -13.96 24.58 -33.88
CA ASP B 101 -13.98 26.03 -33.84
C ASP B 101 -13.48 26.61 -35.16
N SER B 102 -13.71 27.90 -35.30
CA SER B 102 -13.08 28.70 -36.32
C SER B 102 -11.72 29.15 -35.82
N SER B 103 -10.89 29.65 -36.76
CA SER B 103 -9.49 29.93 -36.46
C SER B 103 -9.30 31.04 -35.42
N ASN B 104 -10.30 31.89 -35.20
CA ASN B 104 -10.21 32.89 -34.14
C ASN B 104 -10.97 32.46 -32.89
N TYR B 105 -11.42 31.21 -32.83
CA TYR B 105 -12.14 30.68 -31.68
C TYR B 105 -13.46 31.42 -31.43
N GLY B 106 -14.03 31.99 -32.49
CA GLY B 106 -15.28 32.72 -32.38
C GLY B 106 -16.52 31.84 -32.49
N ALA B 107 -16.40 30.67 -33.11
CA ALA B 107 -17.57 29.79 -33.27
C ALA B 107 -17.92 29.06 -31.97
N ALA B 108 -16.92 28.49 -31.27
CA ALA B 108 -17.11 27.87 -29.95
C ALA B 108 -18.10 26.69 -29.99
N MET B 109 -17.71 25.65 -30.71
CA MET B 109 -18.60 24.50 -30.89
C MET B 109 -17.94 23.21 -30.42
N VAL B 110 -18.77 22.17 -30.29
CA VAL B 110 -18.32 20.79 -30.14
C VAL B 110 -18.58 20.06 -31.46
N GLY B 111 -17.76 19.06 -31.74
CA GLY B 111 -17.98 18.19 -32.87
C GLY B 111 -18.02 16.74 -32.40
N VAL B 112 -18.74 15.92 -33.16
CA VAL B 112 -18.96 14.51 -32.81
C VAL B 112 -18.64 13.65 -34.03
N ALA B 113 -18.16 12.44 -33.77
CA ALA B 113 -17.81 11.49 -34.83
C ALA B 113 -17.84 10.09 -34.25
N THR B 114 -18.20 9.11 -35.09
CA THR B 114 -18.38 7.73 -34.63
C THR B 114 -17.62 6.76 -35.51
N ALA B 115 -17.31 5.60 -34.93
CA ALA B 115 -16.64 4.51 -35.61
C ALA B 115 -16.97 3.21 -34.88
N LYS B 116 -16.84 2.11 -35.61
CA LYS B 116 -17.07 0.77 -35.07
C LYS B 116 -15.79 0.09 -34.62
N THR B 117 -14.63 0.68 -34.89
CA THR B 117 -13.35 0.19 -34.44
C THR B 117 -12.60 1.32 -33.77
N PRO B 118 -11.68 1.02 -32.85
CA PRO B 118 -11.08 2.10 -32.04
C PRO B 118 -10.40 3.19 -32.86
N CYS B 119 -9.51 2.82 -33.79
CA CYS B 119 -8.82 3.83 -34.60
C CYS B 119 -9.65 4.32 -35.78
N GLY B 120 -10.85 3.78 -35.98
CA GLY B 120 -11.72 4.23 -37.03
C GLY B 120 -11.30 3.77 -38.42
N PRO B 121 -11.35 4.67 -39.43
CA PRO B 121 -11.62 6.11 -39.34
C PRO B 121 -13.05 6.46 -38.89
N TYR B 122 -13.17 7.65 -38.31
CA TYR B 122 -14.40 8.10 -37.69
C TYR B 122 -15.20 8.91 -38.70
N THR B 123 -16.52 8.87 -38.55
CA THR B 123 -17.42 9.61 -39.43
C THR B 123 -17.98 10.82 -38.70
N TYR B 124 -17.63 12.01 -39.21
CA TYR B 124 -18.05 13.28 -38.61
C TYR B 124 -19.57 13.46 -38.66
N LYS B 125 -20.16 13.78 -37.51
CA LYS B 125 -21.61 13.96 -37.42
C LYS B 125 -22.02 15.42 -37.36
N GLY B 126 -21.07 16.34 -37.37
CA GLY B 126 -21.43 17.74 -37.33
C GLY B 126 -21.02 18.38 -36.02
N SER B 127 -21.00 19.71 -36.03
CA SER B 127 -20.64 20.52 -34.89
C SER B 127 -21.82 21.37 -34.46
N PHE B 128 -21.90 21.67 -33.17
CA PHE B 128 -23.00 22.44 -32.64
C PHE B 128 -22.58 23.11 -31.32
N LYS B 129 -23.46 23.98 -30.82
CA LYS B 129 -23.27 24.62 -29.51
C LYS B 129 -24.09 23.89 -28.46
N PRO B 130 -23.46 23.26 -27.46
CA PRO B 130 -24.20 22.43 -26.50
C PRO B 130 -25.22 23.21 -25.67
N LEU B 131 -26.50 22.85 -25.82
CA LEU B 131 -27.62 23.57 -25.21
C LEU B 131 -27.62 25.06 -25.59
N GLY B 132 -27.15 25.38 -26.79
CA GLY B 132 -27.13 26.76 -27.25
C GLY B 132 -26.00 27.65 -26.73
N ALA B 133 -25.09 27.15 -25.92
CA ALA B 133 -24.03 27.98 -25.33
C ALA B 133 -22.67 27.62 -25.91
N ASP B 134 -21.69 28.48 -25.59
CA ASP B 134 -20.30 28.30 -26.02
C ASP B 134 -19.71 27.02 -25.45
N SER B 135 -18.80 26.43 -26.22
CA SER B 135 -17.96 25.34 -25.76
C SER B 135 -16.60 25.49 -26.42
N ARG B 136 -15.55 25.66 -25.63
CA ARG B 136 -14.22 25.71 -26.20
C ARG B 136 -13.39 24.54 -25.68
N ASP B 137 -12.45 24.77 -24.77
CA ASP B 137 -11.75 23.65 -24.14
C ASP B 137 -12.76 22.71 -23.49
N GLU B 138 -12.55 21.41 -23.69
CA GLU B 138 -13.57 20.46 -23.28
C GLU B 138 -12.95 19.10 -23.02
N SER B 139 -13.69 18.26 -22.32
CA SER B 139 -13.34 16.86 -22.26
C SER B 139 -14.62 16.08 -22.00
N ILE B 140 -14.51 14.76 -21.97
CA ILE B 140 -15.62 13.85 -21.80
C ILE B 140 -15.33 12.98 -20.59
N PHE B 141 -16.36 12.67 -19.81
CA PHE B 141 -16.25 11.78 -18.66
C PHE B 141 -17.38 10.77 -18.68
N GLN B 142 -17.03 9.50 -18.52
CA GLN B 142 -17.97 8.39 -18.48
C GLN B 142 -17.99 7.85 -17.07
N ASP B 143 -19.14 7.98 -16.40
CA ASP B 143 -19.27 7.47 -15.04
C ASP B 143 -19.37 5.95 -15.05
N ASP B 144 -19.21 5.35 -13.87
CA ASP B 144 -19.29 3.91 -13.71
C ASP B 144 -20.61 3.47 -13.06
N ASP B 145 -21.66 4.27 -13.21
CA ASP B 145 -23.01 3.77 -12.96
C ASP B 145 -23.40 2.75 -14.03
N SER B 146 -24.44 1.98 -13.76
CA SER B 146 -24.75 0.90 -14.69
C SER B 146 -25.24 1.44 -16.03
N ALA B 147 -25.86 2.61 -16.02
CA ALA B 147 -26.21 3.28 -17.27
C ALA B 147 -24.99 3.77 -18.03
N GLN B 148 -23.82 3.83 -17.39
CA GLN B 148 -22.62 4.43 -17.95
C GLN B 148 -22.89 5.84 -18.50
N THR B 149 -23.46 6.69 -17.64
CA THR B 149 -23.76 8.07 -18.01
C THR B 149 -22.48 8.84 -18.36
N ALA B 150 -22.50 9.53 -19.50
CA ALA B 150 -21.35 10.32 -19.93
C ALA B 150 -21.66 11.81 -19.85
N TYR B 151 -20.59 12.61 -19.76
CA TYR B 151 -20.72 14.04 -19.54
C TYR B 151 -19.70 14.81 -20.37
N LEU B 152 -20.11 15.97 -20.85
CA LEU B 152 -19.20 16.96 -21.40
C LEU B 152 -18.78 17.92 -20.30
N LEU B 153 -17.48 18.17 -20.21
CA LEU B 153 -16.89 19.18 -19.34
C LEU B 153 -16.35 20.29 -20.22
N TYR B 154 -16.75 21.53 -19.99
CA TYR B 154 -16.41 22.51 -21.01
C TYR B 154 -16.39 23.92 -20.46
N ALA B 155 -15.49 24.71 -21.05
CA ALA B 155 -15.46 26.15 -20.87
C ALA B 155 -16.54 26.80 -21.74
N SER B 156 -17.47 27.50 -21.11
CA SER B 156 -18.58 28.16 -21.79
C SER B 156 -18.54 29.67 -21.52
N ASP B 157 -19.50 30.38 -22.14
CA ASP B 157 -19.76 31.81 -21.91
C ASP B 157 -18.48 32.63 -21.98
N ASN B 158 -17.83 32.58 -23.15
CA ASN B 158 -16.58 33.31 -23.40
C ASN B 158 -15.51 32.92 -22.39
N ASN B 159 -15.42 31.63 -22.10
CA ASN B 159 -14.48 30.99 -21.18
C ASN B 159 -14.72 31.36 -19.73
N GLN B 160 -15.75 32.16 -19.42
CA GLN B 160 -15.89 32.62 -18.03
C GLN B 160 -16.47 31.55 -17.13
N ASN B 161 -17.40 30.73 -17.64
CA ASN B 161 -18.20 29.84 -16.81
C ASN B 161 -17.91 28.40 -17.22
N PHE B 162 -17.55 27.57 -16.24
CA PHE B 162 -17.23 26.18 -16.49
C PHE B 162 -18.43 25.29 -16.20
N LYS B 163 -18.78 24.45 -17.16
CA LYS B 163 -20.01 23.67 -17.09
C LYS B 163 -19.72 22.18 -17.23
N ILE B 164 -20.57 21.39 -16.57
CA ILE B 164 -20.64 19.94 -16.73
C ILE B 164 -22.07 19.61 -17.11
N SER B 165 -22.24 18.83 -18.19
CA SER B 165 -23.54 18.57 -18.78
C SER B 165 -23.63 17.12 -19.24
N ARG B 166 -24.79 16.52 -19.01
CA ARG B 166 -25.00 15.11 -19.28
C ARG B 166 -25.22 14.88 -20.78
N LEU B 167 -24.75 13.74 -21.26
CA LEU B 167 -25.00 13.32 -22.63
C LEU B 167 -26.20 12.37 -22.69
N ASP B 168 -26.81 12.28 -23.87
CA ASP B 168 -27.89 11.30 -24.06
C ASP B 168 -27.31 9.89 -24.08
N ALA B 169 -28.22 8.90 -24.17
CA ALA B 169 -27.84 7.49 -24.09
C ALA B 169 -26.97 7.01 -25.26
N ASN B 170 -26.93 7.78 -26.35
CA ASN B 170 -26.05 7.44 -27.46
C ASN B 170 -24.68 8.09 -27.37
N TYR B 171 -24.52 9.07 -26.47
CA TYR B 171 -23.38 9.99 -26.45
C TYR B 171 -23.32 10.83 -27.72
N TYR B 172 -24.47 11.15 -28.31
CA TYR B 172 -24.45 11.96 -29.53
C TYR B 172 -24.74 13.43 -29.28
N ASN B 173 -25.29 13.76 -28.12
CA ASN B 173 -25.72 15.12 -27.88
C ASN B 173 -25.79 15.35 -26.38
N VAL B 174 -25.78 16.64 -26.02
CA VAL B 174 -25.92 17.09 -24.64
C VAL B 174 -27.39 17.37 -24.37
N THR B 175 -27.89 16.84 -23.25
CA THR B 175 -29.30 16.97 -22.92
C THR B 175 -29.61 17.82 -21.70
N ALA B 176 -28.69 17.98 -20.75
CA ALA B 176 -29.00 18.74 -19.54
C ALA B 176 -27.73 19.22 -18.84
N GLN B 177 -27.76 20.46 -18.35
CA GLN B 177 -26.67 21.00 -17.54
C GLN B 177 -26.77 20.50 -16.11
N VAL B 178 -25.63 20.11 -15.54
CA VAL B 178 -25.59 19.44 -14.25
C VAL B 178 -24.88 20.30 -13.19
N SER B 179 -23.83 21.01 -13.56
CA SER B 179 -23.28 22.01 -12.66
C SER B 179 -22.63 23.11 -13.50
N VAL B 180 -22.47 24.27 -12.89
CA VAL B 180 -21.74 25.36 -13.51
C VAL B 180 -20.91 26.04 -12.43
N MET B 181 -19.70 26.46 -12.79
CA MET B 181 -18.85 27.27 -11.90
C MET B 181 -18.70 28.64 -12.57
N ASN B 182 -19.41 29.63 -12.04
CA ASN B 182 -19.48 30.92 -12.70
C ASN B 182 -18.24 31.75 -12.40
N GLY B 183 -17.65 32.32 -13.45
CA GLY B 183 -16.45 33.10 -13.26
C GLY B 183 -15.23 32.30 -12.87
N ALA B 184 -15.23 30.99 -13.09
CA ALA B 184 -14.07 30.19 -12.74
C ALA B 184 -12.95 30.24 -13.79
N THR B 185 -13.24 30.66 -15.02
CA THR B 185 -12.26 30.72 -16.11
C THR B 185 -11.34 29.48 -16.15
N LEU B 186 -11.96 28.31 -16.24
CA LEU B 186 -11.21 27.07 -16.35
C LEU B 186 -11.10 26.61 -17.80
N ALA B 187 -9.97 25.98 -18.12
CA ALA B 187 -9.75 25.31 -19.39
C ALA B 187 -9.11 23.96 -19.11
N ALA B 188 -8.85 23.24 -20.20
CA ALA B 188 -8.14 21.95 -20.18
C ALA B 188 -8.62 20.97 -19.10
N PRO B 189 -9.90 20.60 -19.09
CA PRO B 189 -10.41 19.76 -18.01
C PRO B 189 -10.16 18.28 -18.24
N GLY B 190 -10.19 17.55 -17.13
CA GLY B 190 -10.37 16.11 -17.09
C GLY B 190 -10.87 15.74 -15.71
N ILE B 191 -11.56 14.60 -15.62
CA ILE B 191 -12.04 14.11 -14.33
C ILE B 191 -11.53 12.70 -14.08
N VAL B 192 -11.10 12.44 -12.86
CA VAL B 192 -10.72 11.12 -12.37
C VAL B 192 -11.58 10.82 -11.15
N LYS B 193 -12.14 9.62 -11.11
CA LYS B 193 -12.93 9.18 -9.96
C LYS B 193 -12.03 8.37 -9.02
N HIS B 194 -12.14 8.64 -7.71
CA HIS B 194 -11.23 8.06 -6.74
C HIS B 194 -11.99 7.89 -5.41
N ASN B 195 -12.11 6.65 -4.95
CA ASN B 195 -12.85 6.34 -3.73
C ASN B 195 -14.28 6.87 -3.79
N GLY B 196 -14.90 6.83 -4.97
CA GLY B 196 -16.25 7.36 -5.08
C GLY B 196 -16.38 8.86 -5.14
N GLU B 197 -15.27 9.61 -5.09
CA GLU B 197 -15.26 11.06 -5.24
C GLU B 197 -14.79 11.44 -6.64
N TYR B 198 -15.40 12.46 -7.22
CA TYR B 198 -14.95 13.02 -8.49
C TYR B 198 -13.89 14.10 -8.27
N PHE B 199 -12.78 14.00 -9.01
CA PHE B 199 -11.71 14.97 -8.98
C PHE B 199 -11.60 15.61 -10.35
N LEU B 200 -11.82 16.91 -10.42
CA LEU B 200 -11.69 17.68 -11.64
C LEU B 200 -10.29 18.27 -11.67
N ILE B 201 -9.53 17.97 -12.73
CA ILE B 201 -8.23 18.60 -12.98
C ILE B 201 -8.45 19.62 -14.09
N ALA B 202 -7.92 20.84 -13.91
CA ALA B 202 -8.11 21.90 -14.90
C ALA B 202 -7.05 22.97 -14.76
N SER B 203 -6.84 23.71 -15.84
CA SER B 203 -6.01 24.90 -15.87
C SER B 203 -6.89 26.14 -15.87
N HIS B 204 -6.26 27.30 -15.71
CA HIS B 204 -6.93 28.56 -15.99
C HIS B 204 -6.66 28.98 -17.43
N THR B 205 -7.20 30.14 -17.83
CA THR B 205 -7.15 30.60 -19.21
C THR B 205 -6.00 31.60 -19.37
N SER B 206 -4.96 31.22 -20.11
CA SER B 206 -3.84 32.13 -20.29
C SER B 206 -3.18 31.93 -21.65
N GLY B 207 -3.99 31.65 -22.67
CA GLY B 207 -3.41 31.44 -23.99
C GLY B 207 -2.51 30.23 -24.00
N TRP B 208 -1.42 30.31 -24.79
CA TRP B 208 -0.45 29.22 -24.85
C TRP B 208 0.40 29.14 -23.58
N ALA B 209 0.43 30.19 -22.78
CA ALA B 209 1.30 30.21 -21.62
C ALA B 209 0.77 29.28 -20.55
N PRO B 210 1.66 28.57 -19.83
CA PRO B 210 1.22 27.66 -18.78
C PRO B 210 0.87 28.41 -17.51
N ASN B 211 0.11 27.76 -16.65
CA ASN B 211 -0.29 28.36 -15.39
C ASN B 211 -0.48 27.24 -14.37
N PRO B 212 -0.59 27.58 -13.08
CA PRO B 212 -0.73 26.52 -12.07
C PRO B 212 -2.03 25.74 -12.20
N ASN B 213 -1.98 24.48 -12.62
CA ASN B 213 -3.19 23.68 -12.78
C ASN B 213 -3.72 23.26 -11.42
N LYS B 214 -5.06 23.15 -11.31
CA LYS B 214 -5.74 22.96 -10.04
C LYS B 214 -6.53 21.66 -10.00
N TRP B 215 -6.86 21.21 -8.79
CA TRP B 215 -7.81 20.13 -8.61
C TRP B 215 -8.97 20.60 -7.75
N PHE B 216 -10.13 19.99 -8.00
CA PHE B 216 -11.39 20.26 -7.34
C PHE B 216 -12.04 18.92 -7.07
N SER B 217 -12.73 18.79 -5.93
CA SER B 217 -13.39 17.51 -5.68
C SER B 217 -14.86 17.71 -5.32
N ALA B 218 -15.65 16.68 -5.63
CA ALA B 218 -17.08 16.70 -5.36
C ALA B 218 -17.58 15.27 -5.22
N SER B 219 -18.64 15.13 -4.41
CA SER B 219 -19.36 13.89 -4.21
C SER B 219 -20.28 13.57 -5.38
N SER B 220 -20.59 14.56 -6.19
CA SER B 220 -21.52 14.41 -7.30
C SER B 220 -21.05 15.35 -8.39
N LEU B 221 -21.28 14.97 -9.66
CA LEU B 221 -20.93 15.88 -10.74
C LEU B 221 -21.77 17.15 -10.72
N ALA B 222 -22.88 17.16 -9.99
CA ALA B 222 -23.63 18.39 -9.80
C ALA B 222 -22.93 19.34 -8.84
N GLY B 223 -21.86 18.90 -8.18
CA GLY B 223 -21.27 19.69 -7.14
C GLY B 223 -22.00 19.50 -5.83
N PRO B 224 -21.71 20.36 -4.84
CA PRO B 224 -20.75 21.47 -4.91
C PRO B 224 -19.30 21.01 -5.01
N TRP B 225 -18.48 21.77 -5.74
CA TRP B 225 -17.06 21.49 -5.92
C TRP B 225 -16.24 22.23 -4.86
N SER B 226 -15.21 21.56 -4.35
CA SER B 226 -14.30 22.18 -3.39
C SER B 226 -13.51 23.32 -4.04
N ALA B 227 -12.93 24.17 -3.19
CA ALA B 227 -12.11 25.26 -3.69
C ALA B 227 -10.85 24.72 -4.37
N GLN B 228 -10.40 25.39 -5.43
CA GLN B 228 -9.22 24.99 -6.18
C GLN B 228 -8.00 24.82 -5.27
N GLN B 229 -7.24 23.76 -5.50
CA GLN B 229 -5.94 23.58 -4.87
C GLN B 229 -4.91 23.18 -5.93
N ASP B 230 -3.63 23.46 -5.65
CA ASP B 230 -2.55 23.21 -6.61
C ASP B 230 -2.20 21.72 -6.69
N ILE B 231 -1.94 21.24 -7.92
CA ILE B 231 -1.38 19.89 -8.07
C ILE B 231 0.15 19.89 -8.15
N ALA B 232 0.80 21.05 -8.24
CA ALA B 232 2.25 21.13 -8.26
C ALA B 232 2.64 22.45 -7.61
N PRO B 233 3.93 22.65 -7.33
CA PRO B 233 4.35 23.97 -6.84
C PRO B 233 3.86 25.06 -7.78
N SER B 234 3.16 26.03 -7.21
CA SER B 234 2.50 27.05 -7.99
C SER B 234 3.45 27.74 -8.96
N ALA B 235 4.64 28.11 -8.49
CA ALA B 235 5.52 28.95 -9.28
C ALA B 235 6.00 28.22 -10.53
N THR B 236 6.01 26.89 -10.50
CA THR B 236 6.45 26.12 -11.66
C THR B 236 5.40 26.06 -12.77
N ARG B 237 4.17 26.50 -12.55
CA ARG B 237 3.13 26.49 -13.58
C ARG B 237 2.97 25.07 -14.12
N THR B 238 2.68 24.14 -13.20
CA THR B 238 2.52 22.71 -13.49
C THR B 238 3.76 22.17 -14.19
N TRP B 239 4.93 22.50 -13.64
CA TRP B 239 6.21 22.15 -14.26
C TRP B 239 6.17 22.45 -15.75
N TYR B 240 5.70 23.66 -16.07
CA TYR B 240 5.55 24.18 -17.43
C TYR B 240 4.76 23.20 -18.31
N SER B 241 3.46 23.15 -18.08
CA SER B 241 2.61 22.30 -18.92
C SER B 241 1.16 22.68 -18.74
N GLN B 242 0.31 22.02 -19.51
CA GLN B 242 -1.13 22.21 -19.45
C GLN B 242 -1.81 20.86 -19.53
N ASN B 243 -2.76 20.64 -18.62
CA ASN B 243 -3.47 19.38 -18.53
C ASN B 243 -4.10 18.98 -19.86
N ALA B 244 -4.10 17.68 -20.13
CA ALA B 244 -4.70 17.17 -21.35
C ALA B 244 -5.60 15.98 -21.06
N PHE B 245 -5.08 15.01 -20.31
CA PHE B 245 -5.86 13.83 -19.98
C PHE B 245 -5.36 13.25 -18.66
N ASP B 246 -6.28 12.77 -17.84
CA ASP B 246 -5.91 12.21 -16.55
C ASP B 246 -6.35 10.76 -16.51
N LEU B 247 -5.37 9.84 -16.74
CA LEU B 247 -5.62 8.42 -16.89
C LEU B 247 -5.59 7.74 -15.53
N PRO B 248 -6.65 7.01 -15.15
CA PRO B 248 -6.61 6.27 -13.88
C PRO B 248 -5.52 5.22 -13.92
N LEU B 249 -4.73 5.15 -12.85
CA LEU B 249 -3.67 4.15 -12.73
C LEU B 249 -3.77 3.58 -11.32
N GLY B 250 -4.52 2.49 -11.18
CA GLY B 250 -4.77 1.93 -9.86
C GLY B 250 -5.53 2.91 -8.98
N SER B 251 -5.00 3.12 -7.78
CA SER B 251 -5.53 4.11 -6.86
C SER B 251 -5.17 5.52 -7.25
N ASN B 252 -4.29 5.68 -8.24
CA ASN B 252 -3.78 6.99 -8.59
C ASN B 252 -4.11 7.32 -10.02
N ALA B 253 -3.26 8.12 -10.67
CA ALA B 253 -3.51 8.46 -12.05
C ALA B 253 -2.20 8.88 -12.69
N ILE B 254 -2.26 9.06 -14.01
CA ILE B 254 -1.17 9.68 -14.77
C ILE B 254 -1.68 11.03 -15.25
N TYR B 255 -1.00 12.08 -14.85
CA TYR B 255 -1.20 13.39 -15.43
C TYR B 255 -0.54 13.40 -16.80
N MET B 256 -1.32 13.65 -17.85
CA MET B 256 -0.82 13.79 -19.22
C MET B 256 -1.03 15.23 -19.65
N GLY B 257 0.06 15.90 -20.01
CA GLY B 257 0.02 17.32 -20.32
C GLY B 257 0.80 17.65 -21.58
N ASP B 258 0.55 18.86 -22.06
CA ASP B 258 1.26 19.43 -23.19
C ASP B 258 2.13 20.57 -22.72
N ARG B 259 3.35 20.65 -23.25
CA ARG B 259 4.17 21.85 -23.14
C ARG B 259 4.11 22.52 -24.51
N TRP B 260 3.22 23.49 -24.64
CA TRP B 260 2.98 24.11 -25.95
C TRP B 260 4.16 24.97 -26.37
N ARG B 261 4.60 24.79 -27.60
CA ARG B 261 5.65 25.62 -28.21
C ARG B 261 4.98 26.44 -29.31
N PRO B 262 4.38 27.60 -28.98
CA PRO B 262 3.53 28.30 -29.97
C PRO B 262 4.29 28.85 -31.17
N SER B 263 5.61 29.00 -31.08
CA SER B 263 6.44 29.35 -32.22
C SER B 263 6.74 28.16 -33.14
N LEU B 264 6.45 26.93 -32.70
CA LEU B 264 6.71 25.73 -33.47
C LEU B 264 5.84 24.59 -32.93
N LEU B 265 4.54 24.67 -33.18
CA LEU B 265 3.59 23.87 -32.42
C LEU B 265 3.85 22.37 -32.54
N GLY B 266 4.35 21.91 -33.68
N GLY B 266 4.35 21.91 -33.68
CA GLY B 266 4.64 20.49 -33.82
CA GLY B 266 4.65 20.49 -33.84
C GLY B 266 5.74 19.98 -32.93
C GLY B 266 5.76 19.99 -32.94
N SER B 267 6.45 20.88 -32.24
CA SER B 267 7.52 20.53 -31.33
C SER B 267 7.09 20.65 -29.87
N SER B 268 5.81 20.83 -29.61
CA SER B 268 5.29 20.79 -28.26
C SER B 268 5.51 19.39 -27.65
N ARG B 269 5.86 19.36 -26.38
CA ARG B 269 6.28 18.12 -25.74
C ARG B 269 5.18 17.55 -24.86
N TYR B 270 5.32 16.28 -24.56
CA TYR B 270 4.39 15.58 -23.67
C TYR B 270 4.98 15.51 -22.27
N ILE B 271 4.20 15.96 -21.30
CA ILE B 271 4.62 16.02 -19.91
C ILE B 271 3.73 15.05 -19.15
N TRP B 272 4.26 13.86 -18.86
CA TRP B 272 3.52 12.80 -18.20
C TRP B 272 4.18 12.55 -16.85
N TYR B 273 3.41 12.65 -15.78
CA TYR B 273 3.94 12.36 -14.46
C TYR B 273 2.91 11.54 -13.72
N PRO B 274 3.34 10.71 -12.78
CA PRO B 274 2.38 10.10 -11.87
C PRO B 274 1.58 11.18 -11.15
N LEU B 275 0.29 10.93 -10.98
CA LEU B 275 -0.57 11.86 -10.24
C LEU B 275 -1.08 11.07 -9.03
N ASP B 276 -0.50 11.36 -7.86
CA ASP B 276 -0.63 10.48 -6.70
C ASP B 276 -1.73 10.98 -5.77
N PHE B 277 -2.67 10.09 -5.45
CA PHE B 277 -3.87 10.37 -4.67
C PHE B 277 -3.77 9.90 -3.22
N SER B 278 -2.67 9.27 -2.84
CA SER B 278 -2.66 8.56 -1.58
C SER B 278 -3.00 9.48 -0.42
N SER B 279 -2.50 10.73 -0.47
CA SER B 279 -2.75 11.73 0.55
C SER B 279 -4.17 12.28 0.53
N GLY B 280 -5.04 11.79 -0.36
CA GLY B 280 -6.36 12.35 -0.53
C GLY B 280 -6.42 13.54 -1.46
N ALA B 281 -5.28 14.15 -1.80
CA ALA B 281 -5.23 15.27 -2.73
C ALA B 281 -4.26 14.93 -3.85
N PRO B 282 -4.70 14.94 -5.11
CA PRO B 282 -3.76 14.64 -6.22
C PRO B 282 -2.57 15.59 -6.20
N GLN B 283 -1.37 15.02 -6.22
CA GLN B 283 -0.17 15.82 -6.37
C GLN B 283 0.67 15.21 -7.47
N ILE B 284 1.16 16.04 -8.38
CA ILE B 284 2.10 15.56 -9.39
C ILE B 284 3.38 15.12 -8.71
N VAL B 285 3.79 13.88 -8.98
CA VAL B 285 5.11 13.38 -8.60
C VAL B 285 6.10 13.82 -9.69
N HIS B 286 6.98 14.78 -9.39
CA HIS B 286 7.86 15.35 -10.42
C HIS B 286 9.03 14.39 -10.67
N ALA B 287 8.83 13.48 -11.61
CA ALA B 287 9.79 12.42 -11.91
C ALA B 287 10.31 12.63 -13.33
N ASP B 288 11.59 13.00 -13.45
CA ASP B 288 12.20 13.16 -14.78
C ASP B 288 12.16 11.89 -15.60
N VAL B 289 12.30 10.73 -14.94
CA VAL B 289 12.35 9.43 -15.59
C VAL B 289 11.58 8.46 -14.71
N TRP B 290 10.51 7.86 -15.25
CA TRP B 290 9.76 6.90 -14.45
C TRP B 290 9.21 5.80 -15.35
N SER B 291 8.67 4.76 -14.71
CA SER B 291 8.16 3.56 -15.38
C SER B 291 6.75 3.25 -14.90
N VAL B 292 5.96 2.64 -15.78
CA VAL B 292 4.58 2.32 -15.49
C VAL B 292 4.35 0.84 -15.74
N ASN B 293 3.52 0.22 -14.90
CA ASN B 293 3.04 -1.15 -15.09
C ASN B 293 1.53 -1.02 -15.30
N VAL B 294 1.09 -1.10 -16.55
CA VAL B 294 -0.32 -0.82 -16.86
C VAL B 294 -1.24 -1.83 -16.19
N GLN B 295 -0.86 -3.11 -16.23
CA GLN B 295 -1.66 -4.17 -15.59
C GLN B 295 -1.96 -3.83 -14.13
N ALA B 296 -0.91 -3.77 -13.31
CA ALA B 296 -1.05 -3.65 -11.87
C ALA B 296 -1.52 -2.27 -11.44
N GLY B 297 -1.54 -1.28 -12.33
CA GLY B 297 -1.81 0.08 -11.92
C GLY B 297 -0.74 0.67 -11.03
N THR B 298 0.54 0.41 -11.32
CA THR B 298 1.65 0.87 -10.49
C THR B 298 2.64 1.66 -11.32
N TYR B 299 3.44 2.47 -10.64
CA TYR B 299 4.53 3.21 -11.27
C TYR B 299 5.76 3.16 -10.37
N SER B 300 6.94 3.37 -10.95
CA SER B 300 8.17 3.49 -10.18
C SER B 300 9.05 4.59 -10.76
N VAL B 301 9.60 5.39 -9.87
CA VAL B 301 10.43 6.53 -10.23
C VAL B 301 11.88 6.07 -10.30
N ALA B 302 12.59 6.46 -11.35
CA ALA B 302 13.98 6.06 -11.47
C ALA B 302 14.83 6.85 -10.49
N SER B 303 15.82 6.18 -9.92
CA SER B 303 16.75 6.84 -9.01
C SER B 303 17.93 7.40 -9.79
N GLY B 304 18.28 8.65 -9.49
CA GLY B 304 19.42 9.29 -10.12
C GLY B 304 20.43 9.76 -9.08
N THR B 305 21.58 10.20 -9.58
CA THR B 305 22.60 10.83 -8.75
C THR B 305 22.58 12.32 -9.04
N SER B 306 22.52 13.12 -8.00
CA SER B 306 22.45 14.57 -8.17
C SER B 306 23.85 15.17 -8.08
N TYR B 307 24.11 16.17 -8.91
CA TYR B 307 25.34 16.95 -8.84
C TYR B 307 24.96 18.42 -8.86
N GLU B 308 25.38 19.15 -7.85
CA GLU B 308 25.08 20.56 -7.76
C GLU B 308 26.04 21.35 -8.64
N ALA B 309 25.48 22.32 -9.36
CA ALA B 309 26.28 23.13 -10.28
C ALA B 309 27.34 23.93 -9.52
N GLU B 310 26.97 24.48 -8.36
CA GLU B 310 27.88 25.29 -7.55
C GLU B 310 29.05 24.49 -6.99
N ASN B 311 29.03 23.15 -7.12
CA ASN B 311 30.17 22.31 -6.75
C ASN B 311 31.07 21.95 -7.93
N GLY B 312 30.84 22.52 -9.12
CA GLY B 312 31.69 22.28 -10.26
C GLY B 312 32.72 23.39 -10.42
N GLN B 313 33.58 23.22 -11.42
CA GLN B 313 34.62 24.22 -11.63
C GLN B 313 34.15 25.26 -12.64
N ARG B 314 34.08 26.50 -12.19
CA ARG B 314 33.64 27.59 -13.03
C ARG B 314 34.80 28.07 -13.89
N GLY B 315 34.46 28.55 -15.08
CA GLY B 315 35.44 29.11 -15.98
C GLY B 315 34.85 30.36 -16.61
N GLY B 316 35.75 31.22 -17.10
CA GLY B 316 35.27 32.48 -17.63
C GLY B 316 34.68 33.31 -16.50
N SER B 317 33.59 33.99 -16.78
CA SER B 317 33.05 34.97 -15.85
C SER B 317 31.76 34.51 -15.16
N SER B 318 31.56 33.20 -15.00
CA SER B 318 30.35 32.74 -14.34
C SER B 318 30.55 32.79 -12.82
N THR B 319 29.45 33.04 -12.11
CA THR B 319 29.43 33.32 -10.67
C THR B 319 28.33 32.52 -9.98
N ILE B 320 28.40 32.48 -8.65
CA ILE B 320 27.38 31.86 -7.83
C ILE B 320 26.17 32.78 -7.75
N LEU B 321 24.98 32.20 -7.81
CA LEU B 321 23.72 32.87 -7.50
C LEU B 321 23.04 32.17 -6.34
N SER B 322 22.27 32.91 -5.56
CA SER B 322 21.50 32.31 -4.48
C SER B 322 20.00 32.44 -4.75
N GLY B 323 19.23 31.61 -4.06
CA GLY B 323 17.78 31.74 -4.05
C GLY B 323 17.08 30.61 -3.33
N SER B 324 15.98 30.93 -2.65
CA SER B 324 15.21 29.88 -1.98
C SER B 324 14.72 28.82 -2.98
N GLY B 325 14.62 29.17 -4.25
CA GLY B 325 14.20 28.21 -5.24
C GLY B 325 15.26 27.23 -5.71
N PHE B 326 16.50 27.28 -5.23
CA PHE B 326 17.57 26.44 -5.76
C PHE B 326 17.92 25.29 -4.82
N SER B 327 18.31 24.17 -5.40
CA SER B 327 18.85 23.11 -4.55
C SER B 327 20.18 23.53 -3.94
N GLY B 328 20.39 23.18 -2.68
CA GLY B 328 21.57 23.66 -1.98
C GLY B 328 21.60 25.17 -1.81
N GLY B 329 20.48 25.85 -2.06
CA GLY B 329 20.40 27.29 -2.00
C GLY B 329 21.16 28.06 -3.06
N LYS B 330 21.86 27.37 -3.97
CA LYS B 330 22.74 28.05 -4.91
C LYS B 330 22.62 27.46 -6.31
N ALA B 331 22.97 28.29 -7.29
CA ALA B 331 23.08 27.91 -8.69
C ALA B 331 24.28 28.63 -9.28
N VAL B 332 24.61 28.31 -10.53
CA VAL B 332 25.65 29.01 -11.28
C VAL B 332 24.97 29.91 -12.31
N GLY B 333 25.29 31.20 -12.26
CA GLY B 333 24.75 32.19 -13.16
C GLY B 333 25.82 32.74 -14.10
N TYR B 334 25.40 33.71 -14.90
CA TYR B 334 26.24 34.29 -15.95
C TYR B 334 26.96 33.19 -16.72
N LEU B 335 26.25 32.12 -17.03
CA LEU B 335 26.71 31.06 -17.90
C LEU B 335 26.43 31.42 -19.35
N GLY B 336 27.23 30.88 -20.26
CA GLY B 336 27.28 31.38 -21.61
C GLY B 336 27.90 32.77 -21.65
N HIS B 337 28.07 33.28 -22.87
CA HIS B 337 28.74 34.58 -23.05
C HIS B 337 30.13 34.56 -22.41
N GLY B 338 30.81 33.43 -22.50
CA GLY B 338 32.10 33.25 -21.88
C GLY B 338 32.08 32.46 -20.58
N GLY B 339 30.95 32.46 -19.86
CA GLY B 339 30.89 31.73 -18.60
C GLY B 339 30.60 30.24 -18.80
N THR B 340 31.29 29.43 -18.00
CA THR B 340 31.17 27.97 -18.05
C THR B 340 31.16 27.41 -16.63
N VAL B 341 30.66 26.18 -16.50
CA VAL B 341 30.86 25.37 -15.31
C VAL B 341 31.03 23.93 -15.77
N THR B 342 32.00 23.24 -15.19
CA THR B 342 32.26 21.84 -15.49
C THR B 342 31.96 21.03 -14.24
N ILE B 343 31.15 20.00 -14.39
CA ILE B 343 30.85 19.10 -13.30
C ILE B 343 31.70 17.86 -13.52
N ASN B 344 32.60 17.60 -12.57
CA ASN B 344 33.57 16.53 -12.66
C ASN B 344 33.17 15.36 -11.78
N ASN B 345 33.79 14.20 -12.06
CA ASN B 345 33.55 12.99 -11.28
C ASN B 345 32.11 12.51 -11.42
N VAL B 346 31.53 12.69 -12.60
CA VAL B 346 30.20 12.15 -12.87
C VAL B 346 30.38 10.66 -13.14
N GLN B 347 29.98 9.82 -12.18
CA GLN B 347 30.19 8.39 -12.27
C GLN B 347 29.17 7.74 -13.19
N SER B 348 29.61 6.72 -13.92
CA SER B 348 28.72 6.02 -14.84
C SER B 348 29.21 4.59 -15.04
N ASN B 349 28.29 3.74 -15.52
CA ASN B 349 28.65 2.41 -15.99
C ASN B 349 28.88 2.38 -17.50
N GLY B 350 28.90 3.55 -18.14
CA GLY B 350 29.07 3.64 -19.57
C GLY B 350 27.75 3.55 -20.29
N GLY B 351 27.77 3.90 -21.55
CA GLY B 351 26.58 3.83 -22.35
C GLY B 351 25.80 5.12 -22.35
N SER B 352 24.58 5.01 -22.88
CA SER B 352 23.66 6.13 -22.98
C SER B 352 22.90 6.32 -21.67
N HIS B 353 22.77 7.58 -21.23
CA HIS B 353 22.11 7.90 -19.97
C HIS B 353 21.30 9.18 -20.05
N TRP B 354 20.08 9.13 -19.51
CA TRP B 354 19.27 10.35 -19.40
C TRP B 354 19.84 11.23 -18.30
N VAL B 355 19.91 12.54 -18.59
CA VAL B 355 20.40 13.54 -17.64
C VAL B 355 19.41 14.69 -17.62
N ALA B 356 18.88 15.02 -16.44
CA ALA B 356 17.94 16.12 -16.27
C ALA B 356 18.68 17.35 -15.78
N LEU B 357 18.45 18.49 -16.44
CA LEU B 357 19.10 19.74 -16.08
C LEU B 357 18.09 20.60 -15.35
N TYR B 358 18.42 20.98 -14.12
CA TYR B 358 17.60 21.85 -13.32
C TYR B 358 18.13 23.28 -13.46
N PHE B 359 17.28 24.19 -13.89
CA PHE B 359 17.72 25.53 -14.23
C PHE B 359 16.59 26.51 -13.92
N ALA B 360 16.96 27.78 -13.76
CA ALA B 360 16.01 28.88 -13.69
C ALA B 360 16.21 29.84 -14.86
N ASN B 361 15.11 30.39 -15.37
CA ASN B 361 15.16 31.27 -16.53
C ASN B 361 14.09 32.35 -16.34
N GLY B 362 14.52 33.53 -15.91
CA GLY B 362 13.58 34.61 -15.69
C GLY B 362 13.07 35.27 -16.94
N ASP B 363 13.61 34.93 -18.12
CA ASP B 363 13.11 35.54 -19.34
C ASP B 363 11.70 35.03 -19.64
N SER B 364 10.94 35.83 -20.40
CA SER B 364 9.70 35.27 -20.93
C SER B 364 9.93 34.43 -22.17
N THR B 365 11.17 34.38 -22.67
CA THR B 365 11.54 33.63 -23.86
C THR B 365 12.56 32.55 -23.50
N TYR B 366 12.73 31.60 -24.42
CA TYR B 366 13.62 30.49 -24.14
C TYR B 366 15.06 30.98 -24.02
N ARG B 367 15.87 30.20 -23.32
CA ARG B 367 17.31 30.23 -23.46
C ARG B 367 17.74 28.85 -23.91
N ASN B 368 19.04 28.63 -23.98
CA ASN B 368 19.59 27.32 -24.29
C ASN B 368 20.98 27.26 -23.68
N VAL B 369 21.56 26.06 -23.64
CA VAL B 369 22.86 25.86 -23.02
C VAL B 369 23.60 24.80 -23.83
N THR B 370 24.89 25.05 -24.10
CA THR B 370 25.69 23.99 -24.69
C THR B 370 26.10 23.00 -23.61
N VAL B 371 26.19 21.74 -24.01
CA VAL B 371 26.57 20.64 -23.13
C VAL B 371 27.58 19.79 -23.90
N SER B 372 28.73 19.54 -23.30
CA SER B 372 29.70 18.67 -23.93
C SER B 372 30.29 17.74 -22.88
N VAL B 373 30.45 16.48 -23.25
CA VAL B 373 30.89 15.42 -22.35
C VAL B 373 32.33 15.07 -22.70
N ASN B 374 33.23 15.18 -21.72
CA ASN B 374 34.61 14.73 -21.88
C ASN B 374 35.27 15.37 -23.10
N GLY B 375 35.00 16.66 -23.31
CA GLY B 375 35.55 17.38 -24.45
C GLY B 375 34.98 17.01 -25.81
N GLY B 376 33.91 16.21 -25.86
CA GLY B 376 33.29 15.90 -27.13
C GLY B 376 32.55 17.11 -27.70
N PRO B 377 31.92 16.92 -28.86
CA PRO B 377 31.16 18.02 -29.47
C PRO B 377 29.93 18.41 -28.64
N SER B 378 29.55 19.67 -28.76
CA SER B 378 28.52 20.26 -27.91
C SER B 378 27.11 20.01 -28.45
N VAL B 379 26.21 19.62 -27.55
CA VAL B 379 24.77 19.55 -27.81
C VAL B 379 24.13 20.83 -27.28
N LEU B 380 23.14 21.34 -27.99
CA LEU B 380 22.40 22.52 -27.56
C LEU B 380 21.06 22.10 -26.95
N VAL B 381 20.81 22.52 -25.71
CA VAL B 381 19.64 22.07 -24.94
C VAL B 381 18.76 23.28 -24.69
N ASP B 382 17.50 23.21 -25.14
CA ASP B 382 16.58 24.32 -24.93
C ASP B 382 16.25 24.47 -23.45
N GLN B 383 16.05 25.71 -23.02
CA GLN B 383 15.76 26.01 -21.63
C GLN B 383 14.58 26.96 -21.60
N PRO B 384 13.35 26.41 -21.57
CA PRO B 384 12.15 27.26 -21.54
C PRO B 384 12.16 28.30 -20.43
N ASP B 385 11.39 29.38 -20.60
CA ASP B 385 11.12 30.28 -19.50
C ASP B 385 10.57 29.49 -18.32
N SER B 386 11.13 29.71 -17.12
CA SER B 386 10.81 28.84 -15.99
C SER B 386 9.79 29.44 -15.04
N GLY B 387 9.40 30.70 -15.23
CA GLY B 387 8.49 31.38 -14.33
C GLY B 387 9.14 32.51 -13.57
N GLY B 388 10.46 32.50 -13.42
CA GLY B 388 11.18 33.58 -12.77
C GLY B 388 12.59 33.15 -12.46
N GLY B 389 13.41 34.15 -12.09
CA GLY B 389 14.77 33.87 -11.72
C GLY B 389 14.91 32.95 -10.53
N ASN B 390 13.88 32.87 -9.68
CA ASN B 390 13.86 32.00 -8.50
C ASN B 390 13.05 30.73 -8.71
N VAL B 391 12.69 30.38 -9.94
CA VAL B 391 11.86 29.21 -10.18
C VAL B 391 12.64 28.24 -11.05
N VAL B 392 12.79 27.01 -10.58
CA VAL B 392 13.59 25.98 -11.26
C VAL B 392 12.65 24.91 -11.84
N ILE B 393 12.95 24.49 -13.06
CA ILE B 393 12.34 23.32 -13.70
C ILE B 393 13.46 22.53 -14.35
N SER B 394 13.11 21.37 -14.93
CA SER B 394 14.11 20.51 -15.52
C SER B 394 13.69 20.10 -16.93
N VAL B 395 14.71 19.88 -17.77
CA VAL B 395 14.59 19.35 -19.13
C VAL B 395 15.62 18.24 -19.31
N PRO B 396 15.28 17.16 -20.01
CA PRO B 396 16.20 16.04 -20.16
C PRO B 396 17.06 16.16 -21.41
N VAL B 397 18.23 15.51 -21.35
CA VAL B 397 19.13 15.34 -22.47
C VAL B 397 19.80 13.98 -22.30
N LYS B 398 19.87 13.22 -23.38
CA LYS B 398 20.51 11.91 -23.36
C LYS B 398 21.99 12.04 -23.75
N LEU B 399 22.87 11.56 -22.88
CA LEU B 399 24.30 11.79 -23.02
C LEU B 399 25.04 10.46 -23.05
N ASN B 400 26.07 10.39 -23.88
CA ASN B 400 26.97 9.23 -23.87
C ASN B 400 28.02 9.42 -22.80
N LEU B 401 28.23 8.39 -21.97
CA LEU B 401 29.20 8.47 -20.89
C LEU B 401 30.06 7.22 -20.91
N ASN B 402 31.26 7.35 -20.33
CA ASN B 402 32.17 6.23 -20.15
C ASN B 402 31.92 5.54 -18.83
N SER B 403 32.25 4.26 -18.78
CA SER B 403 32.29 3.56 -17.50
C SER B 403 33.41 4.16 -16.67
N GLY B 404 33.10 4.59 -15.45
CA GLY B 404 34.06 5.33 -14.66
C GLY B 404 33.64 6.78 -14.49
N GLU B 405 34.61 7.66 -14.32
CA GLU B 405 34.31 9.08 -14.09
C GLU B 405 34.17 9.84 -15.40
N ASN B 406 33.30 10.86 -15.39
CA ASN B 406 33.04 11.67 -16.56
C ASN B 406 33.04 13.13 -16.18
N SER B 407 33.26 13.99 -17.17
CA SER B 407 33.20 15.43 -16.99
C SER B 407 32.20 16.00 -17.97
N ILE B 408 31.37 16.93 -17.49
CA ILE B 408 30.34 17.55 -18.33
C ILE B 408 30.43 19.05 -18.15
N THR B 409 30.56 19.75 -19.27
CA THR B 409 30.77 21.19 -19.30
C THR B 409 29.55 21.87 -19.88
N PHE B 410 29.14 22.97 -19.25
CA PHE B 410 27.98 23.72 -19.67
C PHE B 410 28.37 25.15 -20.01
N GLY B 411 27.80 25.67 -21.09
CA GLY B 411 27.90 27.08 -21.41
C GLY B 411 29.08 27.48 -22.26
N SER B 412 29.96 26.57 -22.64
CA SER B 412 31.11 26.96 -23.45
C SER B 412 30.71 27.22 -24.91
N GLY B 413 31.44 28.15 -25.53
CA GLY B 413 31.27 28.44 -26.93
C GLY B 413 30.11 29.37 -27.21
N GLN B 414 28.98 29.20 -26.53
CA GLN B 414 27.80 29.96 -26.89
C GLN B 414 27.96 31.43 -26.52
N SER B 415 27.41 32.31 -27.35
CA SER B 415 27.54 33.74 -27.15
C SER B 415 26.33 34.35 -26.47
N ASN B 416 25.22 33.65 -26.39
CA ASN B 416 24.11 34.11 -25.56
C ASN B 416 24.28 33.58 -24.14
N TYR B 417 23.65 34.28 -23.19
CA TYR B 417 23.61 33.80 -21.82
C TYR B 417 22.67 32.60 -21.72
N ALA B 418 23.18 31.51 -21.15
CA ALA B 418 22.35 30.36 -20.84
C ALA B 418 21.48 30.66 -19.63
N ALA B 419 20.63 29.71 -19.27
CA ALA B 419 19.89 29.89 -18.02
C ALA B 419 20.80 29.51 -16.84
N ASP B 420 20.36 29.87 -15.63
CA ASP B 420 21.09 29.59 -14.40
C ASP B 420 21.01 28.11 -14.03
N LEU B 421 22.16 27.42 -14.02
CA LEU B 421 22.19 25.97 -13.75
C LEU B 421 22.18 25.69 -12.25
N ASP B 422 21.16 24.98 -11.79
CA ASP B 422 21.01 24.64 -10.37
C ASP B 422 21.74 23.33 -10.03
N LYS B 423 21.36 22.25 -10.68
CA LYS B 423 21.97 20.94 -10.50
C LYS B 423 21.63 20.10 -11.72
N ILE B 424 22.22 18.91 -11.78
CA ILE B 424 21.82 17.91 -12.77
C ILE B 424 21.59 16.60 -12.04
N ILE B 425 20.75 15.75 -12.62
CA ILE B 425 20.52 14.41 -12.10
C ILE B 425 20.85 13.44 -13.22
N VAL B 426 21.78 12.53 -12.95
CA VAL B 426 22.22 11.53 -13.91
C VAL B 426 21.48 10.23 -13.60
N TYR B 427 20.65 9.78 -14.53
CA TYR B 427 19.88 8.55 -14.35
C TYR B 427 20.55 7.34 -15.00
N ASN C 1 22.68 -4.38 4.15
CA ASN C 1 22.47 -5.14 5.37
C ASN C 1 21.23 -6.04 5.22
N GLN C 2 21.48 -7.30 4.91
CA GLN C 2 20.44 -8.23 4.51
C GLN C 2 20.25 -9.32 5.56
N ILE C 3 19.03 -9.81 5.64
CA ILE C 3 18.66 -10.90 6.53
C ILE C 3 18.67 -12.21 5.74
N VAL C 4 19.60 -13.12 6.08
CA VAL C 4 19.85 -14.35 5.33
C VAL C 4 19.61 -15.55 6.26
N SER C 5 18.43 -16.15 6.16
CA SER C 5 18.05 -17.21 7.10
C SER C 5 18.87 -18.47 6.85
N GLY C 6 19.45 -19.02 7.91
CA GLY C 6 20.20 -20.26 7.81
C GLY C 6 21.69 -20.08 7.82
N ALA C 7 22.18 -18.87 7.55
CA ALA C 7 23.60 -18.56 7.59
C ALA C 7 24.07 -18.39 9.03
N ALA C 8 25.38 -18.38 9.21
CA ALA C 8 25.98 -18.09 10.51
C ALA C 8 25.98 -16.57 10.71
N TRP C 9 25.15 -16.09 11.64
CA TRP C 9 25.11 -14.66 11.92
C TRP C 9 26.16 -14.31 12.97
N THR C 10 26.98 -13.31 12.69
CA THR C 10 27.98 -12.86 13.64
C THR C 10 27.67 -11.43 14.05
N ASP C 11 28.18 -11.06 15.22
CA ASP C 11 27.98 -9.73 15.78
C ASP C 11 29.10 -8.82 15.29
N THR C 12 29.15 -7.59 15.82
CA THR C 12 30.12 -6.62 15.37
C THR C 12 31.54 -6.96 15.83
N ALA C 13 31.72 -7.90 16.74
CA ALA C 13 33.05 -8.35 17.13
C ALA C 13 33.51 -9.58 16.36
N GLY C 14 32.65 -10.12 15.50
CA GLY C 14 33.00 -11.27 14.69
C GLY C 14 32.59 -12.62 15.25
N ASN C 15 31.84 -12.64 16.35
CA ASN C 15 31.47 -13.88 17.01
C ASN C 15 30.05 -14.27 16.64
N THR C 16 29.80 -15.57 16.51
CA THR C 16 28.47 -16.06 16.21
C THR C 16 27.47 -15.60 17.27
N ILE C 17 26.29 -15.19 16.81
CA ILE C 17 25.25 -14.69 17.71
C ILE C 17 24.63 -15.85 18.46
N GLN C 18 24.49 -15.69 19.78
CA GLN C 18 23.93 -16.71 20.66
C GLN C 18 22.71 -16.12 21.36
N ALA C 19 21.56 -16.20 20.70
CA ALA C 19 20.35 -15.61 21.19
C ALA C 19 19.17 -16.44 20.69
N HIS C 20 19.18 -17.74 21.02
CA HIS C 20 18.10 -18.64 20.65
C HIS C 20 16.89 -18.43 21.56
N GLY C 21 15.71 -18.81 21.06
CA GLY C 21 14.46 -18.55 21.75
C GLY C 21 14.14 -17.07 21.89
N ALA C 22 14.26 -16.32 20.80
CA ALA C 22 14.34 -14.84 20.85
C ALA C 22 13.19 -14.16 21.58
N GLY C 23 13.54 -13.06 22.24
CA GLY C 23 12.57 -12.04 22.59
C GLY C 23 13.13 -10.67 22.24
N ILE C 24 12.25 -9.81 21.72
CA ILE C 24 12.68 -8.50 21.21
C ILE C 24 12.05 -7.40 22.04
N LEU C 25 12.76 -6.28 22.12
CA LEU C 25 12.33 -5.09 22.84
C LEU C 25 12.92 -3.88 22.13
N GLN C 26 12.16 -2.81 22.06
CA GLN C 26 12.62 -1.55 21.52
C GLN C 26 12.52 -0.45 22.56
N VAL C 27 13.59 0.33 22.69
CA VAL C 27 13.64 1.46 23.61
C VAL C 27 14.15 2.65 22.80
N GLY C 28 13.31 3.67 22.65
CA GLY C 28 13.72 4.79 21.82
C GLY C 28 14.01 4.26 20.43
N SER C 29 15.24 4.45 19.94
CA SER C 29 15.57 3.90 18.64
C SER C 29 16.53 2.71 18.73
N THR C 30 16.62 2.08 19.88
CA THR C 30 17.52 0.94 20.06
C THR C 30 16.67 -0.33 20.14
N PHE C 31 17.08 -1.35 19.38
CA PHE C 31 16.45 -2.65 19.43
C PHE C 31 17.29 -3.60 20.28
N TYR C 32 16.63 -4.36 21.13
CA TYR C 32 17.25 -5.32 22.04
C TYR C 32 16.80 -6.72 21.63
N TRP C 33 17.75 -7.64 21.57
CA TRP C 33 17.49 -9.04 21.24
C TRP C 33 18.01 -9.90 22.40
N PHE C 34 17.09 -10.47 23.16
CA PHE C 34 17.42 -11.39 24.25
C PHE C 34 17.27 -12.83 23.76
N GLY C 35 18.15 -13.71 24.23
CA GLY C 35 18.06 -15.10 23.84
C GLY C 35 18.96 -15.98 24.69
N GLU C 36 18.87 -17.28 24.44
CA GLU C 36 19.66 -18.29 25.12
C GLU C 36 21.04 -18.41 24.48
N ASP C 37 22.09 -18.36 25.31
CA ASP C 37 23.44 -18.69 24.85
C ASP C 37 23.59 -20.22 24.84
N LYS C 38 23.94 -20.78 23.68
CA LYS C 38 24.14 -22.22 23.60
C LYS C 38 25.49 -22.55 22.97
N SER C 39 26.46 -21.63 23.06
CA SER C 39 27.79 -21.89 22.57
C SER C 39 28.52 -22.99 23.34
N HIS C 40 27.94 -23.51 24.43
CA HIS C 40 28.43 -24.73 25.07
C HIS C 40 27.73 -25.98 24.56
N ASN C 41 26.88 -25.86 23.54
CA ASN C 41 26.22 -26.99 22.89
C ASN C 41 25.43 -27.83 23.88
N SER C 42 24.66 -27.18 24.75
CA SER C 42 23.90 -27.93 25.73
C SER C 42 22.56 -27.24 25.99
N ALA C 43 21.60 -28.02 26.49
CA ALA C 43 20.30 -27.45 26.85
C ALA C 43 20.33 -26.73 28.19
N LEU C 44 21.40 -26.84 28.96
CA LEU C 44 21.47 -26.27 30.29
C LEU C 44 21.86 -24.78 30.24
N PHE C 45 21.55 -24.07 31.32
CA PHE C 45 21.59 -22.61 31.34
C PHE C 45 23.02 -22.11 31.33
N LYS C 46 23.38 -21.35 30.30
CA LYS C 46 24.65 -20.62 30.26
C LYS C 46 24.48 -19.12 30.40
N ALA C 47 23.52 -18.50 29.72
CA ALA C 47 23.27 -17.07 29.83
C ALA C 47 22.02 -16.70 29.04
N VAL C 48 21.34 -15.66 29.51
CA VAL C 48 20.45 -14.88 28.65
C VAL C 48 21.29 -13.74 28.09
N SER C 49 21.56 -13.78 26.79
CA SER C 49 22.38 -12.76 26.18
C SER C 49 21.55 -11.52 25.85
N CYS C 50 22.25 -10.42 25.58
CA CYS C 50 21.65 -9.13 25.25
C CYS C 50 22.40 -8.55 24.06
N TYR C 51 21.77 -8.50 22.89
CA TYR C 51 22.36 -7.80 21.74
C TYR C 51 21.56 -6.55 21.41
N THR C 52 22.24 -5.52 20.95
CA THR C 52 21.61 -4.28 20.52
C THR C 52 21.89 -4.01 19.04
N SER C 53 20.96 -3.32 18.39
CA SER C 53 21.17 -2.76 17.06
C SER C 53 20.28 -1.55 16.86
N SER C 54 20.57 -0.79 15.82
CA SER C 54 19.70 0.31 15.43
C SER C 54 18.83 -0.03 14.22
N ASP C 55 19.07 -1.17 13.60
CA ASP C 55 18.46 -1.51 12.32
C ASP C 55 18.00 -2.96 12.26
N LEU C 56 18.09 -3.70 13.37
CA LEU C 56 17.74 -5.12 13.44
C LEU C 56 18.67 -6.02 12.64
N VAL C 57 19.82 -5.54 12.17
CA VAL C 57 20.65 -6.40 11.34
C VAL C 57 22.12 -6.42 11.78
N ASN C 58 22.67 -5.29 12.25
CA ASN C 58 24.04 -5.29 12.75
C ASN C 58 24.02 -5.27 14.29
N TRP C 59 24.21 -6.44 14.87
CA TRP C 59 24.01 -6.61 16.31
C TRP C 59 25.33 -6.52 17.06
N SER C 60 25.31 -5.83 18.21
CA SER C 60 26.45 -5.75 19.11
C SER C 60 26.11 -6.46 20.42
N ARG C 61 26.99 -7.35 20.86
CA ARG C 61 26.76 -8.05 22.12
C ARG C 61 27.07 -7.14 23.31
N GLN C 62 26.12 -7.03 24.23
CA GLN C 62 26.29 -6.33 25.48
C GLN C 62 26.57 -7.34 26.60
N ASN C 63 26.64 -6.85 27.82
CA ASN C 63 26.63 -7.74 28.97
C ASN C 63 25.44 -8.68 28.91
N ASP C 64 25.62 -9.87 29.46
CA ASP C 64 24.50 -10.80 29.55
C ASP C 64 23.40 -10.22 30.44
N ALA C 65 22.16 -10.50 30.06
CA ALA C 65 21.05 -9.91 30.81
C ALA C 65 20.75 -10.73 32.06
N LEU C 66 20.88 -12.05 31.96
CA LEU C 66 20.70 -12.97 33.07
C LEU C 66 21.83 -13.98 33.06
N SER C 67 22.52 -14.11 34.18
CA SER C 67 23.57 -15.11 34.34
C SER C 67 23.14 -16.19 35.29
N PRO C 68 23.74 -17.38 35.19
CA PRO C 68 23.42 -18.43 36.14
C PRO C 68 23.83 -17.99 37.55
N ILE C 69 23.00 -18.34 38.52
CA ILE C 69 23.31 -18.09 39.93
C ILE C 69 23.48 -19.46 40.60
N ALA C 70 24.72 -19.78 40.98
CA ALA C 70 25.00 -21.05 41.66
C ALA C 70 24.11 -21.21 42.88
N GLY C 71 23.54 -22.40 43.05
CA GLY C 71 22.74 -22.68 44.22
C GLY C 71 21.27 -22.39 44.10
N THR C 72 20.82 -21.88 42.95
CA THR C 72 19.41 -21.51 42.77
C THR C 72 18.76 -22.36 41.68
N MET C 73 17.48 -22.09 41.46
CA MET C 73 16.75 -22.68 40.35
C MET C 73 17.25 -22.20 38.98
N ILE C 74 18.08 -21.16 38.91
CA ILE C 74 18.70 -20.79 37.63
C ILE C 74 20.22 -20.98 37.64
N SER C 75 20.69 -22.13 38.12
CA SER C 75 22.11 -22.46 38.03
C SER C 75 22.44 -23.07 36.67
N THR C 76 23.75 -23.22 36.41
CA THR C 76 24.26 -23.88 35.21
C THR C 76 23.69 -25.28 35.02
N SER C 77 23.10 -25.87 36.06
CA SER C 77 22.56 -27.20 35.97
C SER C 77 21.07 -27.23 35.69
N ASN C 78 20.41 -26.07 35.61
CA ASN C 78 18.99 -25.96 35.32
C ASN C 78 18.79 -25.48 33.88
N VAL C 79 17.52 -25.26 33.54
CA VAL C 79 17.10 -24.88 32.21
C VAL C 79 16.43 -23.52 32.28
N VAL C 80 16.88 -22.59 31.44
CA VAL C 80 16.26 -21.29 31.23
C VAL C 80 15.99 -21.13 29.74
N GLU C 81 14.74 -20.89 29.36
CA GLU C 81 14.41 -20.90 27.94
C GLU C 81 13.46 -19.77 27.56
N ARG C 82 13.58 -19.33 26.31
CA ARG C 82 12.64 -18.39 25.70
C ARG C 82 12.41 -17.13 26.55
N PRO C 83 13.47 -16.38 26.85
CA PRO C 83 13.27 -15.17 27.65
C PRO C 83 12.48 -14.13 26.88
N LYS C 84 11.62 -13.40 27.57
CA LYS C 84 10.91 -12.27 27.00
C LYS C 84 11.00 -11.10 27.96
N VAL C 85 11.08 -9.88 27.43
CA VAL C 85 11.18 -8.66 28.24
C VAL C 85 10.15 -7.65 27.77
N ILE C 86 9.46 -7.02 28.72
CA ILE C 86 8.56 -5.92 28.41
C ILE C 86 8.77 -4.81 29.43
N PHE C 87 8.45 -3.58 29.03
CA PHE C 87 8.63 -2.41 29.86
C PHE C 87 7.34 -2.07 30.61
N ASN C 88 7.44 -1.96 31.94
CA ASN C 88 6.31 -1.62 32.81
C ASN C 88 6.37 -0.12 33.05
N GLN C 89 5.40 0.61 32.50
CA GLN C 89 5.42 2.07 32.64
C GLN C 89 5.31 2.49 34.10
N LYS C 90 4.40 1.86 34.85
CA LYS C 90 4.11 2.29 36.23
C LYS C 90 5.38 2.30 37.10
N ASN C 91 6.24 1.31 36.95
CA ASN C 91 7.46 1.20 37.74
C ASN C 91 8.70 1.63 36.96
N SER C 92 8.53 2.13 35.73
CA SER C 92 9.61 2.29 34.75
C SER C 92 10.63 1.18 34.90
N GLU C 93 10.24 -0.04 34.54
CA GLU C 93 11.01 -1.21 34.89
C GLU C 93 10.90 -2.20 33.75
N TYR C 94 12.00 -2.90 33.46
CA TYR C 94 11.99 -4.00 32.51
C TYR C 94 11.76 -5.30 33.25
N VAL C 95 10.83 -6.11 32.75
CA VAL C 95 10.45 -7.36 33.41
C VAL C 95 10.68 -8.50 32.44
N MET C 96 11.55 -9.44 32.83
CA MET C 96 11.88 -10.61 32.02
C MET C 96 11.11 -11.82 32.51
N TRP C 97 10.50 -12.54 31.59
CA TRP C 97 9.90 -13.84 31.85
C TRP C 97 10.61 -14.91 31.04
N PHE C 98 10.61 -16.13 31.55
CA PHE C 98 11.29 -17.22 30.87
C PHE C 98 10.74 -18.54 31.39
N HIS C 99 10.97 -19.59 30.60
CA HIS C 99 10.68 -20.95 31.02
C HIS C 99 11.80 -21.42 31.93
N SER C 100 11.46 -21.79 33.16
CA SER C 100 12.41 -22.24 34.18
C SER C 100 12.18 -23.71 34.47
N ASP C 101 13.21 -24.55 34.30
CA ASP C 101 12.99 -25.98 34.47
C ASP C 101 14.22 -26.71 34.99
N SER C 102 14.05 -28.01 35.23
CA SER C 102 15.13 -28.93 35.55
C SER C 102 15.57 -29.68 34.31
N SER C 103 16.66 -30.42 34.45
CA SER C 103 17.30 -31.15 33.35
C SER C 103 16.29 -31.91 32.48
N ASN C 104 15.30 -32.56 33.12
CA ASN C 104 14.35 -33.43 32.43
C ASN C 104 13.01 -32.76 32.14
N TYR C 105 12.89 -31.45 32.40
CA TYR C 105 11.67 -30.67 32.15
C TYR C 105 10.51 -31.09 33.05
N GLY C 106 10.83 -31.60 34.25
CA GLY C 106 9.78 -32.01 35.18
C GLY C 106 9.27 -30.91 36.09
N ALA C 107 9.99 -29.79 36.20
CA ALA C 107 9.58 -28.72 37.12
C ALA C 107 8.47 -27.85 36.51
N ALA C 108 8.62 -27.46 35.25
CA ALA C 108 7.57 -26.74 34.50
C ALA C 108 7.16 -25.45 35.21
N MET C 109 8.14 -24.55 35.35
CA MET C 109 7.91 -23.27 36.00
C MET C 109 8.18 -22.12 35.05
N VAL C 110 7.72 -20.93 35.45
CA VAL C 110 8.17 -19.67 34.87
C VAL C 110 9.13 -19.05 35.86
N GLY C 111 10.06 -18.25 35.35
CA GLY C 111 10.89 -17.41 36.19
C GLY C 111 10.74 -15.96 35.79
N VAL C 112 10.98 -15.07 36.74
CA VAL C 112 10.82 -13.64 36.56
C VAL C 112 12.09 -12.95 37.04
N ALA C 113 12.50 -11.88 36.34
CA ALA C 113 13.64 -11.08 36.75
C ALA C 113 13.42 -9.65 36.28
N THR C 114 14.11 -8.70 36.93
CA THR C 114 13.81 -7.28 36.74
C THR C 114 15.10 -6.49 36.60
N ALA C 115 14.95 -5.31 36.01
CA ALA C 115 16.07 -4.42 35.79
C ALA C 115 15.54 -3.03 35.50
N LYS C 116 16.36 -2.03 35.80
CA LYS C 116 16.06 -0.64 35.50
C LYS C 116 16.68 -0.17 34.18
N THR C 117 17.52 -0.99 33.55
CA THR C 117 18.04 -0.71 32.23
C THR C 117 17.74 -1.91 31.34
N PRO C 118 17.61 -1.71 30.04
CA PRO C 118 17.19 -2.82 29.15
C PRO C 118 18.16 -4.01 29.09
N CYS C 119 19.46 -3.81 29.18
CA CYS C 119 20.31 -5.00 29.21
C CYS C 119 20.65 -5.47 30.61
N GLY C 120 20.07 -4.85 31.65
CA GLY C 120 20.34 -5.24 33.00
C GLY C 120 21.76 -4.95 33.47
N PRO C 121 22.39 -5.90 34.19
CA PRO C 121 21.90 -7.27 34.40
C PRO C 121 20.65 -7.31 35.32
N TYR C 122 19.87 -8.37 35.16
CA TYR C 122 18.56 -8.49 35.77
C TYR C 122 18.67 -9.19 37.12
N THR C 123 17.75 -8.88 38.02
CA THR C 123 17.67 -9.52 39.32
C THR C 123 16.59 -10.59 39.29
N TYR C 124 16.99 -11.84 39.48
CA TYR C 124 16.09 -12.97 39.59
C TYR C 124 15.16 -12.84 40.80
N LYS C 125 13.86 -13.06 40.57
CA LYS C 125 12.86 -13.03 41.64
C LYS C 125 12.31 -14.40 41.99
N GLY C 126 12.78 -15.46 41.33
CA GLY C 126 12.35 -16.80 41.66
C GLY C 126 11.47 -17.40 40.59
N SER C 127 11.37 -18.72 40.63
CA SER C 127 10.56 -19.50 39.70
C SER C 127 9.31 -20.02 40.42
N PHE C 128 8.25 -20.27 39.64
CA PHE C 128 7.01 -20.75 40.23
C PHE C 128 6.11 -21.31 39.14
N LYS C 129 5.02 -21.95 39.58
CA LYS C 129 4.03 -22.52 38.68
C LYS C 129 2.83 -21.60 38.60
N PRO C 130 2.53 -21.03 37.43
CA PRO C 130 1.45 -20.02 37.34
C PRO C 130 0.10 -20.61 37.70
N LEU C 131 -0.58 -19.97 38.66
CA LEU C 131 -1.81 -20.50 39.26
C LEU C 131 -1.66 -21.98 39.62
N GLY C 132 -0.45 -22.38 39.98
CA GLY C 132 -0.16 -23.72 40.45
C GLY C 132 -0.14 -24.81 39.40
N ALA C 133 -0.15 -24.47 38.11
CA ALA C 133 -0.16 -25.47 37.05
C ALA C 133 1.15 -25.44 36.26
N ASP C 134 1.31 -26.45 35.39
CA ASP C 134 2.51 -26.57 34.57
C ASP C 134 2.70 -25.33 33.69
N SER C 135 3.95 -25.05 33.36
CA SER C 135 4.23 -24.06 32.34
C SER C 135 5.57 -24.43 31.71
N ARG C 136 5.55 -24.74 30.43
CA ARG C 136 6.80 -25.04 29.75
C ARG C 136 7.05 -23.95 28.72
N ASP C 137 6.93 -24.25 27.43
CA ASP C 137 7.03 -23.21 26.40
C ASP C 137 6.10 -22.05 26.72
N GLU C 138 6.63 -20.83 26.67
CA GLU C 138 5.85 -19.65 27.03
C GLU C 138 6.25 -18.47 26.16
N SER C 139 5.39 -17.45 26.20
CA SER C 139 5.74 -16.13 25.73
C SER C 139 4.95 -15.13 26.54
N ILE C 140 5.25 -13.86 26.32
CA ILE C 140 4.58 -12.74 26.97
C ILE C 140 3.95 -11.91 25.87
N PHE C 141 2.73 -11.41 26.12
CA PHE C 141 2.09 -10.44 25.23
C PHE C 141 1.62 -9.25 26.05
N GLN C 142 1.99 -8.05 25.60
CA GLN C 142 1.62 -6.80 26.24
C GLN C 142 0.60 -6.11 25.33
N ASP C 143 -0.64 -6.00 25.78
CA ASP C 143 -1.69 -5.38 24.96
C ASP C 143 -1.50 -3.86 24.92
N ASP C 144 -2.30 -3.20 24.08
CA ASP C 144 -2.19 -1.76 23.89
C ASP C 144 -3.38 -0.99 24.45
N ASP C 145 -4.14 -1.59 25.38
CA ASP C 145 -5.07 -0.83 26.19
C ASP C 145 -4.30 0.18 27.05
N SER C 146 -5.03 1.10 27.67
CA SER C 146 -4.38 2.12 28.50
C SER C 146 -3.66 1.51 29.70
N ALA C 147 -4.22 0.45 30.27
CA ALA C 147 -3.53 -0.23 31.37
C ALA C 147 -2.33 -1.04 30.90
N GLN C 148 -2.15 -1.21 29.59
CA GLN C 148 -1.06 -1.99 29.03
C GLN C 148 -1.02 -3.37 29.71
N THR C 149 -2.14 -4.05 29.61
CA THR C 149 -2.31 -5.34 30.28
C THR C 149 -1.46 -6.40 29.62
N ALA C 150 -0.69 -7.13 30.42
CA ALA C 150 0.21 -8.15 29.89
C ALA C 150 -0.36 -9.53 30.16
N TYR C 151 0.02 -10.48 29.32
CA TYR C 151 -0.50 -11.83 29.43
C TYR C 151 0.62 -12.85 29.24
N LEU C 152 0.52 -13.94 30.00
CA LEU C 152 1.39 -15.10 29.84
C LEU C 152 0.71 -16.10 28.91
N LEU C 153 1.47 -16.63 27.96
CA LEU C 153 1.00 -17.58 26.96
C LEU C 153 1.80 -18.84 27.13
N TYR C 154 1.16 -19.96 27.46
CA TYR C 154 1.99 -21.09 27.91
C TYR C 154 1.33 -22.44 27.68
N ALA C 155 2.19 -23.42 27.38
CA ALA C 155 1.86 -24.83 27.33
C ALA C 155 1.77 -25.37 28.75
N SER C 156 0.60 -25.89 29.11
CA SER C 156 0.28 -26.33 30.46
C SER C 156 -0.07 -27.82 30.46
N ASP C 157 -0.35 -28.33 31.67
CA ASP C 157 -0.89 -29.68 31.92
C ASP C 157 -0.18 -30.73 31.07
N ASN C 158 1.12 -30.83 31.30
CA ASN C 158 1.99 -31.76 30.57
C ASN C 158 1.93 -31.51 29.06
N ASN C 159 1.95 -30.22 28.69
CA ASN C 159 1.93 -29.73 27.31
C ASN C 159 0.59 -29.94 26.61
N GLN C 160 -0.42 -30.52 27.27
CA GLN C 160 -1.66 -30.82 26.56
C GLN C 160 -2.50 -29.58 26.32
N ASN C 161 -2.60 -28.69 27.30
CA ASN C 161 -3.56 -27.60 27.25
C ASN C 161 -2.81 -26.27 27.14
N PHE C 162 -3.19 -25.46 26.15
CA PHE C 162 -2.53 -24.19 25.93
C PHE C 162 -3.32 -23.09 26.62
N LYS C 163 -2.65 -22.34 27.50
CA LYS C 163 -3.31 -21.38 28.38
C LYS C 163 -2.88 -19.96 28.06
N ILE C 164 -3.77 -19.02 28.36
CA ILE C 164 -3.49 -17.59 28.34
C ILE C 164 -4.01 -17.00 29.64
N SER C 165 -3.16 -16.26 30.35
CA SER C 165 -3.49 -15.80 31.68
C SER C 165 -3.01 -14.36 31.87
N ARG C 166 -3.81 -13.56 32.57
CA ARG C 166 -3.48 -12.16 32.79
C ARG C 166 -2.42 -12.02 33.89
N LEU C 167 -1.57 -11.00 33.76
CA LEU C 167 -0.57 -10.69 34.76
C LEU C 167 -1.02 -9.52 35.63
N ASP C 168 -0.48 -9.45 36.86
CA ASP C 168 -0.84 -8.33 37.73
C ASP C 168 -0.21 -7.03 37.21
N ALA C 169 -0.54 -5.94 37.89
CA ALA C 169 -0.12 -4.62 37.40
C ALA C 169 1.40 -4.40 37.42
N ASN C 170 2.18 -5.23 38.14
CA ASN C 170 3.63 -5.11 38.11
C ASN C 170 4.29 -6.02 37.07
N TYR C 171 3.51 -6.88 36.41
CA TYR C 171 4.01 -8.00 35.60
C TYR C 171 4.87 -8.96 36.43
N TYR C 172 4.56 -9.14 37.72
CA TYR C 172 5.31 -10.06 38.56
C TYR C 172 4.65 -11.43 38.69
N ASN C 173 3.35 -11.52 38.42
CA ASN C 173 2.63 -12.75 38.72
C ASN C 173 1.39 -12.82 37.85
N VAL C 174 0.87 -14.05 37.70
CA VAL C 174 -0.38 -14.29 36.99
C VAL C 174 -1.53 -14.17 37.98
N THR C 175 -2.62 -13.54 37.53
CA THR C 175 -3.75 -13.29 38.42
C THR C 175 -4.98 -14.11 38.07
N ALA C 176 -5.15 -14.51 36.81
CA ALA C 176 -6.39 -15.16 36.41
C ALA C 176 -6.22 -15.78 35.04
N GLN C 177 -6.71 -17.00 34.88
CA GLN C 177 -6.71 -17.63 33.57
C GLN C 177 -7.79 -16.98 32.71
N VAL C 178 -7.43 -16.68 31.46
CA VAL C 178 -8.33 -15.98 30.56
C VAL C 178 -8.83 -16.87 29.42
N SER C 179 -8.09 -17.92 29.05
CA SER C 179 -8.41 -18.71 27.88
C SER C 179 -7.61 -20.01 27.91
N VAL C 180 -8.22 -21.07 27.38
CA VAL C 180 -7.55 -22.36 27.31
C VAL C 180 -8.04 -23.09 26.06
N MET C 181 -7.12 -23.78 25.40
CA MET C 181 -7.42 -24.70 24.31
C MET C 181 -7.04 -26.10 24.78
N ASN C 182 -8.03 -26.88 25.20
CA ASN C 182 -7.76 -28.19 25.77
C ASN C 182 -7.32 -29.16 24.68
N GLY C 183 -6.27 -29.93 24.98
CA GLY C 183 -5.75 -30.87 24.01
C GLY C 183 -5.13 -30.27 22.76
N ALA C 184 -4.82 -28.97 22.79
CA ALA C 184 -4.25 -28.33 21.60
C ALA C 184 -2.79 -28.75 21.39
N THR C 185 -2.06 -29.07 22.46
CA THR C 185 -0.66 -29.49 22.38
C THR C 185 0.18 -28.47 21.62
N LEU C 186 0.05 -27.22 22.01
CA LEU C 186 0.73 -26.11 21.37
C LEU C 186 1.99 -25.74 22.13
N ALA C 187 3.00 -25.28 21.39
CA ALA C 187 4.28 -24.85 21.96
C ALA C 187 4.77 -23.62 21.18
N ALA C 188 5.87 -23.03 21.65
CA ALA C 188 6.51 -21.88 21.02
C ALA C 188 5.52 -20.77 20.62
N PRO C 189 4.75 -20.24 21.56
CA PRO C 189 3.71 -19.27 21.19
C PRO C 189 4.26 -17.86 20.99
N GLY C 190 3.48 -17.08 20.24
CA GLY C 190 3.67 -15.65 20.14
C GLY C 190 2.39 -15.04 19.63
N ILE C 191 2.19 -13.76 19.93
CA ILE C 191 0.96 -13.10 19.50
C ILE C 191 1.28 -11.76 18.85
N VAL C 192 0.61 -11.50 17.72
CA VAL C 192 0.65 -10.23 17.00
C VAL C 192 -0.79 -9.74 16.90
N LYS C 193 -1.00 -8.46 17.19
CA LYS C 193 -2.29 -7.81 16.95
C LYS C 193 -2.31 -7.14 15.57
N HIS C 194 -3.45 -7.20 14.90
CA HIS C 194 -3.53 -6.71 13.52
C HIS C 194 -4.99 -6.39 13.19
N ASN C 195 -5.28 -5.13 12.87
CA ASN C 195 -6.64 -4.70 12.60
C ASN C 195 -7.56 -4.96 13.79
N GLY C 196 -7.03 -4.82 15.00
CA GLY C 196 -7.81 -5.05 16.19
C GLY C 196 -7.96 -6.51 16.59
N GLU C 197 -7.56 -7.46 15.74
CA GLU C 197 -7.66 -8.87 16.06
C GLU C 197 -6.32 -9.42 16.55
N TYR C 198 -6.39 -10.41 17.42
CA TYR C 198 -5.21 -11.06 17.96
C TYR C 198 -4.88 -12.32 17.17
N PHE C 199 -3.63 -12.44 16.72
CA PHE C 199 -3.18 -13.60 15.94
C PHE C 199 -2.13 -14.34 16.74
N LEU C 200 -2.46 -15.58 17.14
CA LEU C 200 -1.55 -16.43 17.88
C LEU C 200 -0.78 -17.31 16.90
N ILE C 201 0.54 -17.24 16.96
CA ILE C 201 1.41 -18.13 16.19
C ILE C 201 1.95 -19.16 17.17
N ALA C 202 1.98 -20.42 16.76
CA ALA C 202 2.44 -21.48 17.66
C ALA C 202 2.79 -22.72 16.85
N SER C 203 3.66 -23.53 17.43
CA SER C 203 4.01 -24.85 16.92
C SER C 203 3.25 -25.91 17.71
N HIS C 204 3.22 -27.12 17.16
CA HIS C 204 2.81 -28.27 17.94
C HIS C 204 4.00 -28.83 18.70
N THR C 205 3.73 -29.76 19.61
CA THR C 205 4.76 -30.33 20.49
C THR C 205 5.42 -31.51 19.78
N SER C 206 6.71 -31.36 19.41
CA SER C 206 7.42 -32.47 18.80
C SER C 206 8.93 -32.44 19.14
N GLY C 207 9.29 -31.96 20.33
CA GLY C 207 10.69 -31.88 20.70
C GLY C 207 11.47 -30.92 19.82
N TRP C 208 12.73 -31.28 19.55
CA TRP C 208 13.58 -30.47 18.69
C TRP C 208 13.23 -30.58 17.20
N ALA C 209 12.27 -31.45 16.82
CA ALA C 209 11.97 -31.65 15.41
C ALA C 209 10.98 -30.60 14.93
N PRO C 210 11.23 -29.97 13.77
CA PRO C 210 10.30 -28.96 13.27
C PRO C 210 8.97 -29.59 12.89
N ASN C 211 7.90 -28.82 13.02
CA ASN C 211 6.58 -29.22 12.60
C ASN C 211 5.87 -27.99 12.03
N PRO C 212 4.79 -28.19 11.24
CA PRO C 212 4.12 -27.04 10.60
C PRO C 212 3.49 -26.07 11.58
N ASN C 213 4.09 -24.89 11.76
CA ASN C 213 3.55 -23.90 12.69
C ASN C 213 2.24 -23.31 12.16
N LYS C 214 1.37 -22.91 13.08
CA LYS C 214 -0.01 -22.59 12.80
C LYS C 214 -0.40 -21.25 13.40
N TRP C 215 -1.41 -20.62 12.80
CA TRP C 215 -1.94 -19.36 13.30
C TRP C 215 -3.40 -19.54 13.68
N PHE C 216 -3.81 -18.76 14.67
CA PHE C 216 -5.16 -18.70 15.23
C PHE C 216 -5.48 -17.24 15.41
N SER C 217 -6.73 -16.86 15.19
CA SER C 217 -7.13 -15.50 15.47
C SER C 217 -8.32 -15.48 16.42
N ALA C 218 -8.52 -14.33 17.06
CA ALA C 218 -9.61 -14.14 17.99
C ALA C 218 -9.85 -12.65 18.14
N SER C 219 -11.11 -12.31 18.44
CA SER C 219 -11.50 -10.95 18.73
C SER C 219 -11.12 -10.52 20.14
N SER C 220 -10.95 -11.47 21.05
CA SER C 220 -10.54 -11.20 22.42
C SER C 220 -9.60 -12.32 22.85
N LEU C 221 -8.71 -12.00 23.79
CA LEU C 221 -7.78 -13.02 24.28
C LEU C 221 -8.51 -14.12 25.04
N ALA C 222 -9.75 -13.89 25.44
CA ALA C 222 -10.58 -14.95 26.02
C ALA C 222 -11.16 -15.89 24.97
N GLY C 223 -10.83 -15.72 23.69
CA GLY C 223 -11.43 -16.50 22.64
C GLY C 223 -12.85 -16.04 22.35
N PRO C 224 -13.62 -16.84 21.57
CA PRO C 224 -13.24 -18.10 20.91
C PRO C 224 -12.18 -17.92 19.85
N TRP C 225 -11.33 -18.91 19.68
CA TRP C 225 -10.20 -18.84 18.76
C TRP C 225 -10.49 -19.64 17.51
N SER C 226 -10.15 -19.07 16.36
CA SER C 226 -10.34 -19.76 15.10
C SER C 226 -9.57 -21.08 15.08
N ALA C 227 -10.01 -21.99 14.23
CA ALA C 227 -9.33 -23.26 14.04
C ALA C 227 -8.00 -23.02 13.32
N GLN C 228 -7.00 -23.85 13.65
CA GLN C 228 -5.64 -23.64 13.20
C GLN C 228 -5.53 -23.63 11.68
N GLN C 229 -4.58 -22.83 11.17
CA GLN C 229 -4.25 -22.83 9.75
C GLN C 229 -2.73 -22.69 9.60
N ASP C 230 -2.21 -23.10 8.44
CA ASP C 230 -0.77 -23.08 8.24
C ASP C 230 -0.25 -21.69 7.91
N ILE C 231 0.98 -21.42 8.31
CA ILE C 231 1.65 -20.18 7.94
C ILE C 231 2.73 -20.41 6.89
N ALA C 232 3.07 -21.67 6.59
CA ALA C 232 3.94 -22.06 5.49
C ALA C 232 3.37 -23.35 4.89
N PRO C 233 3.84 -23.76 3.71
CA PRO C 233 3.41 -25.08 3.18
C PRO C 233 3.74 -26.18 4.17
N SER C 234 2.74 -27.00 4.50
CA SER C 234 2.83 -28.03 5.53
C SER C 234 4.11 -28.86 5.43
N ALA C 235 4.40 -29.40 4.24
CA ALA C 235 5.47 -30.36 4.10
C ALA C 235 6.83 -29.79 4.46
N THR C 236 6.99 -28.47 4.45
CA THR C 236 8.30 -27.89 4.72
C THR C 236 8.61 -27.77 6.21
N ARG C 237 7.64 -28.00 7.09
CA ARG C 237 7.84 -27.89 8.54
C ARG C 237 8.29 -26.47 8.91
N THR C 238 7.44 -25.50 8.54
CA THR C 238 7.72 -24.08 8.69
C THR C 238 9.10 -23.74 8.15
N TRP C 239 9.40 -24.29 6.97
CA TRP C 239 10.70 -24.15 6.33
C TRP C 239 11.83 -24.53 7.28
N TYR C 240 11.63 -25.65 7.99
CA TYR C 240 12.55 -26.15 9.00
C TYR C 240 12.88 -25.04 10.01
N SER C 241 11.91 -24.78 10.88
CA SER C 241 12.08 -23.79 11.92
C SER C 241 10.96 -24.00 12.93
N GLN C 242 11.06 -23.26 14.03
CA GLN C 242 10.04 -23.23 15.07
C GLN C 242 9.93 -21.80 15.59
N ASN C 243 8.70 -21.36 15.80
CA ASN C 243 8.44 -19.99 16.23
C ASN C 243 9.28 -19.64 17.46
N ALA C 244 9.75 -18.38 17.51
CA ALA C 244 10.33 -17.86 18.75
C ALA C 244 9.70 -16.52 19.11
N PHE C 245 9.66 -15.59 18.15
CA PHE C 245 9.14 -14.24 18.37
C PHE C 245 8.55 -13.71 17.07
N ASP C 246 7.43 -13.03 17.19
CA ASP C 246 6.74 -12.45 16.04
C ASP C 246 6.70 -10.95 16.27
N LEU C 247 7.62 -10.25 15.65
CA LEU C 247 7.78 -8.83 15.89
C LEU C 247 6.86 -8.04 14.97
N PRO C 248 6.06 -7.11 15.47
CA PRO C 248 5.21 -6.31 14.58
C PRO C 248 6.07 -5.46 13.64
N LEU C 249 5.64 -5.37 12.38
CA LEU C 249 6.36 -4.61 11.36
C LEU C 249 5.34 -3.92 10.46
N GLY C 250 5.10 -2.63 10.72
CA GLY C 250 4.05 -1.94 10.00
C GLY C 250 2.74 -2.66 10.24
N SER C 251 1.99 -2.89 9.17
CA SER C 251 0.78 -3.69 9.28
C SER C 251 1.06 -5.19 9.15
N ASN C 252 2.33 -5.60 9.22
CA ASN C 252 2.71 -6.99 9.12
C ASN C 252 3.55 -7.40 10.31
N ALA C 253 4.42 -8.40 10.13
CA ALA C 253 5.24 -8.88 11.23
C ALA C 253 6.48 -9.56 10.67
N ILE C 254 7.49 -9.71 11.53
CA ILE C 254 8.64 -10.56 11.22
C ILE C 254 8.48 -11.85 11.99
N TYR C 255 8.45 -12.96 11.25
CA TYR C 255 8.51 -14.29 11.85
C TYR C 255 9.96 -14.58 12.23
N MET C 256 10.22 -14.73 13.52
CA MET C 256 11.56 -15.07 14.00
C MET C 256 11.48 -16.44 14.62
N GLY C 257 12.19 -17.40 14.02
CA GLY C 257 12.18 -18.75 14.50
C GLY C 257 13.59 -19.29 14.66
N ASP C 258 13.64 -20.48 15.24
CA ASP C 258 14.90 -21.21 15.45
C ASP C 258 14.89 -22.47 14.59
N ARG C 259 16.05 -22.76 13.99
CA ARG C 259 16.31 -24.06 13.40
C ARG C 259 17.16 -24.81 14.43
N TRP C 260 16.49 -25.56 15.29
CA TRP C 260 17.19 -26.24 16.37
C TRP C 260 18.04 -27.36 15.79
N ARG C 261 19.26 -27.50 16.29
CA ARG C 261 20.16 -28.58 15.89
C ARG C 261 20.60 -29.33 17.13
N PRO C 262 19.85 -30.34 17.58
CA PRO C 262 20.08 -30.92 18.91
C PRO C 262 21.47 -31.51 19.09
N SER C 263 22.05 -32.08 18.05
CA SER C 263 23.39 -32.63 18.11
C SER C 263 24.48 -31.56 18.18
N LEU C 264 24.16 -30.28 17.96
CA LEU C 264 25.14 -29.22 18.08
C LEU C 264 24.42 -27.91 18.34
N LEU C 265 23.79 -27.80 19.51
CA LEU C 265 22.82 -26.75 19.77
C LEU C 265 23.37 -25.34 19.50
N GLY C 266 24.67 -25.14 19.70
CA GLY C 266 25.23 -23.82 19.51
C GLY C 266 25.30 -23.38 18.07
N SER C 267 25.02 -24.27 17.14
CA SER C 267 25.00 -23.92 15.72
C SER C 267 23.59 -23.87 15.15
N SER C 268 22.58 -24.01 16.01
CA SER C 268 21.20 -23.70 15.65
C SER C 268 21.12 -22.35 14.97
N ARG C 269 20.33 -22.27 13.90
CA ARG C 269 20.32 -21.09 13.06
C ARG C 269 19.06 -20.24 13.31
N TYR C 270 19.10 -19.01 12.80
CA TYR C 270 18.02 -18.04 12.96
C TYR C 270 17.30 -17.92 11.63
N ILE C 271 16.01 -18.24 11.65
CA ILE C 271 15.16 -18.25 10.47
C ILE C 271 14.20 -17.09 10.62
N TRP C 272 14.53 -15.98 9.97
CA TRP C 272 13.72 -14.76 10.01
C TRP C 272 13.14 -14.51 8.63
N TYR C 273 11.82 -14.40 8.54
CA TYR C 273 11.12 -14.11 7.29
C TYR C 273 10.07 -13.04 7.53
N PRO C 274 9.71 -12.29 6.47
CA PRO C 274 8.48 -11.48 6.55
C PRO C 274 7.28 -12.36 6.81
N LEU C 275 6.42 -11.90 7.70
CA LEU C 275 5.16 -12.58 8.01
C LEU C 275 4.07 -11.62 7.54
N ASP C 276 3.55 -11.86 6.34
CA ASP C 276 2.69 -10.90 5.68
C ASP C 276 1.22 -11.13 6.03
N PHE C 277 0.55 -10.09 6.49
CA PHE C 277 -0.82 -10.18 6.93
C PHE C 277 -1.82 -9.63 5.92
N SER C 278 -1.36 -9.23 4.72
CA SER C 278 -2.22 -8.43 3.84
C SER C 278 -3.47 -9.20 3.44
N SER C 279 -3.33 -10.48 3.15
CA SER C 279 -4.45 -11.35 2.82
C SER C 279 -5.41 -11.58 3.98
N GLY C 280 -5.18 -10.97 5.15
CA GLY C 280 -5.95 -11.27 6.34
C GLY C 280 -5.50 -12.50 7.11
N ALA C 281 -4.55 -13.27 6.58
CA ALA C 281 -4.08 -14.50 7.23
C ALA C 281 -2.56 -14.50 7.19
N PRO C 282 -1.89 -14.64 8.34
CA PRO C 282 -0.41 -14.56 8.33
C PRO C 282 0.20 -15.66 7.49
N GLN C 283 1.06 -15.26 6.54
CA GLN C 283 1.73 -16.21 5.67
C GLN C 283 3.20 -15.83 5.58
N ILE C 284 4.08 -16.83 5.70
CA ILE C 284 5.52 -16.57 5.67
C ILE C 284 5.94 -16.27 4.25
N VAL C 285 6.68 -15.16 4.08
CA VAL C 285 7.27 -14.83 2.79
C VAL C 285 8.63 -15.52 2.76
N HIS C 286 8.72 -16.63 2.02
CA HIS C 286 9.97 -17.36 1.88
C HIS C 286 11.00 -16.58 1.07
N ALA C 287 11.77 -15.73 1.75
CA ALA C 287 12.77 -14.87 1.13
C ALA C 287 14.15 -15.29 1.63
N ASP C 288 14.97 -15.83 0.72
CA ASP C 288 16.33 -16.26 1.09
C ASP C 288 17.17 -15.07 1.55
N VAL C 289 16.96 -13.91 0.94
CA VAL C 289 17.73 -12.70 1.21
C VAL C 289 16.73 -11.55 1.17
N TRP C 290 16.57 -10.84 2.28
CA TRP C 290 15.67 -9.70 2.30
C TRP C 290 16.21 -8.62 3.22
N SER C 291 15.68 -7.40 3.04
CA SER C 291 16.06 -6.24 3.84
C SER C 291 14.84 -5.70 4.59
N VAL C 292 15.10 -4.97 5.66
CA VAL C 292 14.04 -4.45 6.52
C VAL C 292 14.33 -2.98 6.78
N ASN C 293 13.28 -2.17 6.81
CA ASN C 293 13.37 -0.77 7.20
C ASN C 293 12.48 -0.70 8.44
N VAL C 294 13.11 -0.77 9.60
CA VAL C 294 12.32 -1.15 10.76
C VAL C 294 11.51 0.03 11.30
N GLN C 295 11.97 1.25 11.08
CA GLN C 295 11.16 2.38 11.53
C GLN C 295 9.99 2.67 10.60
N ALA C 296 10.11 2.35 9.31
CA ALA C 296 8.99 2.50 8.40
C ALA C 296 8.06 1.29 8.40
N GLY C 297 8.45 0.20 9.05
CA GLY C 297 7.61 -0.99 9.04
C GLY C 297 7.49 -1.67 7.70
N THR C 298 8.56 -1.64 6.89
CA THR C 298 8.52 -2.21 5.55
C THR C 298 9.67 -3.19 5.33
N TYR C 299 9.53 -4.00 4.28
CA TYR C 299 10.54 -4.96 3.89
C TYR C 299 10.60 -5.05 2.36
N SER C 300 11.76 -5.46 1.85
CA SER C 300 11.93 -5.76 0.43
C SER C 300 12.69 -7.06 0.27
N VAL C 301 12.17 -7.94 -0.58
CA VAL C 301 12.81 -9.22 -0.90
C VAL C 301 13.80 -8.98 -2.04
N ALA C 302 15.00 -9.52 -1.92
CA ALA C 302 15.96 -9.39 -3.00
C ALA C 302 15.60 -10.36 -4.12
N SER C 303 15.73 -9.89 -5.35
CA SER C 303 15.56 -10.76 -6.50
C SER C 303 16.91 -11.36 -6.88
N GLY C 304 16.86 -12.61 -7.34
CA GLY C 304 18.06 -13.30 -7.79
C GLY C 304 17.79 -14.07 -9.08
N THR C 305 18.85 -14.65 -9.62
CA THR C 305 18.76 -15.43 -10.85
C THR C 305 18.73 -16.92 -10.51
N SER C 306 17.73 -17.62 -11.04
CA SER C 306 17.57 -19.04 -10.81
C SER C 306 18.34 -19.84 -11.84
N TYR C 307 18.97 -20.94 -11.40
CA TYR C 307 19.68 -21.87 -12.27
C TYR C 307 19.25 -23.26 -11.84
N GLU C 308 18.51 -23.96 -12.71
CA GLU C 308 18.13 -25.32 -12.38
C GLU C 308 19.36 -26.20 -12.36
N ALA C 309 19.39 -27.16 -11.45
CA ALA C 309 20.52 -28.07 -11.40
C ALA C 309 20.53 -29.01 -12.60
N GLU C 310 19.34 -29.46 -13.03
CA GLU C 310 19.23 -30.40 -14.14
C GLU C 310 19.69 -29.80 -15.47
N ASN C 311 20.01 -28.52 -15.51
CA ASN C 311 20.53 -27.85 -16.71
C ASN C 311 22.05 -27.83 -16.76
N GLY C 312 22.73 -28.41 -15.79
CA GLY C 312 24.18 -28.37 -15.72
C GLY C 312 24.85 -29.69 -16.13
N GLN C 313 26.18 -29.64 -16.20
CA GLN C 313 27.04 -30.75 -16.63
C GLN C 313 27.17 -31.75 -15.50
N ARG C 314 26.41 -32.84 -15.58
CA ARG C 314 26.58 -33.95 -14.65
C ARG C 314 27.92 -34.64 -14.87
N GLY C 315 28.70 -34.78 -13.79
CA GLY C 315 29.91 -35.59 -13.80
C GLY C 315 29.71 -36.85 -12.99
N GLY C 316 30.54 -37.86 -13.25
CA GLY C 316 30.50 -39.07 -12.44
C GLY C 316 29.15 -39.75 -12.42
N SER C 317 28.75 -40.20 -11.23
CA SER C 317 27.57 -41.03 -11.04
C SER C 317 26.30 -40.24 -10.79
N SER C 318 26.30 -38.93 -11.02
CA SER C 318 25.12 -38.11 -10.78
C SER C 318 24.06 -38.41 -11.82
N THR C 319 22.83 -38.59 -11.37
CA THR C 319 21.67 -38.95 -12.17
C THR C 319 20.72 -37.75 -12.26
N ILE C 320 19.45 -38.02 -12.60
CA ILE C 320 18.44 -36.99 -12.75
C ILE C 320 17.14 -37.54 -12.19
N LEU C 321 16.59 -36.88 -11.17
CA LEU C 321 15.37 -37.33 -10.54
C LEU C 321 14.19 -36.50 -11.01
N SER C 322 13.00 -36.90 -10.58
CA SER C 322 11.78 -36.30 -11.07
C SER C 322 10.72 -36.42 -10.00
N GLY C 323 10.09 -35.31 -9.65
CA GLY C 323 9.01 -35.33 -8.68
C GLY C 323 8.27 -34.01 -8.66
N SER C 324 7.07 -34.05 -8.07
CA SER C 324 6.21 -32.88 -8.00
C SER C 324 6.79 -31.75 -7.15
N GLY C 325 7.72 -32.05 -6.24
CA GLY C 325 8.26 -31.03 -5.37
C GLY C 325 9.45 -30.27 -5.91
N PHE C 326 9.83 -30.56 -7.15
CA PHE C 326 11.02 -29.97 -7.75
C PHE C 326 10.64 -28.85 -8.71
N SER C 327 11.38 -27.75 -8.63
CA SER C 327 11.30 -26.71 -9.64
C SER C 327 11.69 -27.27 -11.00
N GLY C 328 10.86 -27.01 -12.01
CA GLY C 328 11.08 -27.58 -13.32
C GLY C 328 10.86 -29.07 -13.40
N GLY C 329 10.25 -29.68 -12.38
CA GLY C 329 9.99 -31.10 -12.35
C GLY C 329 11.18 -32.01 -12.04
N LYS C 330 12.40 -31.49 -12.06
CA LYS C 330 13.61 -32.31 -12.03
C LYS C 330 14.59 -31.81 -10.97
N ALA C 331 15.38 -32.74 -10.44
CA ALA C 331 16.54 -32.45 -9.61
C ALA C 331 17.67 -33.40 -9.99
N VAL C 332 18.89 -33.06 -9.58
CA VAL C 332 20.06 -33.90 -9.82
C VAL C 332 20.27 -34.84 -8.64
N GLY C 333 20.29 -36.14 -8.91
CA GLY C 333 20.44 -37.14 -7.88
C GLY C 333 21.86 -37.71 -7.80
N TYR C 334 22.03 -38.60 -6.82
CA TYR C 334 23.30 -39.29 -6.53
C TYR C 334 24.49 -38.35 -6.64
N LEU C 335 24.40 -37.24 -5.92
CA LEU C 335 25.46 -36.25 -5.86
C LEU C 335 26.44 -36.59 -4.74
N GLY C 336 27.69 -36.17 -4.92
CA GLY C 336 28.76 -36.62 -4.06
C GLY C 336 29.04 -38.09 -4.23
N HIS C 337 30.10 -38.61 -3.60
CA HIS C 337 30.46 -40.02 -3.73
C HIS C 337 30.65 -40.39 -5.20
N GLY C 338 31.37 -39.53 -5.92
CA GLY C 338 31.59 -39.71 -7.33
C GLY C 338 30.61 -38.99 -8.24
N GLY C 339 29.47 -38.54 -7.70
CA GLY C 339 28.51 -37.75 -8.47
C GLY C 339 28.68 -36.26 -8.32
N THR C 340 28.96 -35.56 -9.42
CA THR C 340 29.05 -34.10 -9.44
C THR C 340 28.01 -33.50 -10.36
N VAL C 341 27.89 -32.18 -10.30
CA VAL C 341 27.14 -31.39 -11.26
C VAL C 341 27.70 -29.98 -11.26
N THR C 342 27.88 -29.42 -12.46
CA THR C 342 28.50 -28.11 -12.61
C THR C 342 27.52 -27.19 -13.32
N ILE C 343 27.06 -26.18 -12.61
CA ILE C 343 26.18 -25.15 -13.16
C ILE C 343 27.06 -24.10 -13.80
N ASN C 344 26.89 -23.88 -15.09
CA ASN C 344 27.77 -23.00 -15.84
C ASN C 344 27.05 -21.72 -16.21
N ASN C 345 27.84 -20.77 -16.70
CA ASN C 345 27.33 -19.51 -17.23
C ASN C 345 26.63 -18.68 -16.15
N VAL C 346 26.89 -19.00 -14.88
CA VAL C 346 26.45 -18.17 -13.77
C VAL C 346 27.10 -16.80 -13.92
N GLN C 347 26.31 -15.79 -14.28
CA GLN C 347 26.83 -14.46 -14.48
C GLN C 347 26.90 -13.70 -13.17
N SER C 348 27.84 -12.77 -13.08
CA SER C 348 28.05 -11.98 -11.88
C SER C 348 28.71 -10.67 -12.27
N ASN C 349 28.72 -9.74 -11.32
CA ASN C 349 29.43 -8.47 -11.48
C ASN C 349 30.70 -8.43 -10.65
N GLY C 350 31.22 -9.59 -10.24
CA GLY C 350 32.35 -9.62 -9.34
C GLY C 350 31.96 -9.28 -7.91
N GLY C 351 32.66 -9.86 -6.95
CA GLY C 351 32.36 -9.68 -5.55
C GLY C 351 31.83 -10.96 -4.93
N SER C 352 31.38 -10.83 -3.69
CA SER C 352 30.78 -11.94 -2.96
C SER C 352 29.26 -11.88 -3.04
N HIS C 353 28.65 -13.03 -3.27
CA HIS C 353 27.23 -13.11 -3.52
C HIS C 353 26.65 -14.26 -2.70
N TRP C 354 25.51 -14.00 -2.09
CA TRP C 354 24.73 -15.05 -1.47
C TRP C 354 24.12 -15.93 -2.56
N VAL C 355 24.25 -17.24 -2.39
CA VAL C 355 23.62 -18.21 -3.30
C VAL C 355 22.78 -19.15 -2.45
N ALA C 356 21.53 -19.36 -2.86
CA ALA C 356 20.63 -20.23 -2.13
C ALA C 356 20.58 -21.58 -2.83
N LEU C 357 20.87 -22.64 -2.09
CA LEU C 357 20.87 -24.02 -2.59
C LEU C 357 19.53 -24.66 -2.25
N TYR C 358 18.73 -24.94 -3.28
CA TYR C 358 17.46 -25.63 -3.07
C TYR C 358 17.71 -27.13 -3.19
N PHE C 359 17.35 -27.89 -2.16
CA PHE C 359 17.71 -29.29 -2.08
C PHE C 359 16.61 -30.08 -1.40
N ALA C 360 16.59 -31.38 -1.65
CA ALA C 360 15.75 -32.32 -0.92
C ALA C 360 16.61 -33.40 -0.27
N ASN C 361 16.19 -33.84 0.92
CA ASN C 361 16.98 -34.75 1.75
C ASN C 361 16.00 -35.57 2.59
N GLY C 362 15.70 -36.79 2.12
CA GLY C 362 14.77 -37.65 2.80
C GLY C 362 15.32 -38.36 4.02
N ASP C 363 16.63 -38.24 4.27
CA ASP C 363 17.23 -38.77 5.48
C ASP C 363 16.55 -38.19 6.73
N SER C 364 16.83 -38.78 7.88
CA SER C 364 16.44 -38.18 9.14
C SER C 364 17.54 -37.29 9.70
N THR C 365 18.66 -37.19 9.00
CA THR C 365 19.87 -36.57 9.49
C THR C 365 20.47 -35.70 8.40
N TYR C 366 21.40 -34.84 8.78
CA TYR C 366 21.96 -33.86 7.85
C TYR C 366 22.70 -34.54 6.70
N ARG C 367 22.92 -33.76 5.65
CA ARG C 367 23.82 -34.15 4.56
C ARG C 367 24.76 -32.97 4.34
N ASN C 368 25.39 -32.94 3.18
CA ASN C 368 26.61 -32.16 2.99
C ASN C 368 26.89 -32.09 1.51
N VAL C 369 27.27 -30.91 1.02
CA VAL C 369 27.65 -30.77 -0.38
C VAL C 369 28.86 -29.86 -0.49
N THR C 370 29.84 -30.26 -1.31
CA THR C 370 30.98 -29.42 -1.62
C THR C 370 30.61 -28.43 -2.71
N VAL C 371 31.11 -27.20 -2.59
CA VAL C 371 30.78 -26.13 -3.51
C VAL C 371 32.10 -25.51 -3.94
N SER C 372 32.44 -25.67 -5.22
CA SER C 372 33.68 -25.14 -5.76
C SER C 372 33.32 -24.11 -6.84
N VAL C 373 33.97 -22.96 -6.81
CA VAL C 373 33.68 -21.87 -7.74
C VAL C 373 34.88 -21.68 -8.65
N ASN C 374 34.65 -21.82 -9.97
CA ASN C 374 35.70 -21.70 -10.97
C ASN C 374 36.85 -22.65 -10.67
N GLY C 375 36.51 -23.87 -10.26
CA GLY C 375 37.51 -24.88 -9.95
C GLY C 375 38.45 -24.50 -8.84
N GLY C 376 38.05 -23.60 -7.94
CA GLY C 376 38.87 -23.20 -6.83
C GLY C 376 38.62 -24.04 -5.60
N PRO C 377 39.18 -23.63 -4.46
CA PRO C 377 39.06 -24.43 -3.24
C PRO C 377 37.61 -24.64 -2.82
N SER C 378 37.32 -25.84 -2.35
CA SER C 378 35.97 -26.23 -1.98
C SER C 378 35.63 -25.83 -0.55
N VAL C 379 34.34 -25.50 -0.32
CA VAL C 379 33.81 -25.33 1.02
C VAL C 379 32.64 -26.31 1.20
N LEU C 380 32.37 -26.65 2.45
CA LEU C 380 31.33 -27.61 2.78
C LEU C 380 30.11 -26.86 3.30
N VAL C 381 28.93 -27.36 2.94
CA VAL C 381 27.67 -26.69 3.25
C VAL C 381 26.71 -27.75 3.76
N ASP C 382 26.27 -27.60 5.01
CA ASP C 382 25.38 -28.60 5.57
C ASP C 382 24.00 -28.49 4.96
N GLN C 383 23.30 -29.63 4.88
CA GLN C 383 22.00 -29.74 4.25
C GLN C 383 21.07 -30.49 5.19
N PRO C 384 20.34 -29.79 6.05
CA PRO C 384 19.46 -30.47 7.01
C PRO C 384 18.52 -31.47 6.38
N ASP C 385 17.92 -32.33 7.19
CA ASP C 385 16.78 -33.11 6.71
C ASP C 385 15.71 -32.16 6.18
N SER C 386 15.20 -32.48 5.00
CA SER C 386 14.27 -31.59 4.33
C SER C 386 12.80 -31.89 4.65
N GLY C 387 12.49 -33.05 5.21
CA GLY C 387 11.12 -33.49 5.37
C GLY C 387 10.68 -34.56 4.38
N GLY C 388 11.48 -34.82 3.35
CA GLY C 388 11.19 -35.87 2.40
C GLY C 388 12.04 -35.77 1.16
N GLY C 389 12.13 -36.84 0.37
CA GLY C 389 12.80 -36.74 -0.90
C GLY C 389 12.10 -35.81 -1.88
N ASN C 390 10.80 -35.59 -1.68
CA ASN C 390 10.02 -34.70 -2.52
C ASN C 390 9.75 -33.34 -1.86
N VAL C 391 10.56 -32.95 -0.88
CA VAL C 391 10.36 -31.69 -0.15
C VAL C 391 11.64 -30.89 -0.24
N VAL C 392 11.56 -29.73 -0.88
CA VAL C 392 12.73 -28.88 -1.12
C VAL C 392 12.71 -27.71 -0.14
N ILE C 393 13.84 -27.47 0.53
CA ILE C 393 14.10 -26.25 1.28
C ILE C 393 15.40 -25.66 0.76
N SER C 394 15.84 -24.55 1.34
CA SER C 394 17.08 -23.91 0.89
C SER C 394 17.96 -23.57 2.09
N VAL C 395 19.27 -23.55 1.85
CA VAL C 395 20.25 -23.02 2.81
C VAL C 395 21.19 -22.11 2.05
N PRO C 396 21.74 -21.07 2.69
CA PRO C 396 22.59 -20.10 1.98
C PRO C 396 24.08 -20.39 2.06
N VAL C 397 24.83 -19.92 1.07
CA VAL C 397 26.29 -19.91 1.12
C VAL C 397 26.75 -18.71 0.32
N LYS C 398 27.73 -17.99 0.87
CA LYS C 398 28.30 -16.84 0.20
C LYS C 398 29.49 -17.30 -0.64
N LEU C 399 29.58 -16.79 -1.88
CA LEU C 399 30.61 -17.21 -2.82
C LEU C 399 31.25 -15.99 -3.48
N ASN C 400 32.55 -16.07 -3.75
CA ASN C 400 33.22 -15.06 -4.54
C ASN C 400 33.09 -15.40 -6.01
N LEU C 401 32.69 -14.41 -6.80
CA LEU C 401 32.51 -14.60 -8.23
C LEU C 401 33.33 -13.55 -8.95
N ASN C 402 33.71 -13.87 -10.18
CA ASN C 402 34.37 -12.88 -11.04
C ASN C 402 33.35 -12.18 -11.91
N SER C 403 33.58 -10.90 -12.17
CA SER C 403 32.74 -10.14 -13.08
C SER C 403 32.81 -10.75 -14.46
N GLY C 404 31.68 -11.23 -14.95
CA GLY C 404 31.67 -12.07 -16.12
C GLY C 404 30.92 -13.34 -15.78
N GLU C 405 31.36 -14.48 -16.30
CA GLU C 405 30.66 -15.74 -16.08
C GLU C 405 31.52 -16.68 -15.26
N ASN C 406 30.87 -17.43 -14.39
CA ASN C 406 31.53 -18.28 -13.42
C ASN C 406 30.92 -19.67 -13.51
N SER C 407 31.56 -20.64 -12.87
CA SER C 407 31.07 -22.00 -12.88
C SER C 407 31.19 -22.59 -11.49
N ILE C 408 30.12 -23.22 -11.02
CA ILE C 408 30.02 -23.71 -9.64
C ILE C 408 29.79 -25.20 -9.69
N THR C 409 30.62 -25.96 -8.96
CA THR C 409 30.57 -27.41 -8.98
C THR C 409 30.13 -27.96 -7.63
N PHE C 410 29.31 -29.02 -7.65
CA PHE C 410 28.65 -29.53 -6.46
C PHE C 410 28.93 -31.01 -6.30
N GLY C 411 29.25 -31.42 -5.07
CA GLY C 411 29.43 -32.82 -4.74
C GLY C 411 30.78 -33.42 -5.10
N SER C 412 31.73 -32.60 -5.52
CA SER C 412 33.05 -33.08 -5.92
C SER C 412 33.92 -33.32 -4.69
N GLY C 413 34.63 -34.44 -4.69
CA GLY C 413 35.58 -34.75 -3.62
C GLY C 413 34.94 -34.92 -2.25
N GLN C 414 33.92 -35.75 -2.16
CA GLN C 414 33.32 -36.10 -0.88
C GLN C 414 32.80 -37.52 -0.96
N SER C 415 33.13 -38.33 0.05
CA SER C 415 32.81 -39.74 0.00
C SER C 415 31.34 -40.01 0.31
N ASN C 416 30.70 -39.14 1.08
CA ASN C 416 29.31 -39.34 1.44
C ASN C 416 28.39 -38.71 0.40
N TYR C 417 27.14 -39.15 0.41
CA TYR C 417 26.12 -38.69 -0.53
C TYR C 417 25.58 -37.33 -0.10
N ALA C 418 25.72 -36.34 -0.98
CA ALA C 418 25.05 -35.05 -0.80
C ALA C 418 23.53 -35.22 -0.92
N ALA C 419 22.83 -34.10 -0.78
CA ALA C 419 21.38 -34.09 -0.96
C ALA C 419 21.04 -33.82 -2.42
N ASP C 420 19.82 -34.15 -2.80
CA ASP C 420 19.35 -33.88 -4.16
C ASP C 420 19.25 -32.38 -4.41
N LEU C 421 19.96 -31.89 -5.41
CA LEU C 421 20.01 -30.46 -5.71
C LEU C 421 18.95 -30.09 -6.75
N ASP C 422 17.95 -29.28 -6.34
CA ASP C 422 16.89 -28.83 -7.23
C ASP C 422 17.35 -27.68 -8.13
N LYS C 423 17.91 -26.63 -7.56
CA LYS C 423 18.32 -25.43 -8.27
C LYS C 423 19.05 -24.53 -7.29
N ILE C 424 19.68 -23.50 -7.83
CA ILE C 424 20.34 -22.48 -7.01
C ILE C 424 19.83 -21.11 -7.45
N ILE C 425 19.79 -20.19 -6.50
CA ILE C 425 19.46 -18.80 -6.80
C ILE C 425 20.65 -17.94 -6.38
N VAL C 426 21.23 -17.23 -7.34
CA VAL C 426 22.35 -16.34 -7.11
C VAL C 426 21.83 -14.93 -6.91
N TYR C 427 22.13 -14.35 -5.74
CA TYR C 427 21.62 -13.02 -5.40
C TYR C 427 22.70 -11.96 -5.58
N ASN D 1 -22.91 -2.62 -3.64
CA ASN D 1 -23.27 -4.01 -3.92
C ASN D 1 -22.06 -4.94 -3.71
N GLN D 2 -22.36 -6.18 -3.34
CA GLN D 2 -21.41 -7.06 -2.70
C GLN D 2 -21.30 -8.38 -3.45
N ILE D 3 -20.12 -8.98 -3.38
CA ILE D 3 -19.86 -10.26 -4.00
C ILE D 3 -19.99 -11.32 -2.92
N VAL D 4 -21.02 -12.17 -3.04
CA VAL D 4 -21.37 -13.13 -1.99
C VAL D 4 -21.27 -14.53 -2.59
N SER D 5 -20.12 -15.15 -2.40
CA SER D 5 -19.86 -16.46 -2.96
C SER D 5 -20.85 -17.51 -2.42
N GLY D 6 -21.24 -18.44 -3.29
CA GLY D 6 -22.20 -19.48 -2.91
C GLY D 6 -23.66 -19.09 -3.00
N ALA D 7 -23.98 -17.80 -3.08
CA ALA D 7 -25.36 -17.36 -3.20
C ALA D 7 -25.86 -17.57 -4.64
N ALA D 8 -27.16 -17.36 -4.83
CA ALA D 8 -27.77 -17.43 -6.16
C ALA D 8 -27.70 -16.05 -6.78
N TRP D 9 -26.86 -15.89 -7.79
CA TRP D 9 -26.69 -14.59 -8.42
C TRP D 9 -27.70 -14.42 -9.55
N THR D 10 -28.37 -13.27 -9.58
CA THR D 10 -29.32 -12.98 -10.64
C THR D 10 -28.83 -11.77 -11.42
N ASP D 11 -29.29 -11.69 -12.66
CA ASP D 11 -29.02 -10.54 -13.49
C ASP D 11 -30.06 -9.45 -13.21
N THR D 12 -30.00 -8.36 -13.97
CA THR D 12 -30.91 -7.23 -13.76
C THR D 12 -32.35 -7.57 -14.12
N ALA D 13 -32.58 -8.63 -14.89
CA ALA D 13 -33.93 -9.08 -15.18
C ALA D 13 -34.46 -10.03 -14.12
N GLY D 14 -33.65 -10.37 -13.14
CA GLY D 14 -34.11 -11.23 -12.06
C GLY D 14 -33.91 -12.70 -12.30
N ASN D 15 -33.27 -13.09 -13.40
CA ASN D 15 -33.01 -14.50 -13.64
C ASN D 15 -31.62 -14.86 -13.16
N THR D 16 -31.47 -16.12 -12.73
CA THR D 16 -30.19 -16.62 -12.31
C THR D 16 -29.14 -16.49 -13.42
N ILE D 17 -27.93 -16.09 -13.05
CA ILE D 17 -26.86 -15.91 -14.01
C ILE D 17 -26.37 -17.28 -14.47
N GLN D 18 -26.17 -17.43 -15.78
CA GLN D 18 -25.73 -18.69 -16.39
C GLN D 18 -24.44 -18.46 -17.18
N ALA D 19 -23.33 -18.44 -16.47
CA ALA D 19 -22.02 -18.14 -17.06
C ALA D 19 -20.94 -18.93 -16.34
N HIS D 20 -21.04 -20.26 -16.40
CA HIS D 20 -20.06 -21.14 -15.79
C HIS D 20 -18.81 -21.24 -16.69
N GLY D 21 -17.68 -21.56 -16.07
CA GLY D 21 -16.42 -21.55 -16.80
C GLY D 21 -16.01 -20.17 -17.29
N ALA D 22 -16.21 -19.15 -16.46
CA ALA D 22 -16.14 -17.74 -16.86
C ALA D 22 -14.91 -17.38 -17.67
N GLY D 23 -15.11 -16.42 -18.56
CA GLY D 23 -14.01 -15.63 -19.09
C GLY D 23 -14.44 -14.18 -19.08
N ILE D 24 -13.48 -13.30 -18.82
CA ILE D 24 -13.78 -11.88 -18.64
C ILE D 24 -13.01 -11.10 -19.69
N LEU D 25 -13.59 -9.96 -20.07
CA LEU D 25 -12.98 -9.01 -20.99
C LEU D 25 -13.47 -7.62 -20.61
N GLN D 26 -12.64 -6.61 -20.84
CA GLN D 26 -13.02 -5.22 -20.59
C GLN D 26 -12.84 -4.39 -21.86
N VAL D 27 -13.84 -3.58 -22.18
CA VAL D 27 -13.78 -2.67 -23.33
C VAL D 27 -14.24 -1.29 -22.88
N GLY D 28 -13.35 -0.31 -22.92
CA GLY D 28 -13.73 0.98 -22.37
C GLY D 28 -14.12 0.84 -20.90
N SER D 29 -15.33 1.27 -20.55
CA SER D 29 -15.87 1.14 -19.19
C SER D 29 -16.66 -0.14 -18.96
N THR D 30 -16.79 -1.01 -19.96
CA THR D 30 -17.72 -2.12 -19.89
C THR D 30 -16.97 -3.42 -19.64
N PHE D 31 -17.46 -4.19 -18.68
CA PHE D 31 -16.99 -5.54 -18.42
C PHE D 31 -17.93 -6.56 -19.05
N TYR D 32 -17.34 -7.61 -19.60
CA TYR D 32 -18.07 -8.67 -20.28
C TYR D 32 -17.77 -9.95 -19.55
N TRP D 33 -18.82 -10.69 -19.21
CA TRP D 33 -18.68 -12.00 -18.59
C TRP D 33 -19.27 -13.04 -19.55
N PHE D 34 -18.42 -13.91 -20.06
CA PHE D 34 -18.82 -15.01 -20.93
C PHE D 34 -18.75 -16.30 -20.15
N GLY D 35 -19.73 -17.18 -20.34
CA GLY D 35 -19.67 -18.48 -19.72
C GLY D 35 -20.69 -19.42 -20.31
N GLU D 36 -20.70 -20.63 -19.77
CA GLU D 36 -21.58 -21.70 -20.20
C GLU D 36 -22.98 -21.51 -19.61
N ASP D 37 -23.99 -21.54 -20.48
CA ASP D 37 -25.38 -21.59 -20.03
C ASP D 37 -25.73 -23.04 -19.68
N LYS D 38 -26.15 -23.27 -18.44
CA LYS D 38 -26.49 -24.61 -18.00
C LYS D 38 -27.88 -24.66 -17.40
N SER D 39 -28.77 -23.75 -17.81
CA SER D 39 -30.14 -23.82 -17.30
C SER D 39 -30.85 -25.10 -17.72
N HIS D 40 -30.31 -25.86 -18.67
CA HIS D 40 -30.85 -27.17 -19.02
C HIS D 40 -30.26 -28.30 -18.17
N ASN D 41 -29.43 -27.97 -17.19
CA ASN D 41 -28.91 -28.95 -16.23
C ASN D 41 -28.19 -30.10 -16.93
N SER D 42 -27.39 -29.77 -17.93
CA SER D 42 -26.68 -30.78 -18.71
C SER D 42 -25.27 -30.29 -19.00
N ALA D 43 -24.38 -31.23 -19.28
CA ALA D 43 -23.03 -30.86 -19.72
C ALA D 43 -22.96 -30.48 -21.19
N LEU D 44 -24.06 -30.64 -21.95
CA LEU D 44 -24.06 -30.42 -23.39
C LEU D 44 -24.31 -28.96 -23.73
N PHE D 45 -23.90 -28.58 -24.94
CA PHE D 45 -23.86 -27.17 -25.33
C PHE D 45 -25.26 -26.59 -25.45
N LYS D 46 -25.52 -25.54 -24.72
CA LYS D 46 -26.74 -24.77 -24.93
C LYS D 46 -26.47 -23.35 -25.39
N ALA D 47 -25.48 -22.67 -24.83
CA ALA D 47 -25.13 -21.31 -25.23
C ALA D 47 -23.88 -20.87 -24.48
N VAL D 48 -23.09 -20.03 -25.13
CA VAL D 48 -22.10 -19.20 -24.45
C VAL D 48 -22.79 -17.88 -24.22
N SER D 49 -23.07 -17.59 -22.95
CA SER D 49 -23.79 -16.39 -22.58
C SER D 49 -22.87 -15.18 -22.56
N CYS D 50 -23.47 -14.01 -22.53
CA CYS D 50 -22.76 -12.72 -22.52
C CYS D 50 -23.48 -11.85 -21.52
N TYR D 51 -22.83 -11.51 -20.41
CA TYR D 51 -23.37 -10.54 -19.45
C TYR D 51 -22.46 -9.31 -19.40
N THR D 52 -23.05 -8.14 -19.26
CA THR D 52 -22.29 -6.90 -19.13
C THR D 52 -22.57 -6.24 -17.79
N SER D 53 -21.57 -5.52 -17.28
CA SER D 53 -21.72 -4.64 -16.13
C SER D 53 -20.70 -3.51 -16.24
N SER D 54 -20.90 -2.47 -15.43
CA SER D 54 -19.95 -1.38 -15.29
C SER D 54 -19.13 -1.50 -14.02
N ASP D 55 -19.37 -2.52 -13.20
CA ASP D 55 -18.77 -2.55 -11.87
C ASP D 55 -18.45 -3.96 -11.41
N LEU D 56 -18.63 -4.97 -12.27
CA LEU D 56 -18.33 -6.38 -11.97
C LEU D 56 -19.31 -7.03 -11.02
N VAL D 57 -20.43 -6.38 -10.69
CA VAL D 57 -21.35 -6.90 -9.67
C VAL D 57 -22.81 -6.89 -10.13
N ASN D 58 -23.18 -5.93 -10.99
CA ASN D 58 -24.56 -5.73 -11.43
C ASN D 58 -24.66 -6.04 -12.93
N TRP D 59 -25.01 -7.28 -13.24
CA TRP D 59 -24.83 -7.83 -14.58
C TRP D 59 -26.15 -7.92 -15.35
N SER D 60 -26.15 -7.47 -16.60
CA SER D 60 -27.29 -7.53 -17.51
C SER D 60 -27.01 -8.52 -18.62
N ARG D 61 -27.97 -9.40 -18.89
CA ARG D 61 -27.77 -10.42 -19.92
C ARG D 61 -27.98 -9.82 -21.30
N GLN D 62 -27.05 -10.08 -22.21
CA GLN D 62 -27.17 -9.69 -23.60
C GLN D 62 -27.53 -10.92 -24.45
N ASN D 63 -27.61 -10.71 -25.76
CA ASN D 63 -27.65 -11.83 -26.70
C ASN D 63 -26.55 -12.82 -26.37
N ASP D 64 -26.82 -14.10 -26.61
CA ASP D 64 -25.79 -15.10 -26.47
C ASP D 64 -24.66 -14.84 -27.46
N ALA D 65 -23.42 -15.03 -27.01
CA ALA D 65 -22.26 -14.76 -27.86
C ALA D 65 -22.01 -15.88 -28.86
N LEU D 66 -22.23 -17.11 -28.44
CA LEU D 66 -22.07 -18.26 -29.32
C LEU D 66 -23.25 -19.17 -29.11
N SER D 67 -23.90 -19.55 -30.20
CA SER D 67 -25.06 -20.43 -30.21
C SER D 67 -24.72 -21.78 -30.82
N PRO D 68 -25.38 -22.85 -30.37
CA PRO D 68 -25.21 -24.15 -31.04
C PRO D 68 -25.56 -24.04 -32.52
N ILE D 69 -24.79 -24.73 -33.34
CA ILE D 69 -25.01 -24.76 -34.77
C ILE D 69 -25.28 -26.21 -35.12
N ALA D 70 -26.53 -26.53 -35.47
CA ALA D 70 -26.88 -27.87 -35.88
C ALA D 70 -26.04 -28.32 -37.07
N GLY D 71 -25.66 -29.59 -37.07
CA GLY D 71 -24.86 -30.14 -38.15
C GLY D 71 -23.38 -29.86 -38.06
N THR D 72 -22.89 -29.40 -36.90
CA THR D 72 -21.47 -29.06 -36.74
C THR D 72 -20.94 -29.64 -35.43
N MET D 73 -19.65 -29.42 -35.21
CA MET D 73 -18.99 -29.83 -33.98
C MET D 73 -19.47 -29.05 -32.76
N ILE D 74 -20.17 -27.94 -32.93
CA ILE D 74 -20.74 -27.24 -31.78
C ILE D 74 -22.27 -27.31 -31.85
N SER D 75 -22.79 -28.49 -32.18
CA SER D 75 -24.22 -28.72 -32.09
C SER D 75 -24.64 -28.83 -30.63
N THR D 76 -25.97 -28.87 -30.39
CA THR D 76 -26.47 -29.06 -29.02
C THR D 76 -25.98 -30.37 -28.41
N SER D 77 -25.64 -31.36 -29.24
CA SER D 77 -25.23 -32.66 -28.77
C SER D 77 -23.75 -32.71 -28.39
N ASN D 78 -23.03 -31.61 -28.55
CA ASN D 78 -21.61 -31.58 -28.29
C ASN D 78 -21.36 -30.79 -27.02
N VAL D 79 -20.08 -30.68 -26.67
CA VAL D 79 -19.66 -30.01 -25.45
C VAL D 79 -18.92 -28.74 -25.86
N VAL D 80 -19.26 -27.63 -25.22
CA VAL D 80 -18.53 -26.38 -25.36
C VAL D 80 -18.24 -25.86 -23.96
N GLU D 81 -16.96 -25.73 -23.62
CA GLU D 81 -16.61 -25.41 -22.24
C GLU D 81 -15.56 -24.30 -22.17
N ARG D 82 -15.65 -23.50 -21.10
CA ARG D 82 -14.66 -22.53 -20.63
C ARG D 82 -14.32 -21.53 -21.71
N PRO D 83 -15.27 -20.74 -22.19
CA PRO D 83 -14.95 -19.77 -23.23
C PRO D 83 -14.05 -18.68 -22.69
N LYS D 84 -13.11 -18.23 -23.54
CA LYS D 84 -12.26 -17.09 -23.23
C LYS D 84 -12.25 -16.18 -24.45
N VAL D 85 -12.25 -14.87 -24.21
CA VAL D 85 -12.27 -13.91 -25.30
C VAL D 85 -11.17 -12.88 -25.08
N ILE D 86 -10.37 -12.64 -26.11
CA ILE D 86 -9.42 -11.54 -26.08
C ILE D 86 -9.60 -10.70 -27.34
N PHE D 87 -9.10 -9.47 -27.28
CA PHE D 87 -9.16 -8.52 -28.39
C PHE D 87 -7.83 -8.50 -29.15
N ASN D 88 -7.91 -8.58 -30.47
CA ASN D 88 -6.73 -8.57 -31.35
C ASN D 88 -6.62 -7.17 -31.99
N GLN D 89 -5.59 -6.42 -31.60
CA GLN D 89 -5.45 -5.07 -32.13
C GLN D 89 -5.31 -5.06 -33.65
N LYS D 90 -4.49 -5.97 -34.19
CA LYS D 90 -4.19 -5.95 -35.62
C LYS D 90 -5.48 -5.98 -36.47
N ASN D 91 -6.38 -6.91 -36.17
CA ASN D 91 -7.63 -7.06 -36.92
C ASN D 91 -8.81 -6.38 -36.27
N SER D 92 -8.62 -5.69 -35.14
CA SER D 92 -9.70 -5.06 -34.38
C SER D 92 -10.89 -6.01 -34.22
N GLU D 93 -10.63 -7.22 -33.73
CA GLU D 93 -11.69 -8.19 -33.60
C GLU D 93 -11.49 -9.03 -32.34
N TYR D 94 -12.60 -9.55 -31.84
CA TYR D 94 -12.66 -10.35 -30.63
C TYR D 94 -12.60 -11.82 -31.01
N VAL D 95 -11.66 -12.56 -30.42
CA VAL D 95 -11.46 -13.96 -30.75
C VAL D 95 -11.76 -14.79 -29.52
N MET D 96 -12.65 -15.76 -29.67
CA MET D 96 -13.09 -16.61 -28.59
C MET D 96 -12.50 -18.00 -28.77
N TRP D 97 -11.92 -18.53 -27.70
CA TRP D 97 -11.42 -19.89 -27.66
C TRP D 97 -12.23 -20.68 -26.64
N PHE D 98 -12.41 -21.96 -26.91
CA PHE D 98 -13.19 -22.75 -25.99
C PHE D 98 -12.79 -24.22 -26.14
N HIS D 99 -13.04 -24.98 -25.10
CA HIS D 99 -12.92 -26.43 -25.17
C HIS D 99 -14.06 -26.99 -26.01
N SER D 100 -13.72 -27.76 -27.03
CA SER D 100 -14.72 -28.28 -27.97
C SER D 100 -14.61 -29.80 -27.97
N ASP D 101 -15.66 -30.48 -27.53
CA ASP D 101 -15.55 -31.91 -27.38
C ASP D 101 -16.84 -32.62 -27.77
N SER D 102 -16.75 -33.94 -27.86
CA SER D 102 -17.92 -34.81 -27.87
C SER D 102 -18.36 -35.07 -26.43
N SER D 103 -19.52 -35.71 -26.27
CA SER D 103 -20.09 -35.86 -24.93
C SER D 103 -19.32 -36.85 -24.06
N ASN D 104 -18.50 -37.72 -24.66
CA ASN D 104 -17.64 -38.60 -23.88
C ASN D 104 -16.22 -38.06 -23.73
N TYR D 105 -15.97 -36.84 -24.21
CA TYR D 105 -14.67 -36.16 -24.13
C TYR D 105 -13.57 -36.87 -24.90
N GLY D 106 -13.96 -37.74 -25.85
CA GLY D 106 -12.99 -38.41 -26.69
C GLY D 106 -12.42 -37.56 -27.81
N ALA D 107 -13.11 -36.47 -28.19
CA ALA D 107 -12.64 -35.62 -29.29
C ALA D 107 -11.46 -34.73 -28.89
N ALA D 108 -11.51 -34.12 -27.70
CA ALA D 108 -10.40 -33.36 -27.11
C ALA D 108 -9.84 -32.31 -28.08
N MET D 109 -10.67 -31.31 -28.36
CA MET D 109 -10.32 -30.29 -29.31
C MET D 109 -10.50 -28.91 -28.70
N VAL D 110 -9.92 -27.92 -29.37
CA VAL D 110 -10.23 -26.52 -29.11
C VAL D 110 -11.14 -26.04 -30.23
N GLY D 111 -12.00 -25.07 -29.90
CA GLY D 111 -12.80 -24.38 -30.89
C GLY D 111 -12.41 -22.92 -30.90
N VAL D 112 -12.71 -22.22 -31.99
CA VAL D 112 -12.36 -20.81 -32.18
C VAL D 112 -13.55 -20.13 -32.87
N ALA D 113 -13.88 -18.91 -32.41
CA ALA D 113 -14.90 -18.10 -33.06
C ALA D 113 -14.52 -16.63 -32.92
N THR D 114 -15.10 -15.79 -33.78
CA THR D 114 -14.68 -14.40 -33.86
C THR D 114 -15.88 -13.48 -33.99
N ALA D 115 -15.69 -12.23 -33.59
CA ALA D 115 -16.72 -11.23 -33.78
C ALA D 115 -16.07 -9.86 -33.87
N LYS D 116 -16.82 -8.90 -34.41
CA LYS D 116 -16.40 -7.52 -34.50
C LYS D 116 -16.94 -6.66 -33.38
N THR D 117 -17.84 -7.19 -32.55
CA THR D 117 -18.33 -6.54 -31.34
C THR D 117 -18.18 -7.51 -30.17
N PRO D 118 -18.03 -6.99 -28.94
CA PRO D 118 -17.71 -7.89 -27.81
C PRO D 118 -18.74 -8.99 -27.52
N CYS D 119 -20.04 -8.70 -27.55
CA CYS D 119 -21.06 -9.73 -27.32
C CYS D 119 -21.45 -10.48 -28.60
N GLY D 120 -20.84 -10.14 -29.75
CA GLY D 120 -21.11 -10.83 -30.98
C GLY D 120 -22.51 -10.61 -31.54
N PRO D 121 -23.16 -11.69 -32.04
CA PRO D 121 -22.78 -13.11 -31.97
C PRO D 121 -21.49 -13.44 -32.74
N TYR D 122 -20.80 -14.46 -32.28
CA TYR D 122 -19.51 -14.85 -32.83
C TYR D 122 -19.72 -15.85 -33.98
N THR D 123 -18.87 -15.76 -35.00
CA THR D 123 -18.86 -16.71 -36.09
C THR D 123 -17.90 -17.84 -35.77
N TYR D 124 -18.40 -19.08 -35.79
CA TYR D 124 -17.59 -20.27 -35.54
C TYR D 124 -16.63 -20.54 -36.71
N LYS D 125 -15.36 -20.82 -36.37
CA LYS D 125 -14.33 -21.10 -37.35
C LYS D 125 -13.92 -22.57 -37.39
N GLY D 126 -14.48 -23.41 -36.53
CA GLY D 126 -14.15 -24.82 -36.52
C GLY D 126 -13.35 -25.21 -35.29
N SER D 127 -13.25 -26.52 -35.09
CA SER D 127 -12.47 -27.10 -34.00
C SER D 127 -11.28 -27.87 -34.55
N PHE D 128 -10.28 -28.07 -33.69
CA PHE D 128 -9.08 -28.79 -34.12
C PHE D 128 -8.26 -29.15 -32.89
N LYS D 129 -7.27 -30.02 -33.12
CA LYS D 129 -6.36 -30.45 -32.09
C LYS D 129 -5.10 -29.62 -32.14
N PRO D 130 -4.76 -28.90 -31.07
CA PRO D 130 -3.57 -28.03 -31.09
C PRO D 130 -2.30 -28.83 -31.35
N LEU D 131 -1.62 -28.50 -32.46
CA LEU D 131 -0.43 -29.21 -32.91
C LEU D 131 -0.66 -30.71 -32.97
N GLY D 132 -1.89 -31.11 -33.30
CA GLY D 132 -2.23 -32.51 -33.44
C GLY D 132 -2.50 -33.24 -32.14
N ALA D 133 -2.37 -32.59 -30.99
CA ALA D 133 -2.46 -33.26 -29.69
C ALA D 133 -3.77 -32.92 -28.98
N ASP D 134 -4.03 -33.68 -27.92
CA ASP D 134 -5.23 -33.48 -27.11
C ASP D 134 -5.32 -32.06 -26.56
N SER D 135 -6.54 -31.56 -26.42
CA SER D 135 -6.78 -30.37 -25.62
C SER D 135 -8.13 -30.50 -24.97
N ARG D 136 -8.17 -30.45 -23.63
CA ARG D 136 -9.44 -30.50 -22.91
C ARG D 136 -9.54 -29.19 -22.14
N ASP D 137 -9.35 -29.21 -20.82
CA ASP D 137 -9.42 -27.96 -20.07
C ASP D 137 -8.40 -26.97 -20.63
N GLU D 138 -8.83 -25.73 -20.81
CA GLU D 138 -7.98 -24.74 -21.44
C GLU D 138 -8.29 -23.36 -20.90
N SER D 139 -7.40 -22.43 -21.25
CA SER D 139 -7.64 -21.01 -21.10
C SER D 139 -6.67 -20.31 -22.06
N ILE D 140 -6.82 -19.00 -22.14
CA ILE D 140 -6.05 -18.16 -23.04
C ILE D 140 -5.33 -17.14 -22.17
N PHE D 141 -4.11 -16.78 -22.55
CA PHE D 141 -3.39 -15.71 -21.88
C PHE D 141 -2.76 -14.78 -22.91
N GLN D 142 -2.98 -13.48 -22.77
CA GLN D 142 -2.46 -12.47 -23.70
C GLN D 142 -1.38 -11.65 -22.99
N ASP D 143 -0.14 -11.72 -23.47
CA ASP D 143 0.95 -11.05 -22.79
C ASP D 143 0.95 -9.56 -23.11
N ASP D 144 1.83 -8.80 -22.45
CA ASP D 144 1.86 -7.34 -22.58
C ASP D 144 3.10 -6.87 -23.32
N ASP D 145 3.77 -7.76 -24.04
CA ASP D 145 4.76 -7.37 -25.02
C ASP D 145 4.12 -6.60 -26.16
N SER D 146 4.95 -5.99 -27.00
CA SER D 146 4.46 -5.09 -28.05
C SER D 146 3.54 -5.81 -29.02
N ALA D 147 3.85 -7.07 -29.34
CA ALA D 147 3.05 -7.87 -30.25
C ALA D 147 1.81 -8.48 -29.59
N GLN D 148 1.59 -8.26 -28.30
CA GLN D 148 0.46 -8.85 -27.57
C GLN D 148 0.34 -10.34 -27.88
N THR D 149 1.48 -11.00 -27.77
CA THR D 149 1.55 -12.44 -27.95
C THR D 149 0.56 -13.16 -27.03
N ALA D 150 -0.17 -14.13 -27.58
CA ALA D 150 -1.16 -14.87 -26.84
C ALA D 150 -0.76 -16.35 -26.80
N TYR D 151 -1.33 -17.07 -25.82
CA TYR D 151 -0.92 -18.44 -25.54
C TYR D 151 -2.13 -19.26 -25.17
N LEU D 152 -2.10 -20.54 -25.55
CA LEU D 152 -3.10 -21.50 -25.13
C LEU D 152 -2.53 -22.27 -23.96
N LEU D 153 -3.30 -22.35 -22.89
CA LEU D 153 -2.96 -23.14 -21.73
C LEU D 153 -3.93 -24.32 -21.73
N TYR D 154 -3.42 -25.55 -21.76
CA TYR D 154 -4.34 -26.67 -21.94
C TYR D 154 -3.83 -27.98 -21.34
N ALA D 155 -4.77 -28.76 -20.82
CA ALA D 155 -4.54 -30.15 -20.48
C ALA D 155 -4.51 -30.99 -21.75
N SER D 156 -3.40 -31.66 -22.00
CA SER D 156 -3.17 -32.46 -23.19
C SER D 156 -2.81 -33.90 -22.81
N ASP D 157 -2.65 -34.73 -23.84
CA ASP D 157 -2.24 -36.14 -23.72
C ASP D 157 -3.08 -36.88 -22.68
N ASN D 158 -4.37 -36.95 -22.94
CA ASN D 158 -5.33 -37.55 -22.03
C ASN D 158 -5.20 -36.98 -20.62
N ASN D 159 -5.05 -35.65 -20.53
CA ASN D 159 -5.05 -34.90 -19.28
C ASN D 159 -3.81 -35.11 -18.43
N GLN D 160 -2.77 -35.75 -18.98
CA GLN D 160 -1.56 -36.05 -18.23
C GLN D 160 -0.53 -34.93 -18.26
N ASN D 161 -0.28 -34.37 -19.44
CA ASN D 161 0.75 -33.36 -19.62
C ASN D 161 0.12 -32.00 -19.86
N PHE D 162 0.51 -31.01 -19.05
CA PHE D 162 -0.05 -29.67 -19.18
C PHE D 162 0.83 -28.83 -20.08
N LYS D 163 0.22 -28.15 -21.04
CA LYS D 163 0.96 -27.52 -22.12
C LYS D 163 0.60 -26.04 -22.21
N ILE D 164 1.58 -25.27 -22.64
CA ILE D 164 1.42 -23.87 -23.01
C ILE D 164 2.03 -23.70 -24.40
N SER D 165 1.27 -23.10 -25.32
CA SER D 165 1.76 -22.95 -26.68
C SER D 165 1.38 -21.59 -27.21
N ARG D 166 2.20 -21.08 -28.12
CA ARG D 166 1.97 -19.74 -28.65
C ARG D 166 0.95 -19.79 -29.77
N LEU D 167 0.16 -18.73 -29.88
CA LEU D 167 -0.82 -18.56 -30.94
C LEU D 167 -0.22 -17.72 -32.06
N ASP D 168 -0.78 -17.87 -33.26
CA ASP D 168 -0.31 -17.02 -34.36
C ASP D 168 -0.76 -15.58 -34.12
N ALA D 169 -0.31 -14.68 -35.00
CA ALA D 169 -0.60 -13.26 -34.86
C ALA D 169 -2.07 -12.92 -34.98
N ASN D 170 -2.88 -13.80 -35.59
CA ASN D 170 -4.32 -13.60 -35.67
C ASN D 170 -5.06 -14.11 -34.46
N TYR D 171 -4.38 -14.86 -33.59
CA TYR D 171 -5.00 -15.64 -32.53
C TYR D 171 -5.91 -16.73 -33.09
N TYR D 172 -5.69 -17.18 -34.32
CA TYR D 172 -6.57 -18.20 -34.88
C TYR D 172 -6.07 -19.61 -34.63
N ASN D 173 -4.80 -19.77 -34.24
CA ASN D 173 -4.18 -21.07 -34.36
C ASN D 173 -2.96 -21.13 -33.46
N VAL D 174 -2.61 -22.36 -33.09
CA VAL D 174 -1.46 -22.66 -32.25
C VAL D 174 -0.25 -22.89 -33.15
N THR D 175 0.83 -22.15 -32.92
CA THR D 175 1.99 -22.30 -33.79
C THR D 175 3.13 -23.09 -33.16
N ALA D 176 3.49 -22.80 -31.90
CA ALA D 176 4.61 -23.51 -31.26
C ALA D 176 4.32 -23.79 -29.79
N GLN D 177 4.58 -25.03 -29.38
CA GLN D 177 4.60 -25.35 -27.96
C GLN D 177 5.79 -24.66 -27.31
N VAL D 178 5.56 -23.97 -26.19
CA VAL D 178 6.64 -23.29 -25.48
C VAL D 178 6.97 -23.95 -24.16
N SER D 179 6.08 -24.77 -23.61
CA SER D 179 6.27 -25.33 -22.29
C SER D 179 5.36 -26.54 -22.13
N VAL D 180 5.83 -27.52 -21.37
CA VAL D 180 5.05 -28.72 -21.04
C VAL D 180 5.47 -29.17 -19.65
N MET D 181 4.49 -29.51 -18.82
CA MET D 181 4.72 -30.08 -17.49
C MET D 181 4.21 -31.52 -17.51
N ASN D 182 5.11 -32.45 -17.82
CA ASN D 182 4.75 -33.84 -18.03
C ASN D 182 4.27 -34.48 -16.73
N GLY D 183 3.14 -35.18 -16.81
CA GLY D 183 2.56 -35.86 -15.66
C GLY D 183 1.90 -34.95 -14.65
N ALA D 184 1.79 -33.65 -14.94
CA ALA D 184 1.26 -32.70 -13.97
C ALA D 184 -0.23 -32.88 -13.67
N THR D 185 -0.97 -33.52 -14.58
CA THR D 185 -2.41 -33.78 -14.44
C THR D 185 -3.19 -32.53 -14.00
N LEU D 186 -2.92 -31.41 -14.68
CA LEU D 186 -3.53 -30.13 -14.38
C LEU D 186 -4.77 -29.87 -15.24
N ALA D 187 -5.75 -29.20 -14.65
CA ALA D 187 -6.96 -28.76 -15.32
C ALA D 187 -7.27 -27.32 -14.92
N ALA D 188 -8.26 -26.74 -15.58
CA ALA D 188 -8.78 -25.42 -15.26
C ALA D 188 -7.71 -24.33 -15.10
N PRO D 189 -6.87 -24.11 -16.11
CA PRO D 189 -5.77 -23.15 -15.95
C PRO D 189 -6.23 -21.69 -16.03
N GLY D 190 -5.38 -20.84 -15.49
CA GLY D 190 -5.44 -19.41 -15.72
C GLY D 190 -4.09 -18.85 -15.33
N ILE D 191 -3.77 -17.69 -15.88
CA ILE D 191 -2.46 -17.10 -15.65
C ILE D 191 -2.61 -15.62 -15.36
N VAL D 192 -1.89 -15.17 -14.34
CA VAL D 192 -1.82 -13.76 -13.96
C VAL D 192 -0.36 -13.40 -13.87
N LYS D 193 0.00 -12.26 -14.47
CA LYS D 193 1.36 -11.74 -14.40
C LYS D 193 1.48 -10.81 -13.20
N HIS D 194 2.52 -11.00 -12.40
CA HIS D 194 2.73 -10.18 -11.21
C HIS D 194 4.21 -9.85 -11.09
N ASN D 195 4.53 -8.55 -11.11
CA ASN D 195 5.92 -8.07 -10.99
C ASN D 195 6.84 -8.77 -11.97
N GLY D 196 6.45 -8.77 -13.24
CA GLY D 196 7.22 -9.43 -14.27
C GLY D 196 7.24 -10.94 -14.22
N GLU D 197 6.64 -11.56 -13.21
CA GLU D 197 6.62 -13.02 -13.10
C GLU D 197 5.25 -13.57 -13.47
N TYR D 198 5.25 -14.74 -14.12
CA TYR D 198 4.01 -15.41 -14.51
C TYR D 198 3.57 -16.38 -13.41
N PHE D 199 2.28 -16.33 -13.06
CA PHE D 199 1.72 -17.22 -12.05
C PHE D 199 0.58 -18.03 -12.67
N LEU D 200 0.74 -19.34 -12.68
CA LEU D 200 -0.26 -20.25 -13.20
C LEU D 200 -1.12 -20.75 -12.06
N ILE D 201 -2.44 -20.65 -12.20
CA ILE D 201 -3.36 -21.19 -11.23
C ILE D 201 -4.13 -22.32 -11.90
N ALA D 202 -4.11 -23.51 -11.28
CA ALA D 202 -4.74 -24.66 -11.88
C ALA D 202 -5.26 -25.57 -10.79
N SER D 203 -6.24 -26.38 -11.16
CA SER D 203 -6.66 -27.50 -10.33
C SER D 203 -5.94 -28.76 -10.79
N HIS D 204 -6.17 -29.85 -10.08
CA HIS D 204 -5.88 -31.18 -10.59
C HIS D 204 -7.16 -31.77 -11.16
N THR D 205 -7.05 -32.93 -11.78
CA THR D 205 -8.19 -33.54 -12.46
C THR D 205 -8.91 -34.49 -11.50
N SER D 206 -10.14 -34.14 -11.14
CA SER D 206 -10.97 -35.00 -10.30
C SER D 206 -12.44 -34.97 -10.75
N GLY D 207 -12.67 -34.86 -12.06
CA GLY D 207 -14.05 -34.78 -12.54
C GLY D 207 -14.72 -33.50 -12.06
N TRP D 208 -15.98 -33.63 -11.62
CA TRP D 208 -16.71 -32.51 -11.05
C TRP D 208 -16.39 -32.27 -9.58
N ALA D 209 -15.53 -33.11 -8.97
CA ALA D 209 -15.22 -32.99 -7.55
C ALA D 209 -14.13 -31.94 -7.33
N PRO D 210 -14.26 -31.11 -6.31
CA PRO D 210 -13.22 -30.08 -6.08
C PRO D 210 -11.98 -30.69 -5.43
N ASN D 211 -10.83 -30.18 -5.83
CA ASN D 211 -9.55 -30.54 -5.25
C ASN D 211 -8.80 -29.26 -4.92
N PRO D 212 -7.72 -29.35 -4.12
CA PRO D 212 -7.00 -28.11 -3.74
C PRO D 212 -6.26 -27.49 -4.92
N ASN D 213 -6.68 -26.30 -5.34
CA ASN D 213 -6.05 -25.69 -6.50
C ASN D 213 -4.68 -25.12 -6.12
N LYS D 214 -3.77 -25.11 -7.10
CA LYS D 214 -2.36 -24.84 -6.88
C LYS D 214 -1.91 -23.61 -7.66
N TRP D 215 -0.74 -23.08 -7.28
CA TRP D 215 -0.11 -22.04 -8.07
C TRP D 215 1.31 -22.46 -8.41
N PHE D 216 1.77 -21.99 -9.57
CA PHE D 216 3.11 -22.22 -10.07
C PHE D 216 3.62 -20.89 -10.58
N SER D 217 4.93 -20.67 -10.53
CA SER D 217 5.44 -19.41 -11.02
C SER D 217 6.64 -19.66 -11.91
N ALA D 218 6.96 -18.66 -12.73
CA ALA D 218 8.01 -18.75 -13.72
C ALA D 218 8.31 -17.35 -14.20
N SER D 219 9.57 -17.11 -14.55
CA SER D 219 9.99 -15.84 -15.11
C SER D 219 9.71 -15.76 -16.60
N SER D 220 9.41 -16.90 -17.21
CA SER D 220 9.10 -16.98 -18.64
C SER D 220 8.03 -18.05 -18.84
N LEU D 221 7.12 -17.82 -19.78
CA LEU D 221 6.13 -18.84 -20.10
C LEU D 221 6.77 -20.18 -20.49
N ALA D 222 8.00 -20.15 -21.00
CA ALA D 222 8.73 -21.38 -21.29
C ALA D 222 9.15 -22.14 -20.03
N GLY D 223 8.92 -21.60 -18.84
CA GLY D 223 9.41 -22.23 -17.64
C GLY D 223 10.87 -21.89 -17.44
N PRO D 224 11.55 -22.54 -16.47
CA PRO D 224 11.09 -23.54 -15.51
C PRO D 224 9.99 -23.04 -14.60
N TRP D 225 9.02 -23.90 -14.28
CA TRP D 225 7.94 -23.57 -13.38
C TRP D 225 8.25 -24.11 -11.99
N SER D 226 7.94 -23.31 -10.97
CA SER D 226 8.14 -23.76 -9.60
C SER D 226 7.23 -24.94 -9.29
N ALA D 227 7.59 -25.66 -8.22
CA ALA D 227 6.72 -26.73 -7.77
C ALA D 227 5.43 -26.14 -7.20
N GLN D 228 4.40 -26.99 -7.12
CA GLN D 228 3.05 -26.53 -6.81
C GLN D 228 2.91 -26.11 -5.35
N GLN D 229 2.11 -25.09 -5.12
CA GLN D 229 1.75 -24.63 -3.78
C GLN D 229 0.26 -24.33 -3.73
N ASP D 230 -0.34 -24.53 -2.57
CA ASP D 230 -1.76 -24.25 -2.39
C ASP D 230 -2.03 -22.76 -2.42
N ILE D 231 -3.21 -22.40 -2.94
CA ILE D 231 -3.74 -21.04 -2.84
C ILE D 231 -4.81 -20.92 -1.77
N ALA D 232 -5.16 -22.02 -1.11
CA ALA D 232 -6.12 -22.03 -0.01
C ALA D 232 -5.78 -23.21 0.89
N PRO D 233 -6.40 -23.31 2.08
CA PRO D 233 -6.14 -24.48 2.92
C PRO D 233 -6.61 -25.76 2.23
N SER D 234 -5.74 -26.76 2.21
CA SER D 234 -5.94 -27.89 1.30
C SER D 234 -7.14 -28.74 1.67
N ALA D 235 -7.44 -28.89 2.97
CA ALA D 235 -8.61 -29.66 3.38
C ALA D 235 -9.90 -29.10 2.81
N THR D 236 -9.94 -27.79 2.54
CA THR D 236 -11.18 -27.19 2.07
C THR D 236 -11.41 -27.36 0.57
N ARG D 237 -10.41 -27.84 -0.18
CA ARG D 237 -10.54 -28.06 -1.61
C ARG D 237 -10.94 -26.76 -2.31
N THR D 238 -10.09 -25.74 -2.09
CA THR D 238 -10.27 -24.41 -2.66
C THR D 238 -11.62 -23.85 -2.22
N TRP D 239 -11.96 -24.07 -0.94
CA TRP D 239 -13.23 -23.60 -0.39
C TRP D 239 -14.40 -24.10 -1.24
N TYR D 240 -14.33 -25.37 -1.62
CA TYR D 240 -15.29 -26.03 -2.52
C TYR D 240 -15.50 -25.21 -3.80
N SER D 241 -14.50 -25.26 -4.67
CA SER D 241 -14.58 -24.55 -5.93
C SER D 241 -13.50 -25.08 -6.85
N GLN D 242 -13.58 -24.66 -8.12
CA GLN D 242 -12.58 -24.95 -9.14
C GLN D 242 -12.34 -23.70 -9.95
N ASN D 243 -11.07 -23.40 -10.19
CA ASN D 243 -10.66 -22.22 -10.93
C ASN D 243 -11.44 -22.07 -12.23
N ALA D 244 -11.73 -20.82 -12.59
CA ALA D 244 -12.33 -20.56 -13.91
C ALA D 244 -11.61 -19.41 -14.60
N PHE D 245 -11.40 -18.30 -13.89
CA PHE D 245 -10.72 -17.14 -14.44
C PHE D 245 -10.03 -16.39 -13.30
N ASP D 246 -8.86 -15.85 -13.59
CA ASP D 246 -8.10 -15.08 -12.61
C ASP D 246 -7.96 -13.67 -13.14
N LEU D 247 -8.84 -12.78 -12.71
CA LEU D 247 -8.90 -11.44 -13.28
C LEU D 247 -7.91 -10.54 -12.56
N PRO D 248 -6.96 -9.93 -13.25
CA PRO D 248 -6.04 -9.00 -12.59
C PRO D 248 -6.82 -7.89 -11.91
N LEU D 249 -6.33 -7.44 -10.77
CA LEU D 249 -6.99 -6.36 -10.02
C LEU D 249 -5.92 -5.62 -9.23
N GLY D 250 -5.58 -4.41 -9.68
CA GLY D 250 -4.39 -3.76 -9.17
C GLY D 250 -3.20 -4.69 -9.17
N SER D 251 -2.46 -4.69 -8.06
CA SER D 251 -1.36 -5.61 -7.80
C SER D 251 -1.84 -7.02 -7.53
N ASN D 252 -3.15 -7.23 -7.43
CA ASN D 252 -3.66 -8.54 -7.04
C ASN D 252 -4.56 -9.09 -8.12
N ALA D 253 -5.49 -9.97 -7.74
CA ALA D 253 -6.39 -10.58 -8.70
C ALA D 253 -7.68 -10.98 -7.99
N ILE D 254 -8.68 -11.30 -8.80
CA ILE D 254 -9.89 -11.98 -8.36
C ILE D 254 -9.80 -13.44 -8.81
N TYR D 255 -9.96 -14.34 -7.85
CA TYR D 255 -10.21 -15.75 -8.13
C TYR D 255 -11.68 -15.92 -8.45
N MET D 256 -11.98 -16.32 -9.69
CA MET D 256 -13.34 -16.67 -10.09
C MET D 256 -13.40 -18.16 -10.32
N GLY D 257 -14.12 -18.88 -9.46
CA GLY D 257 -14.27 -20.31 -9.59
C GLY D 257 -15.73 -20.71 -9.69
N ASP D 258 -15.93 -21.99 -9.99
CA ASP D 258 -17.24 -22.64 -10.01
C ASP D 258 -17.35 -23.64 -8.86
N ARG D 259 -18.48 -23.65 -8.17
CA ARG D 259 -18.87 -24.78 -7.33
C ARG D 259 -19.80 -25.63 -8.20
N TRP D 260 -19.24 -26.69 -8.79
CA TRP D 260 -20.00 -27.55 -9.69
C TRP D 260 -20.98 -28.41 -8.92
N ARG D 261 -22.21 -28.49 -9.42
CA ARG D 261 -23.26 -29.32 -8.82
C ARG D 261 -23.70 -30.35 -9.85
N PRO D 262 -23.07 -31.52 -9.90
CA PRO D 262 -23.30 -32.43 -11.05
C PRO D 262 -24.74 -32.92 -11.15
N SER D 263 -25.45 -33.03 -10.04
CA SER D 263 -26.84 -33.46 -10.05
C SER D 263 -27.80 -32.37 -10.49
N LEU D 264 -27.33 -31.14 -10.64
CA LEU D 264 -28.16 -30.00 -10.97
C LEU D 264 -27.28 -28.85 -11.47
N LEU D 265 -26.63 -29.08 -12.62
CA LEU D 265 -25.56 -28.21 -13.10
C LEU D 265 -25.99 -26.75 -13.21
N GLY D 266 -27.23 -26.49 -13.60
CA GLY D 266 -27.66 -25.11 -13.70
C GLY D 266 -27.83 -24.39 -12.39
N SER D 267 -27.52 -25.05 -11.28
CA SER D 267 -27.44 -24.37 -9.99
C SER D 267 -26.03 -24.40 -9.43
N SER D 268 -25.04 -24.75 -10.25
CA SER D 268 -23.66 -24.52 -9.87
C SER D 268 -23.46 -23.05 -9.52
N ARG D 269 -22.68 -22.80 -8.49
CA ARG D 269 -22.54 -21.44 -7.96
C ARG D 269 -21.20 -20.82 -8.36
N TYR D 270 -21.11 -19.52 -8.13
CA TYR D 270 -19.95 -18.72 -8.48
C TYR D 270 -19.20 -18.39 -7.19
N ILE D 271 -17.94 -18.79 -7.13
CA ILE D 271 -17.10 -18.59 -5.97
C ILE D 271 -16.04 -17.57 -6.36
N TRP D 272 -16.27 -16.29 -6.03
CA TRP D 272 -15.32 -15.21 -6.32
C TRP D 272 -14.72 -14.68 -5.03
N TYR D 273 -13.40 -14.78 -4.91
CA TYR D 273 -12.66 -14.26 -3.78
C TYR D 273 -11.51 -13.40 -4.28
N PRO D 274 -11.09 -12.40 -3.49
CA PRO D 274 -9.79 -11.76 -3.77
C PRO D 274 -8.67 -12.79 -3.73
N LEU D 275 -7.76 -12.67 -4.70
CA LEU D 275 -6.57 -13.51 -4.77
C LEU D 275 -5.39 -12.59 -4.52
N ASP D 276 -4.92 -12.56 -3.28
CA ASP D 276 -3.95 -11.57 -2.85
C ASP D 276 -2.53 -12.03 -3.19
N PHE D 277 -1.75 -11.13 -3.78
CA PHE D 277 -0.39 -11.44 -4.21
C PHE D 277 0.68 -10.78 -3.35
N SER D 278 0.26 -10.03 -2.32
CA SER D 278 1.17 -9.14 -1.60
C SER D 278 2.35 -9.87 -0.98
N SER D 279 2.17 -11.13 -0.58
CA SER D 279 3.26 -11.92 -0.05
C SER D 279 4.13 -12.53 -1.14
N GLY D 280 3.80 -12.34 -2.42
CA GLY D 280 4.45 -13.02 -3.52
C GLY D 280 3.99 -14.44 -3.78
N ALA D 281 3.07 -14.96 -2.98
CA ALA D 281 2.38 -16.21 -3.26
C ALA D 281 0.90 -15.90 -3.31
N PRO D 282 0.20 -16.16 -4.42
CA PRO D 282 -1.24 -15.92 -4.45
C PRO D 282 -1.95 -16.74 -3.38
N GLN D 283 -2.76 -16.08 -2.56
CA GLN D 283 -3.61 -16.78 -1.59
C GLN D 283 -5.01 -16.22 -1.68
N ILE D 284 -5.99 -17.12 -1.56
CA ILE D 284 -7.39 -16.73 -1.59
C ILE D 284 -7.76 -16.05 -0.27
N VAL D 285 -8.36 -14.86 -0.37
CA VAL D 285 -8.87 -14.15 0.81
C VAL D 285 -10.29 -14.67 1.04
N HIS D 286 -10.46 -15.51 2.05
CA HIS D 286 -11.78 -16.11 2.24
C HIS D 286 -12.76 -15.09 2.81
N ALA D 287 -13.40 -14.31 1.92
CA ALA D 287 -14.32 -13.24 2.29
C ALA D 287 -15.74 -13.65 1.90
N ASP D 288 -16.61 -13.87 2.90
CA ASP D 288 -17.98 -14.26 2.61
C ASP D 288 -18.70 -13.14 1.87
N VAL D 289 -18.41 -11.90 2.25
CA VAL D 289 -19.02 -10.72 1.67
C VAL D 289 -17.89 -9.74 1.39
N TRP D 290 -17.78 -9.27 0.15
CA TRP D 290 -16.75 -8.28 -0.12
C TRP D 290 -17.15 -7.38 -1.28
N SER D 291 -16.43 -6.26 -1.38
CA SER D 291 -16.68 -5.19 -2.34
C SER D 291 -15.47 -5.02 -3.25
N VAL D 292 -15.70 -4.49 -4.44
CA VAL D 292 -14.63 -4.34 -5.41
C VAL D 292 -14.72 -2.95 -6.02
N ASN D 293 -13.56 -2.32 -6.18
CA ASN D 293 -13.46 -1.07 -6.92
C ASN D 293 -12.56 -1.37 -8.11
N VAL D 294 -13.18 -1.70 -9.24
CA VAL D 294 -12.41 -2.31 -10.31
C VAL D 294 -11.56 -1.27 -11.05
N GLN D 295 -12.00 -0.01 -11.08
CA GLN D 295 -11.15 1.04 -11.65
C GLN D 295 -9.89 1.27 -10.82
N ALA D 296 -10.02 1.26 -9.49
CA ALA D 296 -8.85 1.47 -8.65
C ALA D 296 -8.02 0.22 -8.45
N GLY D 297 -8.52 -0.96 -8.82
CA GLY D 297 -7.80 -2.20 -8.52
C GLY D 297 -7.80 -2.60 -7.06
N THR D 298 -8.87 -2.28 -6.31
CA THR D 298 -8.92 -2.51 -4.88
C THR D 298 -10.14 -3.31 -4.50
N TYR D 299 -10.04 -3.98 -3.36
CA TYR D 299 -11.16 -4.68 -2.73
C TYR D 299 -11.19 -4.37 -1.24
N SER D 300 -12.36 -4.56 -0.64
CA SER D 300 -12.51 -4.42 0.80
C SER D 300 -13.44 -5.52 1.31
N VAL D 301 -12.98 -6.22 2.33
CA VAL D 301 -13.74 -7.31 2.95
C VAL D 301 -14.69 -6.73 3.99
N ALA D 302 -15.97 -7.08 3.91
CA ALA D 302 -16.93 -6.66 4.92
C ALA D 302 -16.62 -7.35 6.24
N SER D 303 -16.82 -6.62 7.34
CA SER D 303 -16.68 -7.17 8.68
C SER D 303 -18.06 -7.50 9.24
N GLY D 304 -18.14 -8.63 9.96
CA GLY D 304 -19.37 -9.01 10.63
C GLY D 304 -19.11 -9.48 12.04
N THR D 305 -20.20 -9.84 12.72
CA THR D 305 -20.18 -10.36 14.08
C THR D 305 -20.29 -11.88 14.06
N SER D 306 -19.31 -12.55 14.67
CA SER D 306 -19.34 -14.01 14.76
C SER D 306 -20.08 -14.46 16.01
N TYR D 307 -20.98 -15.43 15.84
CA TYR D 307 -21.70 -16.08 16.93
C TYR D 307 -21.38 -17.55 16.88
N GLU D 308 -20.78 -18.09 17.94
CA GLU D 308 -20.47 -19.51 17.96
C GLU D 308 -21.74 -20.31 18.23
N ALA D 309 -21.84 -21.47 17.57
CA ALA D 309 -23.06 -22.26 17.70
C ALA D 309 -23.15 -22.96 19.05
N GLU D 310 -22.01 -23.29 19.65
CA GLU D 310 -22.01 -23.95 20.96
C GLU D 310 -22.58 -23.06 22.04
N ASN D 311 -22.51 -21.74 21.88
CA ASN D 311 -23.03 -20.82 22.87
C ASN D 311 -24.51 -20.52 22.69
N GLY D 312 -25.21 -21.32 21.88
CA GLY D 312 -26.62 -21.11 21.65
C GLY D 312 -27.53 -22.08 22.37
N GLN D 313 -28.81 -21.75 22.46
CA GLN D 313 -29.77 -22.57 23.19
C GLN D 313 -30.14 -23.80 22.35
N ARG D 314 -29.60 -24.95 22.72
CA ARG D 314 -29.95 -26.19 22.05
C ARG D 314 -31.39 -26.61 22.39
N GLY D 315 -31.85 -27.63 21.68
CA GLY D 315 -33.19 -28.18 21.86
C GLY D 315 -33.29 -29.52 21.15
N GLY D 316 -34.14 -30.41 21.66
CA GLY D 316 -34.22 -31.74 21.06
C GLY D 316 -32.92 -32.52 21.19
N SER D 317 -32.70 -33.43 20.24
CA SER D 317 -31.57 -34.35 20.26
C SER D 317 -30.24 -33.73 19.80
N SER D 318 -30.09 -32.39 19.79
CA SER D 318 -28.82 -31.79 19.41
C SER D 318 -27.76 -32.06 20.47
N THR D 319 -26.52 -32.18 20.01
CA THR D 319 -25.40 -32.43 20.91
C THR D 319 -24.35 -31.34 20.69
N ILE D 320 -23.11 -31.61 21.10
CA ILE D 320 -21.99 -30.69 20.94
C ILE D 320 -20.74 -31.50 20.62
N LEU D 321 -20.08 -31.19 19.50
CA LEU D 321 -18.88 -31.93 19.14
C LEU D 321 -17.64 -31.09 19.38
N SER D 322 -16.49 -31.77 19.31
CA SER D 322 -15.20 -31.15 19.48
C SER D 322 -14.30 -31.54 18.33
N GLY D 323 -13.40 -30.62 17.97
CA GLY D 323 -12.53 -30.87 16.84
C GLY D 323 -11.59 -29.72 16.54
N SER D 324 -10.40 -30.07 16.06
CA SER D 324 -9.42 -29.07 15.70
C SER D 324 -9.91 -28.15 14.58
N GLY D 325 -10.85 -28.60 13.76
CA GLY D 325 -11.30 -27.82 12.62
C GLY D 325 -12.38 -26.82 12.90
N PHE D 326 -12.85 -26.73 14.15
CA PHE D 326 -13.94 -25.85 14.52
C PHE D 326 -13.42 -24.58 15.17
N SER D 327 -14.09 -23.47 14.86
CA SER D 327 -13.88 -22.24 15.62
C SER D 327 -14.30 -22.46 17.07
N GLY D 328 -13.42 -22.12 18.00
CA GLY D 328 -13.69 -22.39 19.40
C GLY D 328 -13.52 -23.84 19.80
N GLY D 329 -12.94 -24.67 18.95
CA GLY D 329 -12.79 -26.09 19.21
C GLY D 329 -14.09 -26.87 19.27
N LYS D 330 -15.25 -26.23 19.13
CA LYS D 330 -16.53 -26.91 19.31
C LYS D 330 -17.49 -26.55 18.19
N ALA D 331 -18.46 -27.44 18.00
CA ALA D 331 -19.55 -27.25 17.03
C ALA D 331 -20.78 -27.98 17.55
N VAL D 332 -21.92 -27.69 16.94
CA VAL D 332 -23.20 -28.30 17.29
C VAL D 332 -23.58 -29.29 16.21
N GLY D 333 -23.77 -30.54 16.59
CA GLY D 333 -24.10 -31.57 15.62
C GLY D 333 -25.38 -32.29 15.98
N TYR D 334 -25.67 -33.40 15.28
CA TYR D 334 -26.98 -34.03 15.43
C TYR D 334 -28.09 -33.00 15.37
N LEU D 335 -27.95 -32.06 14.43
CA LEU D 335 -28.97 -31.04 14.18
C LEU D 335 -29.92 -31.55 13.12
N GLY D 336 -31.14 -31.03 13.15
CA GLY D 336 -32.23 -31.64 12.41
C GLY D 336 -32.53 -33.04 12.92
N HIS D 337 -33.53 -33.71 12.35
CA HIS D 337 -33.92 -35.03 12.85
C HIS D 337 -34.23 -34.98 14.35
N GLY D 338 -34.86 -33.88 14.77
CA GLY D 338 -35.28 -33.72 16.14
C GLY D 338 -34.41 -32.82 17.01
N GLY D 339 -33.22 -32.44 16.54
CA GLY D 339 -32.32 -31.60 17.31
C GLY D 339 -32.20 -30.22 16.69
N THR D 340 -32.32 -29.19 17.54
CA THR D 340 -32.15 -27.82 17.09
C THR D 340 -31.10 -27.10 17.94
N VAL D 341 -30.81 -25.88 17.52
CA VAL D 341 -29.98 -24.93 18.25
C VAL D 341 -30.44 -23.53 17.87
N THR D 342 -30.41 -22.61 18.82
CA THR D 342 -30.87 -21.25 18.60
C THR D 342 -29.81 -20.26 19.05
N ILE D 343 -29.50 -19.29 18.18
CA ILE D 343 -28.53 -18.24 18.47
C ILE D 343 -29.31 -17.01 18.90
N ASN D 344 -29.08 -16.54 20.12
CA ASN D 344 -29.93 -15.54 20.72
C ASN D 344 -29.21 -14.21 20.84
N ASN D 345 -30.00 -13.14 20.94
CA ASN D 345 -29.50 -11.78 20.99
C ASN D 345 -28.53 -11.51 19.83
N VAL D 346 -28.95 -11.91 18.63
CA VAL D 346 -28.27 -11.53 17.40
C VAL D 346 -28.67 -10.09 17.10
N GLN D 347 -27.80 -9.14 17.47
CA GLN D 347 -28.10 -7.74 17.28
C GLN D 347 -28.09 -7.38 15.80
N SER D 348 -28.86 -6.35 15.44
CA SER D 348 -28.90 -5.88 14.05
C SER D 348 -29.52 -4.50 14.02
N ASN D 349 -29.35 -3.83 12.89
CA ASN D 349 -29.89 -2.49 12.67
C ASN D 349 -31.12 -2.50 11.76
N GLY D 350 -31.70 -3.66 11.50
CA GLY D 350 -32.89 -3.76 10.67
C GLY D 350 -32.56 -4.08 9.21
N GLY D 351 -33.61 -4.44 8.47
CA GLY D 351 -33.46 -4.74 7.06
C GLY D 351 -32.90 -6.12 6.82
N SER D 352 -32.37 -6.31 5.61
CA SER D 352 -31.83 -7.58 5.16
C SER D 352 -30.31 -7.63 5.36
N HIS D 353 -29.82 -8.80 5.77
CA HIS D 353 -28.42 -8.99 6.13
C HIS D 353 -27.94 -10.34 5.62
N TRP D 354 -26.82 -10.34 4.90
CA TRP D 354 -26.15 -11.59 4.56
C TRP D 354 -25.63 -12.24 5.82
N VAL D 355 -25.87 -13.54 5.96
CA VAL D 355 -25.42 -14.28 7.11
C VAL D 355 -24.65 -15.49 6.59
N ALA D 356 -23.44 -15.69 7.09
CA ALA D 356 -22.59 -16.80 6.68
C ALA D 356 -22.75 -17.92 7.69
N LEU D 357 -23.06 -19.12 7.21
CA LEU D 357 -23.24 -20.30 8.04
C LEU D 357 -22.01 -21.20 7.88
N TYR D 358 -21.19 -21.26 8.93
CA TYR D 358 -20.01 -22.11 8.92
C TYR D 358 -20.42 -23.47 9.45
N PHE D 359 -20.05 -24.52 8.71
CA PHE D 359 -20.55 -25.85 9.00
C PHE D 359 -19.56 -26.87 8.50
N ALA D 360 -19.70 -28.10 9.01
CA ALA D 360 -18.97 -29.25 8.52
C ALA D 360 -19.96 -30.35 8.10
N ASN D 361 -19.56 -31.12 7.09
CA ASN D 361 -20.46 -32.14 6.52
C ASN D 361 -19.56 -33.21 5.90
N GLY D 362 -19.38 -34.30 6.63
CA GLY D 362 -18.53 -35.40 6.17
C GLY D 362 -19.18 -36.36 5.20
N ASP D 363 -20.46 -36.17 4.87
CA ASP D 363 -21.09 -36.94 3.81
C ASP D 363 -20.44 -36.61 2.48
N SER D 364 -20.56 -37.55 1.53
CA SER D 364 -20.19 -37.21 0.17
C SER D 364 -21.32 -36.51 -0.58
N THR D 365 -22.44 -36.26 0.08
CA THR D 365 -23.60 -35.65 -0.55
C THR D 365 -24.06 -34.46 0.29
N TYR D 366 -24.79 -33.56 -0.37
CA TYR D 366 -25.30 -32.36 0.26
C TYR D 366 -26.16 -32.70 1.47
N ARG D 367 -26.31 -31.71 2.35
CA ARG D 367 -27.35 -31.71 3.37
C ARG D 367 -28.07 -30.37 3.20
N ASN D 368 -28.81 -29.97 4.22
CA ASN D 368 -29.46 -28.67 4.23
C ASN D 368 -29.95 -28.45 5.65
N VAL D 369 -30.40 -27.23 5.92
CA VAL D 369 -30.83 -26.94 7.28
C VAL D 369 -31.83 -25.80 7.22
N THR D 370 -32.86 -25.96 8.05
CA THR D 370 -33.88 -24.98 8.31
C THR D 370 -33.32 -23.76 9.01
N VAL D 371 -33.77 -22.57 8.62
CA VAL D 371 -33.35 -21.33 9.25
C VAL D 371 -34.56 -20.46 9.54
N SER D 372 -34.91 -20.32 10.82
CA SER D 372 -36.04 -19.49 11.23
C SER D 372 -35.54 -18.25 11.96
N VAL D 373 -36.05 -17.08 11.55
CA VAL D 373 -35.75 -15.81 12.18
C VAL D 373 -36.93 -15.42 13.07
N ASN D 374 -36.72 -15.49 14.39
CA ASN D 374 -37.73 -15.10 15.39
C ASN D 374 -38.97 -15.97 15.29
N GLY D 375 -38.76 -17.29 15.26
CA GLY D 375 -39.85 -18.24 15.12
C GLY D 375 -40.70 -18.05 13.89
N GLY D 376 -40.14 -17.47 12.82
CA GLY D 376 -40.88 -17.15 11.62
C GLY D 376 -40.85 -18.28 10.60
N PRO D 377 -41.34 -17.99 9.39
CA PRO D 377 -41.41 -19.03 8.35
C PRO D 377 -40.03 -19.45 7.91
N SER D 378 -39.76 -20.74 8.01
CA SER D 378 -38.44 -21.29 7.76
C SER D 378 -38.03 -21.26 6.29
N VAL D 379 -36.76 -20.96 6.04
CA VAL D 379 -36.17 -21.10 4.72
C VAL D 379 -35.13 -22.22 4.78
N LEU D 380 -34.76 -22.74 3.61
CA LEU D 380 -33.89 -23.90 3.54
C LEU D 380 -32.61 -23.56 2.79
N VAL D 381 -31.48 -24.03 3.33
CA VAL D 381 -30.15 -23.66 2.84
C VAL D 381 -29.31 -24.92 2.63
N ASP D 382 -28.84 -25.12 1.41
CA ASP D 382 -28.02 -26.27 1.09
C ASP D 382 -26.68 -26.22 1.82
N GLN D 383 -26.16 -27.41 2.14
CA GLN D 383 -24.91 -27.56 2.87
C GLN D 383 -24.08 -28.59 2.12
N PRO D 384 -23.29 -28.16 1.14
CA PRO D 384 -22.46 -29.10 0.37
C PRO D 384 -21.58 -29.98 1.23
N ASP D 385 -21.10 -31.09 0.66
CA ASP D 385 -20.11 -31.90 1.35
C ASP D 385 -18.89 -31.04 1.70
N SER D 386 -18.51 -31.06 2.98
CA SER D 386 -17.47 -30.15 3.46
C SER D 386 -16.07 -30.65 3.08
N GLY D 387 -15.91 -31.95 2.86
CA GLY D 387 -14.59 -32.55 2.75
C GLY D 387 -14.20 -33.36 3.96
N GLY D 388 -14.97 -33.30 5.03
CA GLY D 388 -14.76 -34.13 6.20
C GLY D 388 -15.58 -33.61 7.36
N GLY D 389 -15.78 -34.49 8.36
CA GLY D 389 -16.47 -34.06 9.56
C GLY D 389 -15.72 -33.02 10.38
N ASN D 390 -14.39 -32.97 10.24
CA ASN D 390 -13.56 -31.98 10.89
C ASN D 390 -13.08 -30.87 9.95
N VAL D 391 -13.83 -30.58 8.89
CA VAL D 391 -13.44 -29.56 7.92
C VAL D 391 -14.64 -28.66 7.67
N VAL D 392 -14.47 -27.37 7.92
CA VAL D 392 -15.56 -26.40 7.92
C VAL D 392 -15.45 -25.51 6.68
N ILE D 393 -16.59 -25.25 6.04
CA ILE D 393 -16.76 -24.19 5.05
C ILE D 393 -18.07 -23.45 5.37
N SER D 394 -18.39 -22.46 4.55
CA SER D 394 -19.56 -21.61 4.80
C SER D 394 -20.36 -21.40 3.52
N VAL D 395 -21.66 -21.17 3.69
CA VAL D 395 -22.56 -20.78 2.61
C VAL D 395 -23.39 -19.60 3.12
N PRO D 396 -23.80 -18.67 2.26
CA PRO D 396 -24.60 -17.53 2.72
C PRO D 396 -26.09 -17.77 2.66
N VAL D 397 -26.81 -16.98 3.46
CA VAL D 397 -28.25 -16.86 3.39
C VAL D 397 -28.60 -15.42 3.76
N LYS D 398 -29.62 -14.87 3.11
CA LYS D 398 -29.98 -13.47 3.26
C LYS D 398 -31.25 -13.41 4.10
N LEU D 399 -31.15 -12.90 5.33
CA LEU D 399 -32.24 -12.88 6.29
C LEU D 399 -32.65 -11.46 6.61
N ASN D 400 -33.94 -11.28 6.91
CA ASN D 400 -34.47 -9.99 7.35
C ASN D 400 -34.64 -10.01 8.87
N LEU D 401 -34.04 -9.03 9.54
CA LEU D 401 -34.05 -8.96 10.98
C LEU D 401 -34.63 -7.63 11.44
N ASN D 402 -35.01 -7.57 12.71
CA ASN D 402 -35.49 -6.33 13.30
C ASN D 402 -34.34 -5.60 13.97
N SER D 403 -34.50 -4.28 14.08
CA SER D 403 -33.55 -3.49 14.85
C SER D 403 -33.56 -3.94 16.30
N GLY D 404 -32.36 -4.21 16.84
CA GLY D 404 -32.25 -4.75 18.17
C GLY D 404 -31.98 -6.24 18.15
N GLU D 405 -32.53 -6.95 19.14
CA GLU D 405 -32.28 -8.36 19.32
C GLU D 405 -33.08 -9.20 18.34
N ASN D 406 -32.48 -10.30 17.89
CA ASN D 406 -33.14 -11.27 17.03
C ASN D 406 -32.64 -12.64 17.40
N SER D 407 -33.37 -13.66 16.98
CA SER D 407 -33.00 -15.03 17.27
C SER D 407 -33.06 -15.86 15.99
N ILE D 408 -32.20 -16.86 15.90
CA ILE D 408 -32.09 -17.70 14.71
C ILE D 408 -32.08 -19.15 15.14
N THR D 409 -33.01 -19.94 14.61
CA THR D 409 -33.07 -21.36 14.93
C THR D 409 -32.72 -22.22 13.73
N PHE D 410 -31.91 -23.26 13.97
CA PHE D 410 -31.37 -24.13 12.93
C PHE D 410 -31.81 -25.56 13.20
N GLY D 411 -32.29 -26.24 12.17
CA GLY D 411 -32.65 -27.65 12.29
C GLY D 411 -34.06 -27.93 12.74
N SER D 412 -34.91 -26.91 12.89
CA SER D 412 -36.30 -27.12 13.27
C SER D 412 -37.00 -28.03 12.26
N GLY D 413 -37.82 -28.94 12.79
CA GLY D 413 -38.72 -29.76 12.00
C GLY D 413 -38.24 -30.22 10.64
N GLN D 414 -37.08 -30.85 10.59
CA GLN D 414 -36.58 -31.47 9.38
C GLN D 414 -36.21 -32.91 9.71
N SER D 415 -36.56 -33.82 8.80
CA SER D 415 -36.40 -35.23 9.12
C SER D 415 -34.98 -35.71 8.86
N ASN D 416 -34.25 -35.03 7.98
CA ASN D 416 -32.86 -35.34 7.72
C ASN D 416 -31.96 -34.62 8.71
N TYR D 417 -30.85 -35.27 9.06
CA TYR D 417 -29.81 -34.60 9.81
C TYR D 417 -29.20 -33.46 8.99
N ALA D 418 -29.17 -32.26 9.58
CA ALA D 418 -28.46 -31.16 8.97
C ALA D 418 -26.95 -31.36 9.12
N ALA D 419 -26.20 -30.37 8.66
CA ALA D 419 -24.77 -30.38 8.87
C ALA D 419 -24.42 -29.79 10.23
N ASP D 420 -23.27 -30.19 10.75
CA ASP D 420 -22.78 -29.65 12.01
C ASP D 420 -22.52 -28.17 11.87
N LEU D 421 -23.12 -27.36 12.73
CA LEU D 421 -22.95 -25.91 12.70
C LEU D 421 -21.80 -25.49 13.62
N ASP D 422 -20.87 -24.69 13.06
CA ASP D 422 -19.67 -24.22 13.76
C ASP D 422 -19.91 -22.84 14.39
N LYS D 423 -20.33 -21.88 13.58
CA LYS D 423 -20.65 -20.52 14.01
C LYS D 423 -21.39 -19.87 12.85
N ILE D 424 -21.86 -18.67 13.09
CA ILE D 424 -22.40 -17.86 12.01
C ILE D 424 -21.78 -16.47 12.12
N ILE D 425 -21.72 -15.78 10.99
CA ILE D 425 -21.23 -14.41 10.93
C ILE D 425 -22.32 -13.59 10.27
N VAL D 426 -22.67 -12.47 10.90
CA VAL D 426 -23.74 -11.60 10.44
C VAL D 426 -23.12 -10.31 9.95
N TYR D 427 -23.30 -10.02 8.67
CA TYR D 427 -22.72 -8.84 8.05
C TYR D 427 -23.76 -7.74 8.00
C1 NAG E . -8.08 6.25 28.76
C2 NAG E . -9.29 5.34 28.58
C3 NAG E . -9.99 5.07 29.87
C4 NAG E . -9.06 4.75 31.01
C5 NAG E . -7.92 5.76 31.14
C6 NAG E . -6.99 5.35 32.25
C7 NAG E . -10.30 5.51 26.25
C8 NAG E . -11.24 6.20 25.26
N2 NAG E . -10.22 6.02 27.62
O3 NAG E . -10.89 3.94 29.64
O4 NAG E . -9.80 4.78 32.22
O5 NAG E . -7.18 5.86 29.88
O6 NAG E . -6.24 4.24 31.83
O7 NAG E . -9.63 4.59 25.91
C1 NAG E . -10.19 3.59 32.78
C2 NAG E . -10.57 3.73 34.24
C3 NAG E . -11.09 2.45 34.75
C4 NAG E . -12.22 1.88 33.93
C5 NAG E . -12.00 1.94 32.41
C6 NAG E . -13.32 1.82 31.72
C7 NAG E . -9.20 5.52 35.44
C8 NAG E . -7.96 5.97 36.22
N2 NAG E . -9.34 4.14 35.01
O3 NAG E . -11.54 2.69 36.12
O4 NAG E . -12.41 0.50 34.25
O5 NAG E . -11.39 3.19 31.96
O6 NAG E . -14.07 2.99 31.93
O7 NAG E . -10.05 6.32 35.17
C1 MAN E . -13.33 0.22 35.23
C2 MAN E . -14.48 -0.69 34.80
C3 MAN E . -15.45 -0.87 35.98
C4 MAN E . -14.66 -0.94 37.31
C5 MAN E . -14.02 0.43 37.60
C6 MAN E . -12.77 0.37 38.53
O2 MAN E . -14.00 -2.00 34.47
O3 MAN E . -16.32 -2.00 35.82
O4 MAN E . -15.52 -1.29 38.36
O5 MAN E . -13.65 1.07 36.34
O6 MAN E . -12.69 1.58 39.31
C1 NAG F . 29.09 21.81 26.61
C2 NAG F . 29.10 21.87 28.13
C3 NAG F . 29.04 23.26 28.60
C4 NAG F . 30.16 24.07 28.05
C5 NAG F . 30.20 23.98 26.52
C6 NAG F . 31.40 24.69 25.97
C7 NAG F . 27.96 19.75 28.80
C8 NAG F . 26.78 18.93 29.34
N2 NAG F . 27.88 21.20 28.68
O3 NAG F . 29.11 23.25 30.06
O4 NAG F . 29.88 25.43 28.37
O5 NAG F . 30.24 22.58 26.05
O6 NAG F . 31.09 24.98 24.63
O7 NAG F . 28.98 19.24 28.44
C1 NAG F . 30.26 26.71 28.68
C2 NAG F . 30.03 28.19 28.42
C3 NAG F . 30.89 28.98 29.33
C4 NAG F . 30.50 28.65 30.75
C5 NAG F . 30.84 27.18 31.04
C6 NAG F . 30.48 26.78 32.44
C7 NAG F . 29.34 28.87 26.00
C8 NAG F . 29.78 29.05 24.55
N2 NAG F . 30.35 28.40 26.98
O3 NAG F . 30.74 30.41 29.07
O4 NAG F . 31.11 29.54 31.71
O5 NAG F . 30.10 26.30 30.12
O6 NAG F . 30.14 25.42 32.45
O7 NAG F . 28.21 29.14 26.32
C1 MAN F . 30.65 30.32 32.74
C2 MAN F . 29.46 30.24 33.74
C3 MAN F . 29.21 31.61 34.42
C4 MAN F . 29.11 32.79 33.41
C5 MAN F . 30.05 32.60 32.20
C6 MAN F . 30.72 33.90 31.75
O2 MAN F . 29.70 29.33 34.81
O3 MAN F . 30.18 31.87 35.46
O4 MAN F . 27.76 32.97 32.97
O5 MAN F . 31.10 31.65 32.51
O6 MAN F . 31.19 33.72 30.41
C1 NAG G . -15.71 37.48 19.89
C2 NAG G . -14.91 37.82 21.16
C3 NAG G . -14.74 39.30 21.36
C4 NAG G . -14.28 40.03 20.12
C5 NAG G . -15.11 39.62 18.90
C6 NAG G . -14.57 40.14 17.61
C7 NAG G . -15.03 36.15 23.09
C8 NAG G . -15.81 35.56 24.26
N2 NAG G . -15.64 37.22 22.30
O3 NAG G . -13.73 39.53 22.38
O4 NAG G . -14.37 41.42 20.34
O5 NAG G . -15.09 38.18 18.74
O6 NAG G . -15.47 39.70 16.62
O7 NAG G . -13.96 35.77 22.81
C1 NAG G . -13.29 42.26 20.40
C2 NAG G . -13.22 43.74 20.04
C3 NAG G . -11.89 44.36 20.27
C4 NAG G . -11.35 44.05 21.62
C5 NAG G . -11.22 42.52 21.71
C6 NAG G . -10.51 42.12 22.97
C7 NAG G . -14.92 43.90 18.13
C8 NAG G . -15.18 44.02 16.61
N2 NAG G . -13.53 43.86 18.58
O3 NAG G . -12.08 45.79 20.16
O4 NAG G . -10.10 44.73 21.85
O5 NAG G . -12.55 41.92 21.67
O6 NAG G . -11.47 42.09 24.01
O7 NAG G . -15.82 43.83 18.90
C1 MAN G . -9.16 45.72 22.04
C2 MAN G . -8.27 46.06 23.26
C3 MAN G . -8.90 47.18 24.11
C4 MAN G . -9.53 48.34 23.26
C5 MAN G . -10.26 47.85 21.99
C6 MAN G . -10.54 49.01 21.04
O2 MAN G . -6.95 46.54 22.90
O3 MAN G . -7.94 47.72 25.04
O4 MAN G . -10.47 49.06 24.05
O5 MAN G . -9.47 46.86 21.28
O6 MAN G . -11.24 48.53 19.91
C1 GAL H . -9.75 41.26 -0.35
C2 GAL H . -10.29 40.30 0.70
C3 GAL H . -10.30 41.05 1.98
C4 GAL H . -8.89 41.17 2.51
C5 GAL H . -7.94 41.67 1.42
C6 GAL H . -6.89 40.63 1.12
O1 GAL H . -9.31 40.52 -1.41
O2 GAL H . -11.61 39.86 0.26
O3 GAL H . -11.20 40.44 2.94
O4 GAL H . -8.37 39.92 3.04
O5 GAL H . -8.63 42.10 0.16
O6 GAL H . -5.66 41.17 1.48
C1 GAL H . -11.74 41.40 3.76
C2 GAL H . -12.87 40.70 4.49
C3 GAL H . -13.47 41.60 5.51
C4 GAL H . -12.45 42.15 6.47
C5 GAL H . -11.28 42.77 5.74
C6 GAL H . -10.20 43.09 6.74
O2 GAL H . -13.86 40.27 3.50
O3 GAL H . -14.49 40.89 6.24
O4 GAL H . -11.88 41.08 7.23
O5 GAL H . -10.71 41.85 4.75
O6 GAL H . -9.12 43.62 6.03
C1 GAL H . -15.83 41.07 6.04
C2 GAL H . -16.68 39.84 5.83
C3 GAL H . -18.13 40.16 5.79
C4 GAL H . -18.56 40.99 6.97
C5 GAL H . -17.64 42.20 7.18
C6 GAL H . -17.97 42.98 8.43
O2 GAL H . -16.24 39.24 4.58
O3 GAL H . -18.95 38.96 5.75
O4 GAL H . -18.52 40.17 8.15
O5 GAL H . -16.24 41.77 7.29
O6 GAL H . -17.34 44.23 8.33
C1 NAG I . 8.36 -1.51 -29.53
C2 NAG I . 9.33 -2.59 -29.09
C3 NAG I . 9.92 -3.39 -30.19
C4 NAG I . 8.83 -3.90 -31.07
C5 NAG I . 8.08 -2.72 -31.68
C6 NAG I . 7.06 -3.19 -32.67
C7 NAG I . 10.35 -1.99 -26.88
C8 NAG I . 11.40 -1.29 -26.00
N2 NAG I . 10.42 -1.88 -28.34
O3 NAG I . 10.66 -4.49 -29.59
O4 NAG I . 9.35 -4.74 -32.11
O5 NAG I . 7.40 -1.98 -30.59
O6 NAG I . 5.89 -3.54 -31.97
O7 NAG I . 9.47 -2.62 -26.40
C1 NDG I . 10.42 -5.27 -32.77
C2 NDG I . 10.33 -5.52 -34.31
C3 NDG I . 9.63 -6.85 -34.60
C4 NDG I . 10.26 -7.97 -33.80
C5 NDG I . 10.08 -7.63 -32.30
C6 NDG I . 10.65 -8.74 -31.39
C7 NDG I . 10.15 -3.18 -35.16
C8 NDG I . 9.29 -2.20 -35.94
O5 NDG I . 10.78 -6.43 -32.00
O3 NDG I . 9.74 -7.10 -36.00
O4 NDG I . 9.63 -9.20 -34.15
O6 NDG I . 10.99 -8.28 -30.08
O7 NDG I . 11.23 -2.86 -34.67
N2 NDG I . 9.64 -4.45 -35.03
C1 NAG J . -27.39 17.95 -31.32
C2 NAG J . -27.44 17.83 -32.85
C3 NAG J . -27.35 19.15 -33.52
C4 NAG J . -28.26 20.19 -32.95
C5 NAG J . -28.06 20.24 -31.44
C6 NAG J . -28.84 21.37 -30.84
C7 NAG J . -26.23 15.57 -33.22
C8 NAG J . -24.97 14.80 -33.64
N2 NAG J . -26.24 17.04 -33.27
O3 NAG J . -27.63 19.06 -34.95
O4 NAG J . -27.96 21.47 -33.50
O5 NAG J . -28.40 18.94 -30.84
O6 NAG J . -27.92 22.38 -30.52
O7 NAG J . -27.20 15.00 -32.86
C1 NAG J . -28.44 22.32 -34.48
C2 NAG J . -27.80 23.68 -34.59
C3 NAG J . -28.52 24.52 -35.58
C4 NAG J . -28.31 23.92 -36.95
C5 NAG J . -28.37 22.36 -37.02
C6 NAG J . -27.24 21.90 -37.91
C7 NAG J . -26.35 24.84 -32.91
C8 NAG J . -25.23 24.83 -33.96
N2 NAG J . -27.67 24.28 -33.23
O3 NAG J . -27.96 25.87 -35.53
O4 NAG J . -29.27 24.44 -37.88
O5 NAG J . -28.21 21.58 -35.77
O6 NAG J . -26.36 21.18 -37.09
O7 NAG J . -26.14 25.30 -31.85
C1 NAG K . 19.11 30.18 -27.96
C2 NAG K . 18.24 30.37 -29.21
C3 NAG K . 18.31 31.76 -29.74
C4 NAG K . 17.96 32.79 -28.69
C5 NAG K . 18.83 32.66 -27.44
C6 NAG K . 18.23 33.48 -26.35
C7 NAG K . 17.82 28.28 -30.55
C8 NAG K . 18.27 27.18 -31.53
N2 NAG K . 18.74 29.36 -30.20
O3 NAG K . 17.32 31.87 -30.79
O4 NAG K . 18.06 34.14 -29.16
O5 NAG K . 18.86 31.28 -26.97
O6 NAG K . 18.95 33.24 -25.16
O7 NAG K . 16.72 28.26 -30.08
C1 NAG K . 17.01 35.01 -29.27
C2 NAG K . 17.38 36.49 -29.30
C3 NAG K . 16.17 37.29 -29.65
C4 NAG K . 15.75 36.97 -31.04
C5 NAG K . 15.39 35.48 -31.11
C6 NAG K . 15.07 35.07 -32.52
C7 NAG K . 19.34 36.85 -27.69
C8 NAG K . 19.87 37.32 -26.33
N2 NAG K . 17.91 36.94 -27.97
O3 NAG K . 16.47 38.71 -29.52
O4 NAG K . 14.62 37.76 -31.42
O5 NAG K . 16.47 34.60 -30.61
O6 NAG K . 15.21 33.68 -32.61
O7 NAG K . 20.10 36.41 -28.50
C1 MAN K . 13.70 38.74 -31.73
C2 MAN K . 12.25 39.15 -32.14
C3 MAN K . 12.09 39.21 -33.69
C4 MAN K . 13.29 39.91 -34.37
C5 MAN K . 14.61 39.27 -33.89
C6 MAN K . 15.87 39.88 -34.51
O2 MAN K . 11.89 40.44 -31.64
O3 MAN K . 10.86 39.80 -34.10
O4 MAN K . 13.17 39.78 -35.80
O5 MAN K . 14.70 39.42 -32.46
O6 MAN K . 17.02 39.28 -33.91
C1 GAL L . 13.68 38.69 -9.38
C2 GAL L . 14.35 37.59 -10.16
C3 GAL L . 14.57 38.06 -11.54
C4 GAL L . 13.24 38.33 -12.19
C5 GAL L . 12.49 39.43 -11.42
C6 GAL L . 11.11 39.65 -11.97
O1 GAL L . 13.52 38.30 -8.09
O2 GAL L . 15.60 37.25 -9.50
O3 GAL L . 15.36 37.08 -12.27
O4 GAL L . 12.43 37.13 -12.24
O5 GAL L . 12.36 39.06 -10.00
O6 GAL L . 10.27 40.02 -10.92
C1 GAL L . 15.85 37.65 -13.43
C2 GAL L . 16.97 36.74 -13.93
C3 GAL L . 17.64 37.32 -15.12
C4 GAL L . 16.72 37.64 -16.25
C5 GAL L . 15.67 38.60 -15.75
C6 GAL L . 14.69 38.81 -16.85
O2 GAL L . 17.96 36.53 -12.88
O3 GAL L . 18.57 36.34 -15.58
O4 GAL L . 15.99 36.49 -16.72
O5 GAL L . 14.98 38.02 -14.59
O6 GAL L . 13.62 39.51 -16.29
C1 GAL L . 19.89 36.67 -15.37
C2 GAL L . 20.59 35.38 -14.95
C3 GAL L . 22.04 35.63 -14.87
C4 GAL L . 22.59 36.19 -16.14
C5 GAL L . 21.86 37.44 -16.59
C6 GAL L . 22.32 37.75 -17.97
O2 GAL L . 20.03 34.98 -13.65
O3 GAL L . 22.76 34.42 -14.57
O4 GAL L . 22.48 35.22 -17.20
O5 GAL L . 20.41 37.23 -16.65
O6 GAL L . 21.65 38.90 -18.38
C1 NAG M . 27.88 -2.46 12.10
C2 NAG M . 28.07 -1.60 10.87
C3 NAG M . 29.43 -1.01 11.00
C4 NAG M . 29.68 -0.39 12.36
C5 NAG M . 29.12 -1.19 13.56
C6 NAG M . 29.18 -0.34 14.80
C7 NAG M . 27.18 -2.04 8.55
C8 NAG M . 27.08 -2.85 7.26
N2 NAG M . 28.04 -2.46 9.64
O3 NAG M . 29.65 -0.01 9.95
O4 NAG M . 31.10 -0.23 12.52
O5 NAG M . 27.74 -1.67 13.35
O6 NAG M . 29.28 -1.20 15.89
O7 NAG M . 26.54 -1.05 8.70
C1 NAG M . 31.94 0.76 12.96
C2 NAG M . 33.31 0.76 13.62
C3 NAG M . 33.77 2.10 14.02
C4 NAG M . 33.70 3.07 12.86
C5 NAG M . 32.26 3.18 12.34
C6 NAG M . 32.23 4.06 11.13
C7 NAG M . 33.57 -1.53 14.67
C8 NAG M . 33.51 -2.50 15.85
N2 NAG M . 33.24 -0.12 14.84
O3 NAG M . 35.15 1.98 14.49
O4 NAG M . 34.18 4.35 13.24
O5 NAG M . 31.74 1.86 11.94
O6 NAG M . 32.64 3.30 10.03
O7 NAG M . 33.89 -1.93 13.58
C1 BMA M . 35.35 4.76 12.63
C2 BMA M . 35.22 6.19 12.09
C3 BMA M . 36.40 7.08 12.34
C4 BMA M . 37.06 6.84 13.67
C5 BMA M . 37.40 5.37 13.84
C6 BMA M . 38.15 5.15 15.13
O2 BMA M . 34.03 6.80 12.62
O3 BMA M . 35.95 8.46 12.27
O4 BMA M . 38.27 7.61 13.76
O5 BMA M . 36.17 4.58 13.88
O6 BMA M . 38.47 3.78 15.23
C1 NAG N . 3.31 -15.55 42.49
C2 NAG N . 4.49 -15.60 43.44
C3 NAG N . 4.71 -17.01 43.79
C4 NAG N . 3.49 -17.72 44.34
C5 NAG N . 2.14 -17.36 43.69
C6 NAG N . 1.04 -17.49 44.70
C7 NAG N . 5.98 -13.65 42.64
C8 NAG N . 7.25 -13.14 41.96
N2 NAG N . 5.73 -15.09 42.78
O3 NAG N . 5.80 -17.08 44.74
O4 NAG N . 3.72 -19.12 44.17
O5 NAG N . 2.05 -16.00 43.17
O6 NAG N . 0.16 -16.40 44.56
O7 NAG N . 5.17 -12.86 43.04
C1 NDG N . 4.22 -20.10 44.99
C2 NDG N . 3.44 -20.93 46.06
C3 NDG N . 4.34 -21.92 46.81
C4 NDG N . 5.83 -21.64 46.56
C5 NDG N . 6.06 -20.13 46.63
C6 NDG N . 7.53 -19.74 46.53
C7 NDG N . 1.30 -20.07 47.06
C8 NDG N . 0.57 -20.85 45.96
O5 NDG N . 5.42 -19.52 45.50
O3 NDG N . 4.00 -23.23 46.39
O4 NDG N . 6.57 -22.37 47.54
O6 NDG N . 7.85 -19.25 45.22
O7 NDG N . 0.69 -19.40 47.90
N2 NDG N . 2.67 -20.15 47.04
C1 NAG O . 28.75 -34.18 6.16
C2 NAG O . 29.11 -34.31 7.64
C3 NAG O . 29.08 -35.68 8.20
C4 NAG O . 27.84 -36.44 7.78
C5 NAG O . 27.63 -36.36 6.27
C6 NAG O . 26.36 -37.09 5.91
C7 NAG O . 30.65 -32.46 8.45
C8 NAG O . 32.04 -31.82 8.54
N2 NAG O . 30.49 -33.72 7.74
O3 NAG O . 29.07 -35.58 9.65
O4 NAG O . 27.99 -37.80 8.20
O5 NAG O . 27.51 -34.97 5.81
O6 NAG O . 26.22 -36.99 4.52
O7 NAG O . 29.71 -31.94 8.93
C1 NAG O . 27.43 -38.66 9.10
C2 NAG O . 27.39 -40.18 8.98
C3 NAG O . 26.23 -40.70 9.74
C4 NAG O . 26.48 -40.55 11.21
C5 NAG O . 27.17 -39.22 11.60
C6 NAG O . 28.53 -39.49 12.19
C7 NAG O . 26.57 -40.97 6.49
C8 NAG O . 25.04 -40.97 6.64
N2 NAG O . 27.54 -40.60 7.54
O3 NAG O . 26.02 -42.11 9.43
O4 NAG O . 25.24 -40.67 11.90
O5 NAG O . 27.28 -38.19 10.53
O6 NAG O . 28.86 -38.50 13.13
O7 NAG O . 27.02 -41.28 5.44
C1 GAL P . 9.88 -40.46 -0.98
C2 GAL P . 11.30 -40.02 -0.70
C3 GAL P . 11.93 -40.94 0.28
C4 GAL P . 11.17 -40.99 1.57
C5 GAL P . 9.68 -41.26 1.36
C6 GAL P . 8.96 -40.96 2.66
O1 GAL P . 9.36 -39.57 -1.89
O2 GAL P . 12.09 -39.99 -1.94
O3 GAL P . 13.25 -40.44 0.54
O4 GAL P . 11.34 -39.73 2.25
O5 GAL P . 9.06 -40.49 0.27
O6 GAL P . 7.63 -41.39 2.56
C1 GAL P . 14.44 -41.03 0.19
C2 GAL P . 15.56 -40.29 -0.54
C3 GAL P . 16.81 -41.05 -0.43
C4 GAL P . 17.18 -41.25 0.99
C5 GAL P . 16.05 -41.91 1.78
C6 GAL P . 16.46 -41.96 3.22
O2 GAL P . 15.24 -40.05 -1.96
O3 GAL P . 17.83 -40.23 -1.02
O4 GAL P . 17.44 -39.97 1.60
O5 GAL P . 14.78 -41.20 1.64
O6 GAL P . 17.10 -43.18 3.48
C1 GAL P . 18.55 -40.48 -2.16
C2 GAL P . 18.82 -39.47 -3.25
C3 GAL P . 19.73 -40.04 -4.27
C4 GAL P . 21.00 -40.52 -3.64
C5 GAL P . 20.64 -41.50 -2.52
C6 GAL P . 21.83 -42.12 -1.85
O2 GAL P . 17.50 -39.12 -3.78
O3 GAL P . 20.07 -39.06 -5.29
O4 GAL P . 21.70 -39.41 -3.07
O5 GAL P . 19.84 -40.82 -1.51
O6 GAL P . 21.38 -43.09 -0.96
C1 NAG Q . -28.20 -2.41 -11.76
C2 NAG Q . -28.62 -1.26 -10.82
C3 NAG Q . -29.99 -0.79 -11.07
C4 NAG Q . -30.15 -0.37 -12.50
C5 NAG Q . -29.77 -1.47 -13.50
C6 NAG Q . -29.73 -0.86 -14.87
C7 NAG Q . -27.35 -1.26 -8.64
C8 NAG Q . -27.13 -1.72 -7.20
N2 NAG Q . -28.49 -1.75 -9.42
O3 NAG Q . -30.20 0.36 -10.20
O4 NAG Q . -31.50 -0.01 -12.74
O5 NAG Q . -28.45 -2.07 -13.21
O6 NAG Q . -28.77 -1.46 -15.70
O7 NAG Q . -26.60 -0.49 -9.14
C1 NAG Q . -31.88 1.20 -13.25
C2 NAG Q . -33.29 1.01 -13.81
C3 NAG Q . -33.74 2.14 -14.67
C4 NAG Q . -33.42 3.50 -14.11
C5 NAG Q . -31.99 3.63 -13.57
C6 NAG Q . -31.81 4.94 -12.86
C7 NAG Q . -33.73 -1.52 -13.92
C8 NAG Q . -33.75 -2.83 -14.71
N2 NAG Q . -33.33 -0.26 -14.59
O3 NAG Q . -35.19 2.01 -14.80
O4 NAG Q . -33.60 4.48 -15.15
O5 NAG Q . -31.68 2.55 -12.63
O6 NAG Q . -32.26 4.81 -11.53
O7 NAG Q . -34.04 -1.53 -12.77
C1 MAN Q . -34.53 5.25 -15.79
C2 MAN Q . -35.01 6.40 -14.88
C3 MAN Q . -36.17 7.21 -15.54
C4 MAN Q . -36.66 6.55 -16.86
C5 MAN Q . -36.85 5.03 -16.64
C6 MAN Q . -37.36 4.29 -17.86
O2 MAN Q . -33.95 7.33 -14.63
O3 MAN Q . -35.81 8.58 -15.75
O4 MAN Q . -37.90 7.14 -17.28
O5 MAN Q . -35.58 4.41 -16.28
O6 MAN Q . -37.34 2.88 -17.62
C1 NAG R . -31.96 -31.92 2.00
C2 NAG R . -32.35 -32.23 0.58
C3 NAG R . -32.68 -33.67 0.36
C4 NAG R . -31.60 -34.59 0.84
C5 NAG R . -31.32 -34.36 2.32
C6 NAG R . -30.09 -35.12 2.71
C7 NAG R . -33.54 -30.32 -0.73
C8 NAG R . -34.82 -29.51 -0.97
N2 NAG R . -33.56 -31.40 0.26
O3 NAG R . -32.87 -33.91 -1.06
O4 NAG R . -31.96 -35.97 0.62
O5 NAG R . -31.06 -32.95 2.63
O6 NAG R . -29.78 -34.79 4.05
O7 NAG R . -32.55 -30.07 -1.36
C1 NAG R . -32.12 -37.05 -0.21
C2 NAG R . -31.69 -38.50 -0.39
C3 NAG R . -32.28 -39.12 -1.61
C4 NAG R . -33.78 -39.09 -1.54
C5 NAG R . -34.31 -37.66 -1.38
C6 NAG R . -35.76 -37.72 -1.04
C7 NAG R . -29.39 -38.73 0.75
C8 NAG R . -27.86 -38.81 0.64
N2 NAG R . -30.19 -38.58 -0.47
O3 NAG R . -31.83 -40.51 -1.75
O4 NAG R . -34.34 -39.70 -2.71
O5 NAG R . -33.62 -36.87 -0.33
O6 NAG R . -35.99 -37.12 0.22
O7 NAG R . -29.93 -38.78 1.81
C1 GAL S . -13.86 -37.24 11.73
C2 GAL S . -15.25 -37.00 11.17
C3 GAL S . -15.75 -38.18 10.40
C4 GAL S . -14.79 -38.59 9.32
C5 GAL S . -13.36 -38.76 9.83
C6 GAL S . -12.44 -38.87 8.63
O1 GAL S . -13.45 -36.07 12.32
O2 GAL S . -16.17 -36.65 12.26
O3 GAL S . -17.03 -37.84 9.80
O4 GAL S . -14.78 -37.61 8.26
O5 GAL S . -12.88 -37.66 10.69
O6 GAL S . -13.16 -39.30 7.52
C1 GAL S . -18.31 -37.70 10.26
C2 GAL S . -19.41 -36.75 10.73
C3 GAL S . -20.72 -37.41 10.75
C4 GAL S . -21.07 -37.91 9.39
C5 GAL S . -20.01 -38.86 8.88
C6 GAL S . -20.25 -39.18 7.43
O2 GAL S . -19.05 -36.26 12.07
O3 GAL S . -21.74 -36.52 11.25
O4 GAL S . -21.16 -36.80 8.48
O5 GAL S . -18.64 -38.31 8.94
O6 GAL S . -19.24 -40.05 7.04
C1 GAL S . -22.55 -36.34 12.35
C2 GAL S . -23.08 -35.17 13.17
C3 GAL S . -24.43 -35.35 13.80
C4 GAL S . -25.39 -35.95 12.82
C5 GAL S . -24.80 -37.25 12.23
C6 GAL S . -25.80 -37.97 11.36
O2 GAL S . -22.12 -34.95 14.23
O3 GAL S . -24.96 -34.13 14.46
O4 GAL S . -25.68 -35.01 11.77
O5 GAL S . -23.57 -37.00 11.47
O6 GAL S . -25.30 -39.22 10.97
CA CA T . -19.57 27.22 0.37
C ACT U . 7.87 28.00 -2.15
O ACT U . 7.48 27.82 -3.34
OXT ACT U . 7.84 27.02 -1.35
CH3 ACT U . 8.33 29.38 -1.70
C1 GOL V . -8.28 14.19 21.08
O1 GOL V . -8.50 14.68 19.78
C2 GOL V . -6.75 14.15 21.34
O2 GOL V . -6.16 12.99 20.88
C3 GOL V . -6.58 14.31 22.88
O3 GOL V . -6.23 13.06 23.36
C1 GOL W . 17.60 17.50 -3.88
O1 GOL W . 18.20 18.68 -4.34
C2 GOL W . 18.65 16.74 -3.03
O2 GOL W . 19.36 17.63 -2.26
C3 GOL W . 17.80 15.80 -2.15
O3 GOL W . 17.25 14.85 -3.01
C ACT X . 27.88 9.84 32.25
O ACT X . 28.13 10.81 33.06
OXT ACT X . 26.72 9.33 32.22
CH3 ACT X . 28.99 9.33 31.32
C1 GOL Y . 26.58 13.45 8.30
O1 GOL Y . 27.74 13.35 7.48
C2 GOL Y . 25.80 12.05 8.28
O2 GOL Y . 24.67 12.01 7.36
C3 GOL Y . 26.92 10.95 8.03
O3 GOL Y . 26.78 9.94 9.01
C1 GOL Z . -11.66 3.39 15.82
O1 GOL Z . -11.91 4.26 14.74
C2 GOL Z . -10.12 3.39 16.07
O2 GOL Z . -9.78 2.68 17.21
C3 GOL Z . -9.50 2.73 14.80
O3 GOL Z . -8.09 2.75 14.98
C1 GOL AA . -13.94 6.35 9.71
O1 GOL AA . -15.25 6.89 9.93
C2 GOL AA . -13.16 6.22 11.09
O2 GOL AA . -13.01 4.88 11.48
C3 GOL AA . -11.75 6.93 10.87
O3 GOL AA . -11.52 7.90 11.95
C1 GOL BA . -28.52 45.56 12.90
O1 GOL BA . -29.03 44.60 13.79
C2 GOL BA . -27.95 44.79 11.65
O2 GOL BA . -28.72 43.68 11.26
C3 GOL BA . -27.80 45.85 10.53
O3 GOL BA . -26.42 46.07 10.31
C1 GOL CA . 22.98 23.90 38.53
O1 GOL CA . 21.64 23.44 38.57
C2 GOL CA . 23.40 24.04 37.02
O2 GOL CA . 23.45 25.39 36.61
C3 GOL CA . 24.77 23.29 36.91
O3 GOL CA . 25.30 23.55 35.63
C1 GOL DA . 1.59 16.13 37.62
O1 GOL DA . 1.65 17.42 38.19
C2 GOL DA . 0.36 15.35 38.24
O2 GOL DA . -0.86 15.98 38.00
C3 GOL DA . 0.39 13.93 37.61
O3 GOL DA . -0.38 13.08 38.42
C1 GOL EA . 5.17 1.59 12.71
O1 GOL EA . 5.80 1.13 11.53
C2 GOL EA . 5.70 3.05 12.98
O2 GOL EA . 4.81 3.79 13.78
C3 GOL EA . 7.12 2.89 13.62
O3 GOL EA . 7.84 4.09 13.39
CA CA FA . 22.23 24.09 -6.62
C ACT GA . 6.29 -0.41 -11.92
O ACT GA . 7.17 -0.94 -11.18
OXT ACT GA . 5.13 -0.23 -11.46
CH3 ACT GA . 6.63 -0.01 -13.36
C1 GOL HA . -16.04 17.94 -1.43
O1 GOL HA . -16.39 16.67 -0.91
C2 GOL HA . -17.39 18.73 -1.55
O2 GOL HA . -18.28 18.47 -0.45
C3 GOL HA . -16.98 20.24 -1.73
O3 GOL HA . -16.23 20.69 -0.59
C1 GOL IA . -19.58 36.67 -19.93
O1 GOL IA . -20.02 35.50 -19.32
C2 GOL IA . -20.49 36.88 -21.22
O2 GOL IA . -19.81 37.57 -22.21
C3 GOL IA . -20.91 35.44 -21.69
O3 GOL IA . -21.86 35.58 -22.70
C ACT JA . 1.58 19.53 -4.26
O ACT JA . 1.12 20.60 -4.76
OXT ACT JA . 0.81 18.71 -3.68
CH3 ACT JA . 3.09 19.25 -4.34
CA CA KA . 14.97 -28.37 -10.73
C1 GOL LA . 27.50 -10.87 10.19
O1 GOL LA . 26.28 -11.56 9.86
C2 GOL LA . 27.35 -9.29 10.08
O2 GOL LA . 26.01 -8.85 9.97
C3 GOL LA . 28.09 -8.67 11.34
O3 GOL LA . 29.22 -9.48 11.63
C ACT MA . 12.93 -36.17 6.72
O ACT MA . 13.56 -35.60 5.78
OXT ACT MA . 12.05 -37.04 6.45
CH3 ACT MA . 13.19 -35.82 8.19
C1 GOL NA . 21.52 -11.90 8.59
O1 GOL NA . 22.16 -11.83 7.35
C2 GOL NA . 21.77 -10.56 9.42
O2 GOL NA . 20.96 -10.50 10.56
C3 GOL NA . 23.27 -10.56 9.84
O3 GOL NA . 23.28 -10.21 11.23
C ACT OA . 9.36 -30.39 26.02
O ACT OA . 9.52 -30.27 24.77
OXT ACT OA . 8.45 -29.74 26.64
CH3 ACT OA . 10.28 -31.34 26.77
C1 GOL PA . 9.62 -25.51 -1.54
O1 GOL PA . 9.98 -25.45 -2.90
C2 GOL PA . 8.86 -26.86 -1.18
O2 GOL PA . 7.48 -26.65 -0.99
C3 GOL PA . 9.24 -27.89 -2.34
O3 GOL PA . 8.45 -29.05 -2.22
C1 GOL QA . -8.47 -27.55 19.11
O1 GOL QA . -7.41 -26.60 19.13
C2 GOL QA . -8.24 -28.52 20.30
O2 GOL QA . -8.63 -27.93 21.54
C3 GOL QA . -9.08 -29.81 19.94
O3 GOL QA . -8.27 -30.94 20.21
C1 NAG RA . -2.88 -24.49 -37.71
C2 NAG RA . -3.83 -24.81 -38.88
C3 NAG RA . -3.42 -25.96 -39.75
C4 NAG RA . -1.93 -26.04 -39.98
C5 NAG RA . -1.23 -26.06 -38.62
C6 NAG RA . 0.25 -26.35 -38.72
C7 NAG RA . -6.24 -24.10 -38.18
C8 NAG RA . -6.05 -22.69 -38.77
N2 NAG RA . -5.17 -25.11 -38.25
O3 NAG RA . -4.10 -25.83 -41.04
O4 NAG RA . -1.63 -27.22 -40.74
O5 NAG RA . -1.43 -24.75 -38.00
O6 NAG RA . 0.86 -26.04 -37.49
O7 NAG RA . -7.27 -24.36 -37.66
CA CA SA . -17.69 -23.23 17.08
C1 GOL TA . -30.13 -8.85 -8.34
O1 GOL TA . -30.47 -9.22 -9.64
C2 GOL TA . -28.62 -8.66 -8.38
O2 GOL TA . -28.24 -8.21 -9.66
C3 GOL TA . -28.04 -10.09 -7.95
O3 GOL TA . -26.62 -10.03 -7.98
C1 GOL UA . -22.43 -11.39 -6.17
O1 GOL UA . -23.19 -10.94 -5.05
C2 GOL UA . -22.43 -10.42 -7.44
O2 GOL UA . -23.54 -10.64 -8.31
C3 GOL UA . -21.04 -10.79 -8.14
O3 GOL UA . -20.87 -10.12 -9.38
C1 GOL VA . 10.04 -20.11 -10.78
O1 GOL VA . 10.14 -18.75 -10.38
C2 GOL VA . 11.35 -20.85 -10.37
O2 GOL VA . 11.13 -22.03 -9.66
C3 GOL VA . 12.12 -21.11 -11.69
O3 GOL VA . 13.02 -22.18 -11.41
C ACT WA . -6.47 -16.08 -17.60
O ACT WA . -5.62 -16.88 -18.11
OXT ACT WA . -7.16 -16.34 -16.52
CH3 ACT WA . -6.66 -14.74 -18.33
C1 GOL XA . 8.30 -15.08 -7.48
O1 GOL XA . 7.28 -14.11 -7.35
C2 GOL XA . 7.67 -16.49 -7.15
O2 GOL XA . 6.88 -16.50 -5.98
C3 GOL XA . 8.88 -17.46 -7.06
O3 GOL XA . 8.31 -18.75 -6.83
C ACT YA . -12.80 -13.71 -39.41
O ACT YA . -12.50 -12.48 -39.52
OXT ACT YA . -13.99 -14.12 -39.36
CH3 ACT YA . -11.69 -14.75 -39.34
C ACT ZA . -9.09 -0.98 -16.32
O ACT ZA . -8.29 -1.97 -16.33
OXT ACT ZA . -9.86 -0.80 -15.33
CH3 ACT ZA . -9.12 -0.03 -17.53
#